data_6MFY
#
_entry.id   6MFY
#
_cell.length_a   89.863
_cell.length_b   141.114
_cell.length_c   171.532
_cell.angle_alpha   90.00
_cell.angle_beta   90.00
_cell.angle_gamma   90.00
#
_symmetry.space_group_name_H-M   'P 21 21 21'
#
loop_
_entity.id
_entity.type
_entity.pdbx_description
1 polymer 'Linear gramicidin synthase subunit A'
2 non-polymer "4'-PHOSPHOPANTETHEINE"
3 non-polymer 'PHOSPHATE ION'
4 water water
#
_entity_poly.entity_id   1
_entity_poly.type   'polypeptide(L)'
_entity_poly.pdbx_seq_one_letter_code
;GAMGRILFLTTFMSKGNKVVRYLESLHHEVVICQEKVHAQSANLQEIDWIVSYAYGYILDKEIVSRFRGRIINLHPSLLP
WNKGRDPVFWSVWDETPKGVTIHLIDEHVDTGDILVQEEIAFADEDTLLDCYNKANQAIEELFIREWENIVHGRIAPYRQ
TAGGTLHFKADRDFYKNLNMTTVRELLALKRLCAEPKRGEKPIDKTFHQLFEQQVEMTPDHVAVVDRGQSLTYKQLNERA
NQLAHHLRGKGVKPDDQVAIMLDKSLDMIVSILAVMKAGGAYVPIDPDYPGERIAYMLADSSAAILLTNALHEEKANGAC
DIIDVHDPDSYSENTNNLPHVNRPDDLVYVMYTSGSTGLAKGVMIEHHNLVNFCEWYRPYFGVTPADKALVYSSFSFDGS
ALDIFTHLLAGAALHIVPSERKYDLDALNDYCNQEGITISYLPTGAAEQFMQMDNQSFRVVITGGDVLKKIERNGTYKLY
NGYGPTECTIMVTMFEVDKPYANIPIGKPIDRTRILILDEALALQPIGVAGELFIVGEGLGRGYLNRPELTAEKFIVHPQ
TGERMYRTGDRARFLPDGNIEFLGRLDNLVKIRGYRIEPGEIEPFLMNHPLIELTTVLAKEQADGRKYLVGYYVAPEEIP
HGELREWLGNDLPDYMIPTYFVHMKAFPLTANGKVDRRALPDVQADAELLGEDYVAPTDELEQQLAQVWSHVLGIPQMGI
DDHFLERGGDSIKVMQLIHQLKNIGLSLRYDQLFTHPTIRQLKRLLTEQKQVSLEPLRELDEQAEYETSAVEKRMYIIQQ
QDVESIAYNVVYTINFPLTVDTEQIRVALEQLVLRHEGLRSTYHMRGDEIVKRIVPRAELSFVRQTGEEESVQSLLAEQI
KPFDLAKAPLLRAGVIETADKKVLWFDSHHILLDGLSKSILARELQALLGQQVLSPVEKTYKSFARWQNEWFASDEYEQQ
IAYWKTLLQGELPAVQLPTKKRPPQLTFDGAIQMYRVNPEITRKLKATAAKHDLTLYMLMLTIVSIWLSKMNSDSNQVIL
GTVTDGRQHPDTRELLGMFVNTLPLLLSIDHEESFLHNLQQVKAKLLPALQNQYVPFDKILEAARVKREGNRHPLFDVMF
MMQGAPETELESNMHHINAGISKFDLTLEVLERENGLNIVFEYNTHLFDEGMILRMVAQFEHLLLQAVHGLDQQVKRFEL
VTEDEKRDLFLRVNDTAKAYPNKLIMSMLEDWAAATPDKTALVFREQRVTYRELNERVNQLAHTLREKGVQPDDLVMLMA
ERSVEMMVAIFAVLKAGGAYLPIDPHSPAERIAYIFADSGAKLVLAQSPFVEKASMAEVVLDLNSASSYAADTSNPPLVN
QPGDLVYVMYTSGSTGKPKGVMIEHGALLNVLHGMQDEYPLLQDDAFLLKTTYIFDISVAEIFGWVPGRGKLVILEPEAE
KNPKAIWQAVVGAGITHINFVPSMLIPFVEYLEGRTEANRLRYILACGEAMPDELVPKVYEVLPEVKLENIYGPTEATIY
ASRYSLAKGSQESPVPIGKPLPNYRMYIINRHGQLQPIGVPGELCIAGASLARGYLNNPALTEEKFTPHPLEKGERIYRT
GDLARYREDGNIEYLGRMDHQVKIRGYRIELDEIRSKLIQEETIQDAVVVARNDQNGQAYLCAYLLSEQEWTVGQLRELL
RRELPEYMIPAHFVLLKQFPLTANGKLDRKALPEPDGSVAAAENLYFQ
;
_entity_poly.pdbx_strand_id   A
#
loop_
_chem_comp.id
_chem_comp.type
_chem_comp.name
_chem_comp.formula
PNS non-polymer 4'-PHOSPHOPANTETHEINE 'C11 H23 N2 O7 P S'
PO4 non-polymer 'PHOSPHATE ION' 'O4 P -3'
#
# COMPACT_ATOMS: atom_id res chain seq x y z
N MET A 3 -47.19 -45.46 -6.29
CA MET A 3 -45.78 -45.02 -6.49
C MET A 3 -45.73 -43.51 -6.72
N GLY A 4 -45.55 -42.76 -5.63
CA GLY A 4 -45.60 -41.31 -5.67
C GLY A 4 -44.24 -40.66 -5.81
N ARG A 5 -44.24 -39.44 -6.33
CA ARG A 5 -43.03 -38.65 -6.43
C ARG A 5 -42.53 -38.24 -5.04
N ILE A 6 -41.25 -38.07 -4.95
CA ILE A 6 -40.62 -37.87 -3.63
C ILE A 6 -39.60 -36.73 -3.75
N LEU A 7 -39.62 -35.76 -2.86
CA LEU A 7 -38.72 -34.60 -2.86
C LEU A 7 -37.62 -34.86 -1.83
N PHE A 8 -36.40 -35.04 -2.32
CA PHE A 8 -35.25 -35.33 -1.47
C PHE A 8 -34.50 -34.03 -1.22
N LEU A 9 -34.59 -33.53 0.02
CA LEU A 9 -33.95 -32.27 0.42
C LEU A 9 -32.73 -32.62 1.26
N THR A 10 -31.54 -32.30 0.75
CA THR A 10 -30.29 -32.67 1.42
C THR A 10 -29.30 -31.53 1.31
N THR A 11 -28.10 -31.76 1.86
CA THR A 11 -27.10 -30.69 1.96
C THR A 11 -26.49 -30.39 0.59
N PHE A 12 -25.93 -31.40 -0.06
CA PHE A 12 -25.43 -31.26 -1.42
C PHE A 12 -25.99 -32.39 -2.28
N MET A 13 -25.71 -32.32 -3.58
CA MET A 13 -26.44 -33.13 -4.54
C MET A 13 -26.15 -34.61 -4.38
N SER A 14 -24.91 -34.98 -4.06
CA SER A 14 -24.53 -36.39 -3.97
C SER A 14 -24.83 -37.00 -2.60
N LYS A 15 -25.30 -36.21 -1.64
CA LYS A 15 -25.55 -36.73 -0.30
C LYS A 15 -26.84 -37.53 -0.28
N GLY A 16 -26.81 -38.66 0.44
CA GLY A 16 -27.97 -39.54 0.48
C GLY A 16 -28.33 -40.12 -0.87
N ASN A 17 -27.36 -40.22 -1.78
CA ASN A 17 -27.66 -40.72 -3.12
C ASN A 17 -28.11 -42.18 -3.10
N LYS A 18 -27.66 -42.97 -2.11
CA LYS A 18 -28.05 -44.41 -1.96
C LYS A 18 -29.58 -44.49 -1.77
N VAL A 19 -30.08 -43.63 -0.89
CA VAL A 19 -31.53 -43.50 -0.54
C VAL A 19 -32.28 -43.12 -1.80
N VAL A 20 -31.73 -42.22 -2.63
CA VAL A 20 -32.41 -41.78 -3.86
C VAL A 20 -32.47 -42.97 -4.80
N ARG A 21 -31.39 -43.66 -4.98
CA ARG A 21 -31.36 -44.78 -5.93
C ARG A 21 -32.31 -45.89 -5.50
N TYR A 22 -32.41 -46.15 -4.20
CA TYR A 22 -33.34 -47.15 -3.71
C TYR A 22 -34.78 -46.78 -4.05
N LEU A 23 -35.19 -45.56 -3.67
CA LEU A 23 -36.53 -45.09 -4.00
C LEU A 23 -36.82 -45.26 -5.48
N GLU A 24 -35.85 -44.91 -6.34
CA GLU A 24 -36.05 -45.05 -7.78
C GLU A 24 -36.22 -46.49 -8.20
N SER A 25 -35.56 -47.42 -7.50
CA SER A 25 -35.73 -48.85 -7.81
C SER A 25 -37.16 -49.30 -7.49
N LEU A 26 -37.79 -48.70 -6.49
CA LEU A 26 -39.20 -48.90 -6.22
C LEU A 26 -40.08 -48.05 -7.12
N HIS A 27 -39.50 -47.46 -8.18
CA HIS A 27 -40.25 -46.68 -9.15
C HIS A 27 -40.80 -45.38 -8.55
N HIS A 28 -40.12 -44.86 -7.53
CA HIS A 28 -40.43 -43.54 -7.00
C HIS A 28 -39.60 -42.50 -7.75
N GLU A 29 -40.27 -41.54 -8.37
CA GLU A 29 -39.57 -40.42 -8.98
C GLU A 29 -39.08 -39.49 -7.88
N VAL A 30 -37.76 -39.31 -7.80
CA VAL A 30 -37.14 -38.56 -6.71
C VAL A 30 -36.56 -37.27 -7.26
N VAL A 31 -36.69 -36.20 -6.48
CA VAL A 31 -36.17 -34.89 -6.84
C VAL A 31 -35.17 -34.47 -5.77
N ILE A 32 -33.90 -34.38 -6.14
CA ILE A 32 -32.84 -33.95 -5.23
C ILE A 32 -32.75 -32.43 -5.28
N CYS A 33 -32.78 -31.80 -4.11
CA CYS A 33 -32.77 -30.34 -4.05
C CYS A 33 -31.97 -29.90 -2.82
N GLN A 34 -30.92 -29.12 -3.04
CA GLN A 34 -30.13 -28.55 -1.95
C GLN A 34 -30.47 -27.09 -1.66
N GLU A 35 -31.01 -26.38 -2.64
CA GLU A 35 -31.33 -24.97 -2.45
C GLU A 35 -32.57 -24.83 -1.56
N LYS A 36 -32.72 -23.63 -1.00
CA LYS A 36 -33.86 -23.36 -0.13
C LYS A 36 -35.16 -23.49 -0.90
N VAL A 37 -36.10 -24.24 -0.34
CA VAL A 37 -37.41 -24.48 -0.95
C VAL A 37 -38.45 -23.65 -0.21
N HIS A 38 -39.35 -23.03 -0.96
CA HIS A 38 -40.42 -22.21 -0.41
C HIS A 38 -41.77 -22.78 -0.81
N ALA A 39 -42.82 -22.26 -0.16
CA ALA A 39 -44.17 -22.77 -0.40
C ALA A 39 -44.53 -22.73 -1.87
N GLN A 40 -44.10 -21.68 -2.59
CA GLN A 40 -44.42 -21.51 -3.99
C GLN A 40 -43.40 -22.18 -4.90
N SER A 41 -42.56 -23.07 -4.38
CA SER A 41 -41.57 -23.74 -5.20
C SER A 41 -42.24 -24.74 -6.14
N ALA A 42 -41.75 -24.81 -7.37
CA ALA A 42 -42.29 -25.74 -8.36
C ALA A 42 -42.02 -27.19 -8.01
N ASN A 43 -41.11 -27.46 -7.07
CA ASN A 43 -40.77 -28.82 -6.68
C ASN A 43 -41.68 -29.37 -5.57
N LEU A 44 -42.89 -28.83 -5.44
CA LEU A 44 -43.80 -29.23 -4.38
C LEU A 44 -45.11 -29.83 -4.85
N GLN A 45 -45.61 -29.43 -6.01
CA GLN A 45 -46.85 -29.99 -6.52
C GLN A 45 -46.59 -31.37 -7.12
N GLU A 46 -47.63 -32.21 -7.09
CA GLU A 46 -47.55 -33.59 -7.52
C GLU A 46 -46.56 -34.40 -6.68
N ILE A 47 -46.16 -33.88 -5.53
CA ILE A 47 -45.27 -34.58 -4.61
C ILE A 47 -46.12 -35.34 -3.60
N ASP A 48 -45.84 -36.63 -3.38
CA ASP A 48 -46.56 -37.44 -2.38
C ASP A 48 -45.73 -37.51 -1.11
N TRP A 49 -44.38 -37.58 -1.18
CA TRP A 49 -43.61 -37.64 0.07
C TRP A 49 -42.47 -36.62 -0.01
N ILE A 50 -42.09 -36.03 1.12
CA ILE A 50 -40.93 -35.16 1.27
C ILE A 50 -40.04 -35.78 2.34
N VAL A 51 -38.83 -36.23 1.93
CA VAL A 51 -37.78 -36.88 2.79
C VAL A 51 -36.58 -35.92 2.87
N SER A 52 -36.36 -35.21 3.99
CA SER A 52 -35.23 -34.31 4.13
C SER A 52 -34.07 -35.03 4.80
N TYR A 53 -32.86 -34.55 4.56
CA TYR A 53 -31.65 -35.24 5.01
C TYR A 53 -30.54 -34.20 5.18
N ALA A 54 -30.40 -33.69 6.40
CA ALA A 54 -29.43 -32.65 6.70
C ALA A 54 -29.63 -31.46 5.77
N TYR A 55 -30.90 -31.16 5.49
CA TYR A 55 -31.24 -30.03 4.64
C TYR A 55 -30.72 -28.73 5.27
N GLY A 56 -30.03 -27.93 4.48
CA GLY A 56 -29.39 -26.73 4.98
C GLY A 56 -30.35 -25.59 5.28
N TYR A 57 -31.65 -25.84 5.23
CA TYR A 57 -32.65 -24.82 5.48
C TYR A 57 -33.84 -25.43 6.19
N ILE A 58 -34.72 -24.57 6.70
CA ILE A 58 -35.95 -24.97 7.36
C ILE A 58 -37.11 -24.74 6.40
N LEU A 59 -38.08 -25.65 6.41
CA LEU A 59 -39.23 -25.55 5.51
C LEU A 59 -40.33 -24.72 6.16
N ASP A 60 -41.00 -23.91 5.35
CA ASP A 60 -42.12 -23.12 5.85
C ASP A 60 -43.16 -24.04 6.48
N LYS A 61 -43.72 -23.59 7.61
CA LYS A 61 -44.74 -24.38 8.29
C LYS A 61 -45.90 -24.73 7.38
N GLU A 62 -46.11 -23.95 6.31
CA GLU A 62 -47.12 -24.31 5.32
C GLU A 62 -46.77 -25.64 4.64
N ILE A 63 -45.52 -25.81 4.26
CA ILE A 63 -45.10 -27.03 3.57
C ILE A 63 -45.22 -28.23 4.51
N VAL A 64 -44.89 -28.04 5.79
CA VAL A 64 -44.91 -29.16 6.73
C VAL A 64 -46.33 -29.63 6.97
N SER A 65 -47.27 -28.69 7.16
CA SER A 65 -48.65 -29.07 7.41
C SER A 65 -49.29 -29.68 6.16
N ARG A 66 -49.00 -29.13 4.99
CA ARG A 66 -49.56 -29.65 3.75
C ARG A 66 -49.25 -31.13 3.59
N PHE A 67 -48.04 -31.55 3.94
CA PHE A 67 -47.60 -32.93 3.80
C PHE A 67 -47.65 -33.70 5.12
N ARG A 68 -48.63 -33.39 5.97
CA ARG A 68 -48.74 -34.07 7.25
C ARG A 68 -48.84 -35.58 7.03
N GLY A 69 -48.03 -36.34 7.78
CA GLY A 69 -48.00 -37.77 7.66
C GLY A 69 -47.19 -38.30 6.50
N ARG A 70 -46.77 -37.38 5.62
CA ARG A 70 -45.98 -37.66 4.40
C ARG A 70 -44.73 -36.78 4.30
N ILE A 71 -44.06 -36.40 5.41
CA ILE A 71 -42.86 -35.55 5.33
C ILE A 71 -41.90 -36.13 6.35
N ILE A 72 -40.88 -36.81 5.93
CA ILE A 72 -39.91 -37.49 6.79
C ILE A 72 -38.60 -36.72 6.77
N ASN A 73 -37.82 -36.76 7.82
CA ASN A 73 -36.48 -36.13 7.89
C ASN A 73 -35.52 -37.21 8.38
N LEU A 74 -34.37 -37.34 7.74
CA LEU A 74 -33.28 -38.22 8.14
C LEU A 74 -32.29 -37.38 8.95
N HIS A 75 -32.51 -37.34 10.26
CA HIS A 75 -31.63 -36.59 11.15
C HIS A 75 -30.61 -37.52 11.77
N PRO A 76 -29.32 -37.34 11.51
CA PRO A 76 -28.31 -38.28 12.05
C PRO A 76 -27.99 -38.02 13.51
N SER A 77 -29.00 -38.13 14.36
CA SER A 77 -28.82 -38.03 15.80
C SER A 77 -29.88 -38.88 16.48
N LEU A 78 -29.57 -39.32 17.70
CA LEU A 78 -30.54 -40.07 18.51
C LEU A 78 -31.47 -39.08 19.17
N LEU A 79 -32.39 -38.54 18.37
CA LEU A 79 -33.34 -37.54 18.82
C LEU A 79 -34.00 -37.98 20.12
N PRO A 80 -34.36 -37.05 21.02
CA PRO A 80 -34.29 -35.59 20.84
C PRO A 80 -32.90 -35.01 21.02
N TRP A 81 -31.89 -35.87 21.15
CA TRP A 81 -30.53 -35.40 21.37
C TRP A 81 -29.95 -34.78 20.10
N ASN A 82 -29.25 -33.67 20.28
CA ASN A 82 -28.53 -33.02 19.18
C ASN A 82 -29.47 -32.68 18.03
N LYS A 83 -30.56 -31.98 18.36
CA LYS A 83 -31.41 -31.43 17.32
C LYS A 83 -30.65 -30.32 16.58
N GLY A 84 -31.07 -30.09 15.34
CA GLY A 84 -30.55 -28.95 14.59
C GLY A 84 -29.21 -29.24 13.96
N ARG A 85 -28.26 -28.33 14.15
CA ARG A 85 -27.04 -28.29 13.37
C ARG A 85 -25.95 -29.13 13.99
N ASP A 86 -25.05 -29.61 13.14
CA ASP A 86 -23.86 -30.37 13.56
C ASP A 86 -24.21 -31.44 14.59
N PRO A 87 -25.24 -32.25 14.33
CA PRO A 87 -25.69 -33.19 15.36
C PRO A 87 -24.64 -34.19 15.79
N VAL A 88 -23.92 -34.78 14.83
CA VAL A 88 -22.92 -35.78 15.17
C VAL A 88 -21.83 -35.16 16.04
N PHE A 89 -21.30 -34.01 15.64
CA PHE A 89 -20.23 -33.38 16.39
C PHE A 89 -20.65 -33.13 17.83
N TRP A 90 -21.81 -32.50 18.03
CA TRP A 90 -22.27 -32.21 19.38
C TRP A 90 -22.56 -33.48 20.16
N SER A 91 -23.05 -34.52 19.49
CA SER A 91 -23.24 -35.80 20.18
C SER A 91 -21.90 -36.33 20.70
N VAL A 92 -20.80 -35.98 20.06
CA VAL A 92 -19.48 -36.38 20.51
C VAL A 92 -18.92 -35.40 21.54
N TRP A 93 -18.99 -34.09 21.25
CA TRP A 93 -18.48 -33.09 22.17
C TRP A 93 -19.27 -33.10 23.47
N ASP A 94 -20.60 -32.96 23.38
CA ASP A 94 -21.45 -33.02 24.56
C ASP A 94 -21.63 -34.45 25.06
N GLU A 95 -21.09 -35.45 24.37
CA GLU A 95 -21.12 -36.84 24.81
C GLU A 95 -22.55 -37.28 25.14
N THR A 96 -23.46 -36.95 24.22
CA THR A 96 -24.90 -37.27 24.34
C THR A 96 -25.17 -38.58 23.60
N PRO A 97 -26.14 -39.43 24.04
CA PRO A 97 -26.51 -40.67 23.33
C PRO A 97 -26.51 -40.56 21.78
N LYS A 98 -25.98 -41.58 21.08
CA LYS A 98 -25.66 -41.52 19.67
C LYS A 98 -26.55 -42.47 18.88
N GLY A 99 -27.06 -41.98 17.75
CA GLY A 99 -27.92 -42.78 16.90
C GLY A 99 -28.38 -41.95 15.72
N VAL A 100 -29.26 -42.56 14.92
CA VAL A 100 -29.84 -41.91 13.76
C VAL A 100 -31.36 -42.09 13.84
N THR A 101 -32.09 -41.07 13.40
CA THR A 101 -33.53 -41.02 13.57
C THR A 101 -34.20 -40.61 12.27
N ILE A 102 -35.12 -41.41 11.75
CA ILE A 102 -36.01 -41.05 10.64
C ILE A 102 -37.29 -40.65 11.35
N HIS A 103 -37.80 -39.43 11.13
CA HIS A 103 -39.02 -38.91 11.84
C HIS A 103 -39.92 -38.03 10.97
N LEU A 104 -41.12 -37.77 11.47
CA LEU A 104 -42.14 -36.92 10.85
C LEU A 104 -41.76 -35.49 11.14
N ILE A 105 -41.42 -34.66 10.21
CA ILE A 105 -41.07 -33.28 10.57
C ILE A 105 -42.32 -32.60 11.09
N ASP A 106 -42.30 -31.92 12.23
CA ASP A 106 -43.51 -31.24 12.74
C ASP A 106 -43.23 -29.74 12.89
N GLU A 107 -43.93 -28.95 13.69
CA GLU A 107 -43.78 -27.50 13.61
C GLU A 107 -42.39 -27.03 13.99
N HIS A 108 -41.72 -27.73 14.91
CA HIS A 108 -40.44 -27.29 15.43
C HIS A 108 -39.30 -28.10 14.81
N VAL A 109 -38.08 -27.77 15.21
CA VAL A 109 -36.88 -28.29 14.57
C VAL A 109 -36.56 -29.65 15.16
N ASP A 110 -36.71 -30.70 14.34
CA ASP A 110 -36.30 -32.05 14.71
C ASP A 110 -36.96 -32.50 16.02
N THR A 111 -38.28 -32.31 16.08
CA THR A 111 -39.06 -32.67 17.26
C THR A 111 -40.24 -33.58 16.96
N GLY A 112 -40.54 -33.99 15.72
CA GLY A 112 -41.78 -34.73 15.45
C GLY A 112 -41.71 -36.20 15.84
N ASP A 113 -42.83 -36.90 15.67
CA ASP A 113 -42.95 -38.32 16.08
C ASP A 113 -41.93 -39.16 15.30
N ILE A 114 -41.16 -40.02 15.93
CA ILE A 114 -40.16 -40.84 15.20
C ILE A 114 -40.87 -41.93 14.39
N LEU A 115 -40.48 -42.22 13.14
CA LEU A 115 -41.06 -43.43 12.52
C LEU A 115 -40.06 -44.55 12.80
N VAL A 116 -38.76 -44.34 12.52
CA VAL A 116 -37.71 -45.41 12.68
C VAL A 116 -36.43 -44.80 13.28
N GLN A 117 -35.96 -45.23 14.47
CA GLN A 117 -34.79 -44.71 15.15
C GLN A 117 -33.84 -45.87 15.43
N GLU A 118 -32.54 -45.59 15.35
CA GLU A 118 -31.53 -46.63 15.46
C GLU A 118 -30.30 -46.06 16.16
N GLU A 119 -29.74 -46.83 17.07
CA GLU A 119 -28.55 -46.41 17.80
C GLU A 119 -27.31 -46.59 16.93
N ILE A 120 -26.29 -45.80 17.22
CA ILE A 120 -25.01 -45.88 16.53
C ILE A 120 -23.89 -45.68 17.55
N ALA A 121 -22.71 -46.17 17.20
CA ALA A 121 -21.54 -46.08 18.07
C ALA A 121 -20.37 -45.53 17.28
N PHE A 122 -19.59 -44.68 17.94
CA PHE A 122 -18.38 -44.09 17.36
C PHE A 122 -17.17 -44.58 18.14
N ALA A 123 -16.13 -45.01 17.42
CA ALA A 123 -14.91 -45.48 18.06
C ALA A 123 -14.05 -44.29 18.46
N ASP A 124 -13.28 -44.48 19.54
CA ASP A 124 -12.39 -43.42 20.01
C ASP A 124 -11.42 -42.98 18.93
N GLU A 125 -10.99 -43.91 18.07
CA GLU A 125 -10.02 -43.58 17.03
C GLU A 125 -10.65 -42.89 15.84
N ASP A 126 -11.97 -42.93 15.71
CA ASP A 126 -12.64 -42.24 14.61
C ASP A 126 -12.47 -40.74 14.74
N THR A 127 -12.25 -40.07 13.62
CA THR A 127 -12.27 -38.62 13.61
C THR A 127 -13.70 -38.12 13.53
N LEU A 128 -13.90 -36.87 13.91
CA LEU A 128 -15.24 -36.29 13.88
C LEU A 128 -15.83 -36.34 12.47
N LEU A 129 -14.97 -36.35 11.44
CA LEU A 129 -15.47 -36.57 10.09
C LEU A 129 -15.93 -38.01 9.91
N ASP A 130 -15.18 -38.98 10.43
CA ASP A 130 -15.58 -40.37 10.34
C ASP A 130 -16.93 -40.60 11.00
N CYS A 131 -17.09 -40.10 12.23
CA CYS A 131 -18.37 -40.20 12.90
C CYS A 131 -19.48 -39.58 12.06
N TYR A 132 -19.26 -38.34 11.60
CA TYR A 132 -20.21 -37.68 10.71
C TYR A 132 -20.58 -38.57 9.54
N ASN A 133 -19.58 -39.24 8.95
CA ASN A 133 -19.82 -40.12 7.81
C ASN A 133 -20.55 -41.38 8.23
N LYS A 134 -20.07 -42.02 9.31
CA LYS A 134 -20.69 -43.27 9.75
C LYS A 134 -22.17 -43.08 10.05
N ALA A 135 -22.53 -41.98 10.72
CA ALA A 135 -23.93 -41.72 11.02
C ALA A 135 -24.73 -41.48 9.75
N ASN A 136 -24.15 -40.74 8.80
CA ASN A 136 -24.84 -40.49 7.54
C ASN A 136 -25.09 -41.79 6.79
N GLN A 137 -24.13 -42.71 6.80
CA GLN A 137 -24.32 -43.98 6.13
C GLN A 137 -25.37 -44.82 6.85
N ALA A 138 -25.38 -44.80 8.18
CA ALA A 138 -26.29 -45.65 8.94
C ALA A 138 -27.74 -45.21 8.77
N ILE A 139 -27.99 -43.90 8.69
CA ILE A 139 -29.36 -43.43 8.56
C ILE A 139 -29.89 -43.69 7.16
N GLU A 140 -29.03 -43.59 6.15
CA GLU A 140 -29.44 -43.87 4.78
C GLU A 140 -29.87 -45.33 4.63
N GLU A 141 -29.08 -46.24 5.17
CA GLU A 141 -29.45 -47.65 5.13
C GLU A 141 -30.71 -47.92 5.94
N LEU A 142 -30.86 -47.23 7.07
CA LEU A 142 -32.07 -47.37 7.86
C LEU A 142 -33.30 -46.98 7.04
N PHE A 143 -33.21 -45.89 6.29
CA PHE A 143 -34.33 -45.49 5.43
C PHE A 143 -34.60 -46.54 4.36
N ILE A 144 -33.55 -47.15 3.83
CA ILE A 144 -33.71 -48.13 2.76
C ILE A 144 -34.43 -49.37 3.26
N ARG A 145 -34.17 -49.76 4.52
CA ARG A 145 -34.81 -50.95 5.06
C ARG A 145 -36.25 -50.68 5.46
N GLU A 146 -36.56 -49.51 5.97
CA GLU A 146 -37.91 -49.38 6.53
C GLU A 146 -38.78 -48.45 5.67
N TRP A 147 -38.36 -48.11 4.45
CA TRP A 147 -39.21 -47.31 3.57
C TRP A 147 -40.56 -48.00 3.36
N GLU A 148 -40.55 -49.26 2.93
CA GLU A 148 -41.79 -49.98 2.67
C GLU A 148 -42.74 -49.90 3.87
N ASN A 149 -42.21 -50.07 5.08
CA ASN A 149 -43.05 -49.99 6.27
C ASN A 149 -43.61 -48.59 6.47
N ILE A 150 -42.88 -47.56 6.02
CA ILE A 150 -43.32 -46.18 6.22
C ILE A 150 -44.42 -45.82 5.23
N VAL A 151 -44.18 -46.36 3.92
CA VAL A 151 -45.12 -45.98 2.81
C VAL A 151 -46.49 -46.53 3.14
N HIS A 152 -46.48 -47.80 3.51
CA HIS A 152 -47.69 -48.56 3.81
C HIS A 152 -48.30 -48.21 5.15
N GLY A 153 -47.70 -47.30 5.91
CA GLY A 153 -48.26 -46.91 7.20
C GLY A 153 -48.29 -48.01 8.22
N ARG A 154 -47.53 -49.09 8.01
CA ARG A 154 -47.51 -50.18 8.98
C ARG A 154 -46.90 -49.74 10.30
N ILE A 155 -46.02 -48.73 10.29
CA ILE A 155 -45.33 -48.31 11.49
C ILE A 155 -46.25 -47.40 12.30
N ALA A 156 -46.12 -47.50 13.63
CA ALA A 156 -46.80 -46.62 14.55
C ALA A 156 -45.86 -45.52 14.99
N PRO A 157 -45.97 -44.30 14.46
CA PRO A 157 -45.08 -43.22 14.92
C PRO A 157 -45.23 -43.00 16.41
N TYR A 158 -44.09 -42.77 17.09
CA TYR A 158 -44.07 -42.56 18.52
C TYR A 158 -43.33 -41.27 18.84
N ARG A 159 -43.90 -40.45 19.75
CA ARG A 159 -43.39 -39.11 20.10
C ARG A 159 -42.00 -39.28 20.73
N GLN A 160 -41.11 -38.32 20.48
CA GLN A 160 -39.75 -38.35 21.00
C GLN A 160 -39.75 -38.31 22.52
N THR A 161 -38.74 -38.97 23.10
CA THR A 161 -38.53 -38.88 24.54
C THR A 161 -38.37 -37.43 24.95
N ALA A 162 -38.63 -37.16 26.23
CA ALA A 162 -38.48 -35.81 26.76
C ALA A 162 -37.00 -35.53 27.02
N GLY A 163 -36.52 -34.40 26.49
CA GLY A 163 -35.15 -34.01 26.69
C GLY A 163 -34.41 -33.70 25.40
N GLY A 164 -33.12 -33.98 25.37
CA GLY A 164 -32.31 -33.73 24.20
C GLY A 164 -31.55 -32.42 24.28
N THR A 165 -30.99 -32.04 23.13
CA THR A 165 -30.24 -30.80 23.02
C THR A 165 -30.58 -30.15 21.68
N LEU A 166 -30.02 -28.96 21.46
CA LEU A 166 -30.22 -28.22 20.23
C LEU A 166 -29.00 -27.35 20.00
N HIS A 167 -28.58 -27.24 18.74
CA HIS A 167 -27.39 -26.48 18.39
C HIS A 167 -27.63 -25.78 17.06
N PHE A 168 -27.03 -24.60 16.93
CA PHE A 168 -27.15 -23.78 15.74
C PHE A 168 -25.79 -23.73 15.02
N LYS A 169 -25.79 -23.08 13.86
CA LYS A 169 -24.59 -23.05 13.03
C LYS A 169 -23.41 -22.46 13.78
N ALA A 170 -23.63 -21.38 14.53
CA ALA A 170 -22.53 -20.64 15.14
C ALA A 170 -21.97 -21.32 16.38
N ASP A 171 -22.74 -22.19 17.03
CA ASP A 171 -22.27 -22.81 18.26
C ASP A 171 -20.95 -23.55 18.09
N ARG A 172 -20.57 -23.87 16.84
CA ARG A 172 -19.37 -24.66 16.58
C ARG A 172 -18.18 -23.83 16.12
N ASP A 173 -18.36 -22.52 15.90
CA ASP A 173 -17.27 -21.69 15.39
C ASP A 173 -16.02 -21.85 16.24
N PHE A 174 -16.17 -21.77 17.57
CA PHE A 174 -15.02 -21.94 18.46
C PHE A 174 -14.34 -23.29 18.26
N TYR A 175 -15.04 -24.28 17.70
CA TYR A 175 -14.53 -25.63 17.54
C TYR A 175 -14.33 -26.01 16.08
N LYS A 176 -14.29 -25.02 15.18
CA LYS A 176 -14.26 -25.31 13.75
C LYS A 176 -13.01 -26.09 13.36
N ASN A 177 -11.89 -25.86 14.03
CA ASN A 177 -10.62 -26.48 13.66
C ASN A 177 -10.44 -27.87 14.24
N LEU A 178 -11.48 -28.46 14.83
CA LEU A 178 -11.33 -29.67 15.61
C LEU A 178 -11.89 -30.92 14.96
N ASN A 179 -12.68 -30.79 13.90
CA ASN A 179 -13.40 -31.95 13.38
C ASN A 179 -12.50 -32.95 12.68
N MET A 180 -11.20 -32.68 12.53
CA MET A 180 -10.25 -33.65 12.02
C MET A 180 -9.41 -34.27 13.12
N THR A 181 -9.76 -34.00 14.38
CA THR A 181 -9.13 -34.66 15.52
C THR A 181 -9.93 -35.92 15.85
N THR A 182 -9.23 -36.96 16.28
CA THR A 182 -9.90 -38.17 16.73
C THR A 182 -10.86 -37.83 17.86
N VAL A 183 -11.90 -38.64 18.01
CA VAL A 183 -12.83 -38.47 19.13
C VAL A 183 -12.05 -38.40 20.43
N ARG A 184 -11.05 -39.25 20.60
CA ARG A 184 -10.19 -39.19 21.77
C ARG A 184 -9.49 -37.84 21.86
N GLU A 185 -8.86 -37.40 20.78
CA GLU A 185 -8.17 -36.11 20.77
C GLU A 185 -9.14 -34.97 21.07
N LEU A 186 -10.32 -34.99 20.45
CA LEU A 186 -11.30 -33.94 20.69
C LEU A 186 -11.64 -33.82 22.18
N LEU A 187 -12.13 -34.92 22.76
CA LEU A 187 -12.47 -34.90 24.18
C LEU A 187 -11.25 -34.59 25.04
N ALA A 188 -10.05 -34.90 24.55
CA ALA A 188 -8.84 -34.51 25.26
C ALA A 188 -8.71 -33.00 25.31
N LEU A 189 -8.95 -32.31 24.18
CA LEU A 189 -8.96 -30.86 24.18
C LEU A 189 -10.08 -30.32 25.05
N LYS A 190 -11.25 -30.99 25.03
CA LYS A 190 -12.34 -30.58 25.89
C LYS A 190 -11.92 -30.56 27.35
N ARG A 191 -11.21 -31.59 27.79
CA ARG A 191 -10.70 -31.62 29.16
C ARG A 191 -9.69 -30.51 29.38
N LEU A 192 -8.80 -30.28 28.41
CA LEU A 192 -7.75 -29.29 28.56
C LEU A 192 -8.28 -27.88 28.68
N CYS A 193 -9.54 -27.65 28.31
CA CYS A 193 -10.13 -26.31 28.33
C CYS A 193 -11.33 -26.24 29.27
N ALA A 194 -11.29 -27.01 30.35
CA ALA A 194 -12.38 -27.02 31.33
C ALA A 194 -11.95 -26.28 32.59
N LYS A 201 -11.49 -20.85 42.66
CA LYS A 201 -11.50 -20.06 43.89
C LYS A 201 -11.17 -18.59 43.61
N PRO A 202 -11.79 -17.68 44.34
CA PRO A 202 -11.46 -16.26 44.17
C PRO A 202 -10.33 -15.81 45.08
N ILE A 203 -9.76 -14.65 44.75
CA ILE A 203 -8.69 -14.03 45.52
C ILE A 203 -9.30 -12.93 46.39
N ASP A 204 -8.97 -12.94 47.68
CA ASP A 204 -9.57 -12.03 48.64
C ASP A 204 -8.61 -10.99 49.20
N LYS A 205 -7.33 -11.31 49.29
CA LYS A 205 -6.37 -10.47 49.98
C LYS A 205 -5.55 -9.64 48.99
N THR A 206 -5.18 -8.44 49.43
CA THR A 206 -4.15 -7.67 48.75
C THR A 206 -2.78 -8.15 49.23
N PHE A 207 -1.74 -7.76 48.50
CA PHE A 207 -0.40 -8.25 48.84
C PHE A 207 0.00 -7.83 50.24
N HIS A 208 -0.06 -6.52 50.52
CA HIS A 208 0.36 -6.05 51.84
C HIS A 208 -0.52 -6.63 52.94
N GLN A 209 -1.77 -6.98 52.61
CA GLN A 209 -2.58 -7.75 53.54
C GLN A 209 -1.91 -9.08 53.85
N LEU A 210 -1.43 -9.76 52.84
CA LEU A 210 -0.76 -11.04 53.01
C LEU A 210 0.60 -10.78 53.63
N PHE A 211 1.31 -9.76 53.23
CA PHE A 211 2.61 -9.46 53.83
C PHE A 211 2.46 -9.14 55.31
N GLU A 212 1.60 -8.19 55.64
CA GLU A 212 1.28 -7.92 57.04
C GLU A 212 0.89 -9.21 57.75
N GLN A 213 0.06 -10.03 57.09
CA GLN A 213 -0.28 -11.34 57.64
C GLN A 213 0.98 -12.17 57.87
N GLN A 214 1.95 -12.07 56.96
CA GLN A 214 3.20 -12.81 57.11
C GLN A 214 4.12 -12.18 58.14
N VAL A 215 4.00 -10.89 58.38
CA VAL A 215 4.88 -10.20 59.34
C VAL A 215 4.48 -10.68 60.71
N GLU A 216 3.22 -10.84 60.93
CA GLU A 216 2.76 -11.36 62.21
C GLU A 216 3.05 -12.84 62.39
N MET A 217 3.44 -13.54 61.32
CA MET A 217 3.83 -14.94 61.43
C MET A 217 5.31 -15.12 61.68
N THR A 218 6.14 -14.24 61.12
CA THR A 218 7.60 -14.31 61.29
C THR A 218 8.15 -12.90 61.41
N PRO A 219 7.83 -12.20 62.50
CA PRO A 219 8.25 -10.79 62.60
C PRO A 219 9.75 -10.62 62.70
N ASP A 220 10.43 -11.49 63.44
CA ASP A 220 11.85 -11.34 63.69
C ASP A 220 12.71 -12.11 62.70
N HIS A 221 12.11 -12.64 61.64
CA HIS A 221 12.89 -13.30 60.59
C HIS A 221 13.49 -12.25 59.66
N VAL A 222 14.69 -12.54 59.17
CA VAL A 222 15.37 -11.59 58.29
C VAL A 222 14.54 -11.42 57.02
N ALA A 223 14.16 -10.17 56.73
CA ALA A 223 13.37 -9.86 55.55
C ALA A 223 14.21 -9.33 54.40
N VAL A 224 15.14 -8.42 54.67
CA VAL A 224 15.94 -7.76 53.65
C VAL A 224 17.35 -7.61 54.15
N VAL A 225 18.33 -7.85 53.27
CA VAL A 225 19.75 -7.74 53.60
C VAL A 225 20.42 -6.91 52.51
N ASP A 226 21.19 -5.91 52.92
CA ASP A 226 21.87 -5.01 51.99
C ASP A 226 23.26 -4.75 52.54
N ARG A 227 24.24 -5.52 52.04
CA ARG A 227 25.64 -5.42 52.49
C ARG A 227 25.65 -5.74 53.98
N GLY A 228 26.10 -4.84 54.86
CA GLY A 228 26.12 -5.13 56.28
C GLY A 228 24.78 -4.92 56.96
N GLN A 229 23.99 -3.96 56.49
CA GLN A 229 22.71 -3.66 57.11
C GLN A 229 21.66 -4.71 56.73
N SER A 230 20.61 -4.78 57.54
CA SER A 230 19.52 -5.69 57.28
C SER A 230 18.31 -5.27 58.11
N LEU A 231 17.12 -5.57 57.59
CA LEU A 231 15.87 -5.32 58.28
C LEU A 231 15.10 -6.62 58.40
N THR A 232 14.39 -6.78 59.52
CA THR A 232 13.52 -7.91 59.73
C THR A 232 12.12 -7.60 59.18
N TYR A 233 11.28 -8.62 59.14
CA TYR A 233 9.89 -8.42 58.72
C TYR A 233 9.21 -7.37 59.60
N LYS A 234 9.41 -7.47 60.92
CA LYS A 234 8.88 -6.46 61.82
C LYS A 234 9.47 -5.10 61.51
N GLN A 235 10.80 -5.00 61.47
CA GLN A 235 11.45 -3.72 61.20
C GLN A 235 11.06 -3.19 59.83
N LEU A 236 11.15 -4.03 58.79
CA LEU A 236 10.71 -3.62 57.47
C LEU A 236 9.26 -3.15 57.49
N ASN A 237 8.38 -3.97 58.06
CA ASN A 237 6.96 -3.61 58.11
C ASN A 237 6.76 -2.30 58.86
N GLU A 238 7.49 -2.10 59.97
CA GLU A 238 7.33 -0.88 60.75
C GLU A 238 7.88 0.33 60.00
N ARG A 239 9.12 0.24 59.51
CA ARG A 239 9.70 1.36 58.78
C ARG A 239 8.85 1.71 57.57
N ALA A 240 8.39 0.69 56.83
CA ALA A 240 7.51 0.93 55.70
C ALA A 240 6.20 1.56 56.16
N ASN A 241 5.66 1.09 57.28
CA ASN A 241 4.45 1.71 57.83
C ASN A 241 4.68 3.18 58.16
N GLN A 242 5.84 3.50 58.71
CA GLN A 242 6.16 4.90 59.00
C GLN A 242 6.13 5.74 57.74
N LEU A 243 6.90 5.33 56.72
CA LEU A 243 6.85 6.01 55.44
C LEU A 243 5.45 5.94 54.84
N ALA A 244 4.73 4.83 55.07
CA ALA A 244 3.38 4.70 54.53
C ALA A 244 2.43 5.72 55.14
N HIS A 245 2.47 5.86 56.47
CA HIS A 245 1.66 6.89 57.12
C HIS A 245 1.99 8.27 56.55
N HIS A 246 3.28 8.59 56.45
CA HIS A 246 3.68 9.83 55.80
C HIS A 246 3.17 9.88 54.37
N LEU A 247 3.22 8.83 53.61
CA LEU A 247 2.77 8.82 52.21
C LEU A 247 1.27 8.93 52.14
N ARG A 248 0.58 8.25 53.00
CA ARG A 248 -0.88 8.24 53.05
C ARG A 248 -1.25 9.59 53.56
N GLY A 249 -0.54 10.20 54.56
CA GLY A 249 -0.76 11.56 54.99
C GLY A 249 -0.50 12.59 53.92
N LYS A 250 0.28 12.24 52.90
CA LYS A 250 0.54 13.11 51.77
C LYS A 250 -0.50 12.96 50.66
N GLY A 251 -1.52 12.13 50.87
CA GLY A 251 -2.62 12.02 49.92
C GLY A 251 -2.65 10.75 49.09
N VAL A 252 -1.79 9.79 49.36
CA VAL A 252 -1.72 8.54 48.57
C VAL A 252 -3.05 7.80 48.78
N LYS A 253 -3.80 7.46 47.75
CA LYS A 253 -5.06 6.74 47.80
C LYS A 253 -4.96 5.47 46.95
N PRO A 254 -5.90 4.55 47.04
CA PRO A 254 -5.84 3.35 46.20
C PRO A 254 -5.74 3.73 44.72
N ASP A 255 -4.89 2.98 44.00
CA ASP A 255 -4.57 3.18 42.60
C ASP A 255 -3.71 4.41 42.35
N ASP A 256 -3.38 5.20 43.37
CA ASP A 256 -2.41 6.27 43.17
C ASP A 256 -1.02 5.70 42.95
N GLN A 257 -0.24 6.38 42.13
CA GLN A 257 1.11 5.95 41.80
C GLN A 257 2.12 6.79 42.58
N VAL A 258 3.07 6.12 43.20
CA VAL A 258 4.17 6.76 43.91
C VAL A 258 5.46 6.29 43.24
N ALA A 259 6.17 7.21 42.61
CA ALA A 259 7.44 6.87 41.99
C ALA A 259 8.48 6.60 43.06
N ILE A 260 9.37 5.63 42.78
CA ILE A 260 10.47 5.30 43.66
C ILE A 260 11.74 5.29 42.82
N MET A 261 12.71 6.20 43.05
CA MET A 261 13.97 6.24 42.25
C MET A 261 15.19 6.15 43.19
N LEU A 262 15.56 4.93 43.55
CA LEU A 262 16.67 4.52 44.43
C LEU A 262 17.43 3.31 43.90
N ASP A 263 18.61 3.06 44.39
CA ASP A 263 19.38 1.86 44.09
C ASP A 263 18.79 0.72 44.93
N LYS A 264 19.02 -0.50 44.49
CA LYS A 264 18.55 -1.70 45.19
C LYS A 264 19.18 -1.49 46.56
N SER A 265 18.42 -1.47 47.63
CA SER A 265 18.86 -1.13 49.01
C SER A 265 17.74 -1.44 49.98
N LEU A 266 17.94 -1.21 51.28
CA LEU A 266 16.87 -1.35 52.25
C LEU A 266 15.78 -0.31 52.01
N ASP A 267 16.18 0.94 51.74
CA ASP A 267 15.22 2.00 51.49
C ASP A 267 14.28 1.63 50.35
N MET A 268 14.79 0.85 49.39
CA MET A 268 14.04 0.39 48.20
C MET A 268 12.84 -0.45 48.66
N ILE A 269 13.08 -1.52 49.42
CA ILE A 269 12.04 -2.43 49.90
C ILE A 269 11.11 -1.70 50.85
N VAL A 270 11.66 -0.81 51.68
CA VAL A 270 10.84 -0.01 52.58
C VAL A 270 9.90 0.89 51.77
N SER A 271 10.44 1.55 50.75
CA SER A 271 9.63 2.43 49.93
C SER A 271 8.56 1.65 49.17
N ILE A 272 8.93 0.52 48.58
CA ILE A 272 7.97 -0.30 47.84
C ILE A 272 6.80 -0.66 48.72
N LEU A 273 7.06 -1.29 49.86
CA LEU A 273 5.99 -1.70 50.75
C LEU A 273 5.27 -0.49 51.33
N ALA A 274 5.98 0.62 51.56
CA ALA A 274 5.33 1.80 52.10
C ALA A 274 4.27 2.34 51.16
N VAL A 275 4.51 2.26 49.85
CA VAL A 275 3.53 2.72 48.87
C VAL A 275 2.28 1.85 48.91
N MET A 276 2.48 0.53 48.92
CA MET A 276 1.33 -0.38 48.99
C MET A 276 0.50 -0.11 50.24
N LYS A 277 1.13 -0.18 51.41
CA LYS A 277 0.42 0.02 52.67
C LYS A 277 -0.29 1.36 52.67
N ALA A 278 0.36 2.40 52.15
CA ALA A 278 -0.32 3.68 51.99
C ALA A 278 -1.59 3.53 51.17
N GLY A 279 -1.59 2.60 50.21
CA GLY A 279 -2.78 2.29 49.44
C GLY A 279 -2.53 2.26 47.96
N GLY A 280 -1.49 2.94 47.50
CA GLY A 280 -1.23 3.11 46.08
C GLY A 280 -0.32 2.04 45.51
N ALA A 281 0.10 2.28 44.28
CA ALA A 281 1.01 1.40 43.55
C ALA A 281 2.32 2.12 43.32
N TYR A 282 3.42 1.39 43.44
CA TYR A 282 4.75 1.99 43.30
C TYR A 282 5.22 1.89 41.86
N VAL A 283 5.66 3.03 41.27
CA VAL A 283 6.22 3.08 39.89
C VAL A 283 7.71 2.95 40.06
N PRO A 284 8.31 1.81 39.73
CA PRO A 284 9.71 1.73 39.97
C PRO A 284 10.66 2.37 38.96
N ILE A 285 11.66 3.17 39.37
CA ILE A 285 12.48 3.85 38.37
C ILE A 285 13.93 3.58 38.72
N ASP A 286 14.55 2.63 38.02
CA ASP A 286 15.96 2.34 38.23
C ASP A 286 16.78 3.60 37.98
N PRO A 287 17.49 4.13 38.97
CA PRO A 287 18.23 5.38 38.76
C PRO A 287 19.38 5.24 37.77
N ASP A 288 19.80 4.02 37.43
CA ASP A 288 20.83 3.84 36.42
C ASP A 288 20.30 4.05 35.00
N TYR A 289 18.98 4.05 34.83
CA TYR A 289 18.42 4.40 33.54
C TYR A 289 18.92 5.78 33.11
N PRO A 290 18.97 6.05 31.81
CA PRO A 290 19.31 7.41 31.36
C PRO A 290 18.16 8.37 31.66
N GLY A 291 18.51 9.66 31.72
CA GLY A 291 17.52 10.68 32.02
C GLY A 291 16.31 10.63 31.10
N GLU A 292 16.53 10.23 29.84
CA GLU A 292 15.40 10.09 28.91
C GLU A 292 14.35 9.14 29.47
N ARG A 293 14.77 7.96 29.91
CA ARG A 293 13.83 6.99 30.47
C ARG A 293 13.29 7.47 31.80
N ILE A 294 14.14 8.11 32.59
CA ILE A 294 13.84 8.56 33.97
C ILE A 294 12.80 9.70 33.96
N ALA A 295 12.91 10.68 33.03
CA ALA A 295 11.92 11.75 32.88
C ALA A 295 10.63 11.21 32.31
N TYR A 296 10.71 10.23 31.40
CA TYR A 296 9.50 9.67 30.81
C TYR A 296 8.63 8.99 31.85
N MET A 297 9.23 8.10 32.65
CA MET A 297 8.46 7.36 33.64
C MET A 297 7.83 8.30 34.68
N LEU A 298 8.53 9.37 35.04
CA LEU A 298 7.99 10.32 36.00
C LEU A 298 6.80 11.08 35.41
N ALA A 299 6.88 11.42 34.12
CA ALA A 299 5.80 12.15 33.48
C ALA A 299 4.61 11.23 33.17
N ASP A 300 4.87 10.10 32.51
CA ASP A 300 3.79 9.20 32.13
C ASP A 300 3.04 8.69 33.34
N SER A 301 3.77 8.36 34.41
CA SER A 301 3.12 7.90 35.63
C SER A 301 2.46 9.07 36.34
N SER A 302 1.23 8.86 36.81
CA SER A 302 0.50 9.89 37.53
C SER A 302 0.98 9.97 38.97
N ALA A 303 2.30 10.05 39.16
CA ALA A 303 2.91 10.05 40.48
C ALA A 303 3.38 11.45 40.82
N ALA A 304 2.78 12.02 41.86
CA ALA A 304 3.24 13.30 42.39
C ALA A 304 4.37 13.14 43.40
N ILE A 305 4.39 12.02 44.12
CA ILE A 305 5.40 11.76 45.14
C ILE A 305 6.52 10.95 44.51
N LEU A 306 7.76 11.36 44.81
CA LEU A 306 8.96 10.63 44.36
C LEU A 306 9.80 10.32 45.58
N LEU A 307 9.86 9.05 45.98
CA LEU A 307 10.72 8.56 47.04
C LEU A 307 12.08 8.42 46.41
N THR A 308 13.09 9.18 46.83
CA THR A 308 14.42 9.14 46.24
C THR A 308 15.46 9.59 47.25
N ASN A 309 16.72 9.63 46.81
CA ASN A 309 17.85 10.06 47.61
C ASN A 309 18.26 11.48 47.22
N ALA A 310 19.26 12.01 47.93
CA ALA A 310 19.97 13.19 47.43
C ALA A 310 20.96 12.83 46.34
N LEU A 311 21.44 11.58 46.36
CA LEU A 311 22.32 11.10 45.29
C LEU A 311 21.61 11.12 43.94
N HIS A 312 20.32 10.82 43.93
CA HIS A 312 19.54 10.76 42.69
C HIS A 312 18.44 11.82 42.63
N GLU A 313 18.40 12.73 43.60
CA GLU A 313 17.38 13.77 43.60
C GLU A 313 17.41 14.58 42.31
N GLU A 314 18.61 15.03 41.91
CA GLU A 314 18.72 15.88 40.74
C GLU A 314 18.29 15.16 39.47
N LYS A 315 18.37 13.83 39.46
CA LYS A 315 17.98 13.07 38.27
C LYS A 315 16.51 13.23 37.93
N ALA A 316 15.69 13.76 38.85
CA ALA A 316 14.30 14.04 38.57
C ALA A 316 14.05 15.47 38.12
N ASN A 317 15.07 16.33 38.17
CA ASN A 317 14.96 17.72 37.75
C ASN A 317 13.71 18.39 38.34
N GLY A 318 13.53 18.21 39.64
CA GLY A 318 12.42 18.81 40.35
C GLY A 318 11.08 18.55 39.71
N ALA A 319 10.97 17.44 38.99
CA ALA A 319 9.72 17.09 38.32
C ALA A 319 8.67 16.58 39.30
N CYS A 320 9.10 16.00 40.41
CA CYS A 320 8.19 15.38 41.38
C CYS A 320 8.41 15.97 42.76
N ASP A 321 7.32 16.01 43.53
CA ASP A 321 7.40 16.36 44.95
C ASP A 321 8.24 15.31 45.67
N ILE A 322 9.52 15.60 45.88
CA ILE A 322 10.44 14.60 46.39
C ILE A 322 10.18 14.37 47.87
N ILE A 323 10.21 13.14 48.34
CA ILE A 323 10.21 12.82 49.77
C ILE A 323 11.51 12.04 49.96
N ASP A 324 12.59 12.68 50.38
CA ASP A 324 13.90 12.07 50.60
C ASP A 324 13.77 10.95 51.62
N VAL A 325 14.14 9.72 51.21
CA VAL A 325 14.09 8.58 52.11
C VAL A 325 15.12 8.69 53.22
N HIS A 326 16.02 9.67 53.16
CA HIS A 326 16.98 9.92 54.24
C HIS A 326 16.60 11.12 55.09
N ASP A 327 15.68 11.95 54.64
CA ASP A 327 15.15 13.01 55.48
C ASP A 327 14.36 12.37 56.61
N PRO A 328 14.79 12.48 57.87
CA PRO A 328 14.08 11.78 58.95
C PRO A 328 12.61 12.15 59.04
N ASP A 329 12.22 13.34 58.59
CA ASP A 329 10.82 13.75 58.66
C ASP A 329 9.96 13.07 57.60
N SER A 330 10.56 12.30 56.69
CA SER A 330 9.78 11.52 55.74
C SER A 330 9.14 10.29 56.36
N TYR A 331 9.51 9.95 57.59
CA TYR A 331 8.99 8.78 58.28
C TYR A 331 8.19 9.24 59.50
N SER A 332 6.97 8.74 59.62
CA SER A 332 6.14 9.06 60.78
C SER A 332 6.60 8.27 61.99
N GLU A 333 6.10 8.68 63.16
CA GLU A 333 6.32 7.88 64.36
C GLU A 333 5.50 6.59 64.33
N ASN A 334 4.35 6.62 63.68
CA ASN A 334 3.43 5.49 63.67
C ASN A 334 4.04 4.33 62.90
N THR A 335 4.18 3.18 63.57
CA THR A 335 4.75 1.99 62.96
C THR A 335 3.72 0.89 62.72
N ASN A 336 2.46 1.12 63.05
CA ASN A 336 1.44 0.09 62.93
C ASN A 336 1.02 -0.09 61.48
N ASN A 337 0.42 -1.24 61.19
CA ASN A 337 -0.21 -1.45 59.90
C ASN A 337 -1.33 -0.45 59.72
N LEU A 338 -1.39 0.16 58.49
CA LEU A 338 -2.42 1.15 58.28
C LEU A 338 -3.76 0.46 58.07
N PRO A 339 -4.88 1.17 58.31
CA PRO A 339 -6.18 0.60 57.97
C PRO A 339 -6.24 0.19 56.51
N HIS A 340 -6.67 -1.05 56.27
CA HIS A 340 -6.72 -1.57 54.91
C HIS A 340 -7.78 -0.82 54.11
N VAL A 341 -7.35 -0.22 53.00
CA VAL A 341 -8.23 0.52 52.11
C VAL A 341 -8.21 -0.04 50.69
N ASN A 342 -7.55 -1.18 50.48
CA ASN A 342 -7.32 -1.73 49.16
C ASN A 342 -8.17 -2.98 48.94
N ARG A 343 -8.68 -3.11 47.73
CA ARG A 343 -9.32 -4.33 47.25
C ARG A 343 -8.36 -5.10 46.36
N PRO A 344 -8.56 -6.41 46.21
CA PRO A 344 -7.65 -7.18 45.34
C PRO A 344 -7.59 -6.68 43.90
N ASP A 345 -8.53 -5.84 43.48
CA ASP A 345 -8.52 -5.28 42.13
C ASP A 345 -7.87 -3.90 42.06
N ASP A 346 -7.21 -3.47 43.12
CA ASP A 346 -6.50 -2.19 43.11
C ASP A 346 -5.07 -2.39 42.62
N LEU A 347 -4.53 -1.35 42.01
CA LEU A 347 -3.16 -1.41 41.49
C LEU A 347 -2.18 -1.68 42.62
N VAL A 348 -1.17 -2.51 42.34
CA VAL A 348 -0.09 -2.74 43.27
C VAL A 348 1.23 -2.16 42.77
N TYR A 349 1.47 -2.18 41.46
CA TYR A 349 2.66 -1.55 40.90
C TYR A 349 2.41 -1.25 39.43
N VAL A 350 3.29 -0.43 38.87
CA VAL A 350 3.24 -0.06 37.46
C VAL A 350 4.64 -0.29 36.89
N MET A 351 4.81 -1.38 36.15
CA MET A 351 6.07 -1.67 35.48
C MET A 351 5.99 -1.20 34.04
N TYR A 352 7.15 -0.84 33.49
CA TYR A 352 7.24 -0.33 32.13
C TYR A 352 7.87 -1.38 31.24
N THR A 353 7.17 -1.72 30.15
CA THR A 353 7.66 -2.71 29.19
C THR A 353 8.97 -2.25 28.56
N SER A 354 9.54 -3.09 27.71
CA SER A 354 10.79 -2.74 27.05
C SER A 354 10.59 -1.53 26.13
N GLY A 355 11.71 -0.93 25.74
CA GLY A 355 11.69 0.19 24.83
C GLY A 355 11.97 -0.23 23.39
N SER A 356 11.49 -1.41 23.02
CA SER A 356 11.73 -1.93 21.67
C SER A 356 10.82 -1.26 20.65
N THR A 357 9.50 -1.39 20.84
CA THR A 357 8.53 -0.81 19.93
C THR A 357 8.36 0.71 20.12
N GLY A 358 9.32 1.37 20.76
CA GLY A 358 9.24 2.79 21.05
C GLY A 358 9.38 3.06 22.53
N LEU A 359 8.58 4.00 23.02
CA LEU A 359 8.60 4.33 24.44
C LEU A 359 7.86 3.28 25.24
N ALA A 360 8.35 3.02 26.46
CA ALA A 360 7.79 1.97 27.29
C ALA A 360 6.34 2.30 27.65
N LYS A 361 5.60 1.25 28.01
CA LYS A 361 4.20 1.37 28.40
C LYS A 361 4.06 0.96 29.86
N GLY A 362 3.39 1.78 30.65
CA GLY A 362 3.13 1.44 32.04
C GLY A 362 2.15 0.31 32.17
N VAL A 363 2.63 -0.87 32.56
CA VAL A 363 1.76 -2.02 32.78
C VAL A 363 1.15 -1.91 34.17
N MET A 364 -0.17 -1.81 34.24
CA MET A 364 -0.88 -1.71 35.51
C MET A 364 -1.21 -3.12 35.99
N ILE A 365 -0.61 -3.51 37.12
CA ILE A 365 -0.84 -4.81 37.72
C ILE A 365 -1.60 -4.60 39.02
N GLU A 366 -2.66 -5.38 39.20
CA GLU A 366 -3.50 -5.28 40.39
C GLU A 366 -3.02 -6.26 41.46
N HIS A 367 -3.50 -6.06 42.67
CA HIS A 367 -3.08 -6.91 43.79
C HIS A 367 -3.42 -8.37 43.53
N HIS A 368 -4.66 -8.65 43.11
CA HIS A 368 -5.06 -10.03 42.89
C HIS A 368 -4.20 -10.69 41.82
N ASN A 369 -3.62 -9.88 40.95
CA ASN A 369 -2.74 -10.39 39.88
C ASN A 369 -1.50 -10.91 40.60
N LEU A 370 -0.89 -10.09 41.47
CA LEU A 370 0.33 -10.46 42.18
C LEU A 370 0.04 -11.54 43.22
N VAL A 371 -1.07 -11.41 43.95
CA VAL A 371 -1.40 -12.39 44.97
C VAL A 371 -1.59 -13.77 44.35
N ASN A 372 -2.29 -13.84 43.22
CA ASN A 372 -2.44 -15.12 42.53
C ASN A 372 -1.09 -15.72 42.19
N PHE A 373 -0.14 -14.89 41.76
CA PHE A 373 1.18 -15.41 41.41
C PHE A 373 1.93 -15.85 42.66
N CYS A 374 1.94 -15.01 43.69
CA CYS A 374 2.62 -15.38 44.93
C CYS A 374 1.95 -16.56 45.60
N GLU A 375 0.61 -16.61 45.57
CA GLU A 375 -0.11 -17.73 46.17
C GLU A 375 0.12 -19.02 45.40
N TRP A 376 0.42 -18.93 44.10
CA TRP A 376 0.85 -20.09 43.34
C TRP A 376 2.34 -20.34 43.47
N TYR A 377 3.14 -19.27 43.49
CA TYR A 377 4.59 -19.40 43.53
C TYR A 377 5.04 -20.19 44.76
N ARG A 378 4.57 -19.79 45.94
CA ARG A 378 5.00 -20.39 47.24
C ARG A 378 4.85 -21.92 47.19
N PRO A 379 3.65 -22.53 47.10
CA PRO A 379 3.52 -23.98 47.02
C PRO A 379 4.18 -24.61 45.79
N TYR A 380 4.11 -24.00 44.59
CA TYR A 380 4.74 -24.64 43.44
C TYR A 380 6.23 -24.86 43.68
N PHE A 381 6.93 -23.83 44.16
CA PHE A 381 8.35 -23.93 44.43
C PHE A 381 8.66 -24.30 45.87
N GLY A 382 7.65 -24.57 46.68
CA GLY A 382 7.86 -24.95 48.06
C GLY A 382 8.73 -23.95 48.81
N VAL A 383 8.40 -22.66 48.68
CA VAL A 383 9.18 -21.62 49.32
C VAL A 383 8.85 -21.58 50.80
N THR A 384 9.88 -21.44 51.62
CA THR A 384 9.74 -21.42 53.08
C THR A 384 10.61 -20.30 53.62
N PRO A 385 10.39 -19.90 54.87
CA PRO A 385 11.29 -18.88 55.48
C PRO A 385 12.75 -19.27 55.41
N ALA A 386 13.07 -20.55 55.38
CA ALA A 386 14.46 -20.98 55.27
C ALA A 386 15.09 -20.44 53.99
N ASP A 387 14.29 -20.18 52.97
CA ASP A 387 14.82 -19.71 51.69
C ASP A 387 15.35 -18.29 51.82
N LYS A 388 16.42 -18.02 51.08
CA LYS A 388 17.00 -16.69 50.98
C LYS A 388 17.02 -16.31 49.51
N ALA A 389 16.29 -15.26 49.15
CA ALA A 389 16.09 -14.88 47.77
C ALA A 389 16.99 -13.72 47.38
N LEU A 390 17.43 -13.71 46.15
CA LEU A 390 18.30 -12.66 45.65
C LEU A 390 17.44 -11.58 45.03
N VAL A 391 17.58 -10.36 45.44
CA VAL A 391 16.92 -9.19 44.82
C VAL A 391 17.87 -8.72 43.73
N TYR A 392 17.92 -9.51 42.66
CA TYR A 392 18.88 -9.38 41.52
C TYR A 392 18.39 -8.45 40.40
N SER A 393 17.13 -8.52 40.00
CA SER A 393 16.63 -7.77 38.85
C SER A 393 16.49 -6.29 39.19
N SER A 394 16.74 -5.45 38.19
CA SER A 394 16.40 -4.04 38.29
C SER A 394 14.97 -3.90 38.76
N PHE A 395 14.67 -3.21 39.74
CA PHE A 395 13.38 -2.91 40.42
C PHE A 395 12.36 -2.49 39.35
N SER A 396 12.78 -1.95 38.22
CA SER A 396 11.84 -1.53 37.14
C SER A 396 11.23 -2.74 36.42
N PHE A 397 11.88 -3.91 36.47
CA PHE A 397 11.39 -5.10 35.78
C PHE A 397 10.56 -5.93 36.75
N ASP A 398 9.47 -6.53 36.25
CA ASP A 398 8.59 -7.29 37.13
C ASP A 398 9.28 -8.54 37.68
N GLY A 399 10.37 -8.92 37.01
CA GLY A 399 11.31 -9.95 37.45
C GLY A 399 11.77 -9.64 38.86
N SER A 400 11.72 -8.37 39.30
CA SER A 400 12.01 -7.94 40.70
C SER A 400 10.78 -8.06 41.63
N ALA A 401 9.53 -7.90 41.11
CA ALA A 401 8.33 -8.25 41.85
C ALA A 401 8.35 -9.72 42.25
N LEU A 402 8.93 -10.53 41.39
CA LEU A 402 9.11 -11.94 41.68
C LEU A 402 10.10 -11.96 42.83
N ASP A 403 11.32 -11.49 42.62
CA ASP A 403 12.35 -11.44 43.66
C ASP A 403 11.83 -11.02 45.03
N ILE A 404 11.00 -9.98 45.07
CA ILE A 404 10.63 -9.34 46.33
C ILE A 404 9.36 -9.92 46.91
N PHE A 405 8.30 -10.01 46.11
CA PHE A 405 6.96 -10.22 46.64
C PHE A 405 6.63 -11.69 46.88
N THR A 406 7.04 -12.59 45.98
CA THR A 406 6.75 -14.00 46.18
C THR A 406 7.50 -14.53 47.39
N HIS A 407 8.70 -14.01 47.65
CA HIS A 407 9.51 -14.52 48.75
C HIS A 407 9.14 -13.89 50.08
N LEU A 408 8.62 -12.66 50.07
CA LEU A 408 8.20 -12.04 51.32
C LEU A 408 6.96 -12.71 51.89
N LEU A 409 6.02 -13.12 51.04
CA LEU A 409 4.84 -13.82 51.52
C LEU A 409 5.16 -15.23 52.00
N ALA A 410 6.27 -15.80 51.56
CA ALA A 410 6.73 -17.09 52.05
C ALA A 410 7.64 -16.98 53.27
N GLY A 411 7.88 -15.76 53.76
CA GLY A 411 8.74 -15.55 54.90
C GLY A 411 10.22 -15.62 54.61
N ALA A 412 10.61 -15.79 53.34
CA ALA A 412 12.02 -15.89 52.99
C ALA A 412 12.71 -14.55 53.21
N ALA A 413 14.03 -14.56 53.04
CA ALA A 413 14.88 -13.39 53.27
C ALA A 413 15.35 -12.83 51.94
N LEU A 414 15.18 -11.52 51.76
CA LEU A 414 15.64 -10.84 50.56
C LEU A 414 17.08 -10.38 50.74
N HIS A 415 17.88 -10.55 49.68
CA HIS A 415 19.29 -10.19 49.70
C HIS A 415 19.57 -9.28 48.51
N ILE A 416 19.66 -7.97 48.78
CA ILE A 416 19.99 -7.02 47.73
C ILE A 416 21.33 -7.41 47.11
N VAL A 417 21.35 -7.50 45.79
CA VAL A 417 22.59 -7.87 45.10
C VAL A 417 23.55 -6.69 45.16
N PRO A 418 24.78 -6.87 45.63
CA PRO A 418 25.75 -5.77 45.60
C PRO A 418 25.96 -5.27 44.18
N SER A 419 25.91 -3.94 44.02
CA SER A 419 26.06 -3.34 42.70
C SER A 419 27.31 -3.87 41.99
N GLU A 420 28.39 -4.09 42.74
CA GLU A 420 29.62 -4.59 42.14
C GLU A 420 29.48 -6.04 41.69
N ARG A 421 28.74 -6.84 42.44
CA ARG A 421 28.63 -8.28 42.16
C ARG A 421 27.52 -8.61 41.17
N LYS A 422 26.70 -7.64 40.76
CA LYS A 422 25.55 -7.96 39.94
C LYS A 422 25.97 -8.60 38.62
N TYR A 423 26.93 -7.98 37.92
CA TYR A 423 27.33 -8.44 36.60
C TYR A 423 28.65 -9.20 36.60
N ASP A 424 29.41 -9.17 37.69
CA ASP A 424 30.55 -10.06 37.87
C ASP A 424 30.04 -11.32 38.54
N LEU A 425 29.56 -12.26 37.73
CA LEU A 425 28.90 -13.45 38.26
C LEU A 425 29.84 -14.29 39.11
N ASP A 426 31.16 -14.16 38.94
CA ASP A 426 32.09 -14.81 39.85
C ASP A 426 31.83 -14.37 41.29
N ALA A 427 31.82 -13.05 41.52
CA ALA A 427 31.54 -12.55 42.85
C ALA A 427 30.10 -12.81 43.26
N LEU A 428 29.17 -12.82 42.30
CA LEU A 428 27.76 -13.12 42.60
C LEU A 428 27.68 -14.52 43.13
N ASN A 429 28.18 -15.51 42.42
CA ASN A 429 28.16 -16.88 42.91
C ASN A 429 28.85 -16.98 44.27
N ASP A 430 29.96 -16.27 44.45
CA ASP A 430 30.61 -16.24 45.76
C ASP A 430 29.63 -15.74 46.82
N TYR A 431 28.99 -14.59 46.56
CA TYR A 431 28.02 -14.06 47.51
C TYR A 431 26.88 -15.05 47.74
N CYS A 432 26.41 -15.69 46.67
CA CYS A 432 25.31 -16.65 46.81
C CYS A 432 25.73 -17.85 47.65
N ASN A 433 26.99 -18.28 47.50
CA ASN A 433 27.49 -19.37 48.34
C ASN A 433 27.76 -18.90 49.76
N GLN A 434 28.14 -17.63 49.93
CA GLN A 434 28.41 -17.11 51.26
C GLN A 434 27.13 -16.95 52.07
N GLU A 435 26.17 -16.18 51.54
CA GLU A 435 24.93 -15.92 52.26
C GLU A 435 23.96 -17.09 52.23
N GLY A 436 24.12 -18.02 51.29
CA GLY A 436 23.24 -19.16 51.20
C GLY A 436 21.95 -18.84 50.47
N ILE A 437 22.07 -18.27 49.27
CA ILE A 437 20.90 -17.91 48.48
C ILE A 437 20.35 -19.19 47.86
N THR A 438 19.14 -19.58 48.28
CA THR A 438 18.56 -20.86 47.88
C THR A 438 17.71 -20.75 46.62
N ILE A 439 16.87 -19.73 46.53
CA ILE A 439 15.97 -19.56 45.40
C ILE A 439 16.16 -18.15 44.84
N SER A 440 16.03 -18.03 43.52
CA SER A 440 16.17 -16.73 42.89
C SER A 440 15.68 -16.82 41.45
N TYR A 441 15.28 -15.70 40.90
CA TYR A 441 14.89 -15.57 39.51
C TYR A 441 16.04 -14.84 38.85
N LEU A 442 16.63 -15.38 37.82
CA LEU A 442 17.66 -14.74 37.04
C LEU A 442 17.22 -14.70 35.59
N PRO A 443 17.35 -13.57 34.89
CA PRO A 443 16.99 -13.56 33.46
C PRO A 443 17.78 -14.60 32.71
N THR A 444 17.16 -15.15 31.66
CA THR A 444 17.77 -16.24 30.90
C THR A 444 19.23 -15.94 30.58
N GLY A 445 19.53 -14.72 30.15
CA GLY A 445 20.91 -14.37 29.86
C GLY A 445 21.83 -14.60 31.04
N ALA A 446 21.47 -14.02 32.20
CA ALA A 446 22.30 -14.18 33.39
C ALA A 446 22.22 -15.60 33.94
N ALA A 447 21.08 -16.27 33.78
CA ALA A 447 20.93 -17.62 34.29
C ALA A 447 21.91 -18.58 33.61
N GLU A 448 21.84 -18.66 32.28
CA GLU A 448 22.75 -19.53 31.55
C GLU A 448 24.20 -19.22 31.90
N GLN A 449 24.55 -17.94 32.00
CA GLN A 449 25.92 -17.57 32.37
C GLN A 449 26.24 -17.96 33.80
N PHE A 450 25.24 -17.95 34.69
CA PHE A 450 25.47 -18.35 36.07
C PHE A 450 25.56 -19.87 36.21
N MET A 451 24.94 -20.62 35.30
CA MET A 451 25.05 -22.08 35.35
C MET A 451 26.51 -22.52 35.30
N GLN A 452 27.34 -21.79 34.54
CA GLN A 452 28.76 -22.14 34.46
C GLN A 452 29.44 -22.03 35.81
N MET A 453 28.95 -21.16 36.69
CA MET A 453 29.57 -20.97 37.99
C MET A 453 29.41 -22.20 38.86
N ASP A 454 30.34 -22.37 39.80
CA ASP A 454 30.33 -23.51 40.71
C ASP A 454 29.46 -23.19 41.92
N ASN A 455 28.17 -23.05 41.65
CA ASN A 455 27.21 -22.73 42.70
C ASN A 455 26.84 -23.97 43.49
N GLN A 456 26.64 -23.79 44.79
CA GLN A 456 26.22 -24.87 45.68
C GLN A 456 25.12 -24.46 46.63
N SER A 457 24.63 -23.22 46.56
CA SER A 457 23.64 -22.71 47.50
C SER A 457 22.22 -22.87 46.98
N PHE A 458 22.01 -22.63 45.69
CA PHE A 458 20.66 -22.63 45.15
C PHE A 458 20.04 -24.01 45.18
N ARG A 459 18.73 -24.05 45.43
CA ARG A 459 17.93 -25.25 45.24
C ARG A 459 16.97 -25.12 44.06
N VAL A 460 16.55 -23.90 43.75
CA VAL A 460 15.60 -23.63 42.67
C VAL A 460 16.03 -22.33 42.00
N VAL A 461 16.55 -22.42 40.78
CA VAL A 461 16.86 -21.25 39.97
C VAL A 461 15.79 -21.15 38.90
N ILE A 462 14.94 -20.14 39.01
CA ILE A 462 13.90 -19.89 38.03
C ILE A 462 14.46 -18.92 36.99
N THR A 463 14.13 -19.15 35.74
CA THR A 463 14.58 -18.28 34.65
C THR A 463 13.40 -18.01 33.72
N GLY A 464 13.62 -17.17 32.74
CA GLY A 464 12.58 -16.79 31.81
C GLY A 464 12.84 -15.40 31.26
N GLY A 465 11.85 -14.90 30.52
CA GLY A 465 11.96 -13.63 29.85
C GLY A 465 12.61 -13.72 28.48
N ASP A 466 13.55 -14.64 28.31
CA ASP A 466 14.16 -14.91 27.01
C ASP A 466 14.22 -16.42 26.82
N VAL A 467 14.37 -16.83 25.56
CA VAL A 467 14.35 -18.24 25.22
C VAL A 467 15.47 -18.97 25.93
N LEU A 468 15.12 -19.79 26.91
CA LEU A 468 16.11 -20.62 27.60
C LEU A 468 16.52 -21.78 26.69
N LYS A 469 17.83 -21.97 26.55
CA LYS A 469 18.35 -23.01 25.66
C LYS A 469 19.31 -23.95 26.38
N LYS A 470 20.04 -23.46 27.37
CA LYS A 470 21.04 -24.25 28.07
C LYS A 470 20.44 -24.87 29.32
N ILE A 471 20.66 -26.17 29.51
CA ILE A 471 20.18 -26.89 30.68
C ILE A 471 21.33 -27.32 31.58
N GLU A 472 22.46 -27.69 30.99
CA GLU A 472 23.60 -28.13 31.78
C GLU A 472 24.06 -27.02 32.73
N ARG A 473 24.36 -27.40 33.97
CA ARG A 473 24.69 -26.42 34.99
C ARG A 473 25.47 -27.13 36.10
N ASN A 474 26.38 -26.37 36.72
CA ASN A 474 27.21 -26.90 37.80
C ASN A 474 26.55 -26.62 39.16
N GLY A 475 25.35 -27.15 39.31
CA GLY A 475 24.59 -26.96 40.53
C GLY A 475 23.51 -28.00 40.68
N THR A 476 23.13 -28.26 41.93
CA THR A 476 22.10 -29.23 42.25
C THR A 476 20.71 -28.61 42.35
N TYR A 477 20.50 -27.45 41.75
CA TYR A 477 19.24 -26.74 41.85
C TYR A 477 18.34 -27.07 40.66
N LYS A 478 17.05 -27.25 40.95
CA LYS A 478 16.06 -27.49 39.90
C LYS A 478 15.94 -26.24 39.03
N LEU A 479 16.34 -26.36 37.77
CA LEU A 479 16.17 -25.27 36.82
C LEU A 479 14.71 -25.22 36.38
N TYR A 480 14.07 -24.08 36.56
CA TYR A 480 12.68 -23.87 36.18
C TYR A 480 12.63 -22.80 35.09
N ASN A 481 11.98 -23.13 33.98
CA ASN A 481 11.80 -22.19 32.88
C ASN A 481 10.38 -21.63 32.96
N GLY A 482 10.29 -20.33 33.21
CA GLY A 482 9.00 -19.67 33.29
C GLY A 482 8.74 -18.74 32.13
N TYR A 483 7.48 -18.50 31.82
CA TYR A 483 7.10 -17.59 30.75
C TYR A 483 5.94 -16.73 31.21
N GLY A 484 5.94 -15.45 30.84
CA GLY A 484 4.72 -14.65 30.85
C GLY A 484 5.16 -13.24 30.80
N PRO A 485 4.57 -12.40 29.93
CA PRO A 485 4.99 -11.03 29.90
C PRO A 485 4.49 -10.29 31.15
N THR A 486 4.83 -9.01 31.16
CA THR A 486 4.57 -8.08 32.25
C THR A 486 3.07 -7.85 32.42
N GLU A 487 2.32 -7.94 31.33
CA GLU A 487 0.88 -7.65 31.33
C GLU A 487 0.14 -8.67 32.18
N CYS A 488 0.67 -9.88 32.27
CA CYS A 488 0.01 -10.96 33.01
C CYS A 488 0.78 -11.33 34.27
N THR A 489 1.52 -10.37 34.88
CA THR A 489 2.27 -10.47 36.18
C THR A 489 3.39 -11.53 36.27
N ILE A 490 4.63 -11.11 36.00
CA ILE A 490 5.85 -11.97 36.09
C ILE A 490 5.76 -13.19 35.17
N MET A 491 5.03 -14.24 35.56
CA MET A 491 4.98 -15.48 34.74
C MET A 491 3.58 -16.11 34.78
N VAL A 492 3.05 -16.60 33.64
CA VAL A 492 1.73 -17.30 33.60
C VAL A 492 1.91 -18.80 33.49
N THR A 493 3.08 -19.32 33.16
CA THR A 493 3.39 -20.76 33.05
C THR A 493 4.71 -21.05 33.70
N MET A 494 4.95 -22.29 34.06
CA MET A 494 6.19 -22.71 34.69
C MET A 494 6.49 -24.13 34.28
N PHE A 495 7.73 -24.37 33.84
CA PHE A 495 8.19 -25.70 33.48
C PHE A 495 9.38 -26.08 34.34
N GLU A 496 9.35 -27.31 34.84
CA GLU A 496 10.51 -27.88 35.54
C GLU A 496 11.40 -28.54 34.49
N VAL A 497 12.52 -27.89 34.18
CA VAL A 497 13.42 -28.38 33.16
C VAL A 497 13.94 -29.67 33.79
N ASP A 498 13.38 -30.81 33.36
CA ASP A 498 13.76 -32.10 33.92
C ASP A 498 14.83 -32.70 33.03
N LYS A 499 14.91 -32.28 31.78
CA LYS A 499 15.86 -32.85 30.83
C LYS A 499 16.10 -31.83 29.72
N PRO A 500 17.11 -32.05 28.89
CA PRO A 500 17.31 -31.15 27.74
C PRO A 500 16.22 -31.30 26.70
N TYR A 501 15.86 -30.18 26.08
CA TYR A 501 14.93 -30.17 24.96
C TYR A 501 15.49 -29.28 23.86
N ALA A 502 15.21 -29.65 22.60
CA ALA A 502 15.48 -28.73 21.51
C ALA A 502 14.70 -27.43 21.68
N ASN A 503 13.55 -27.51 22.35
CA ASN A 503 12.76 -26.33 22.72
C ASN A 503 12.29 -26.59 24.16
N ILE A 504 13.05 -26.07 25.11
CA ILE A 504 12.70 -26.21 26.52
C ILE A 504 11.32 -25.62 26.71
N PRO A 505 10.28 -26.42 26.94
CA PRO A 505 8.93 -25.86 27.02
C PRO A 505 8.80 -24.91 28.19
N ILE A 506 7.80 -24.01 28.08
CA ILE A 506 7.55 -23.04 29.14
C ILE A 506 6.60 -23.56 30.20
N GLY A 507 6.01 -24.74 29.99
CA GLY A 507 5.29 -25.41 31.05
C GLY A 507 3.78 -25.35 30.94
N LYS A 508 3.09 -25.70 32.03
CA LYS A 508 1.62 -25.76 32.09
C LYS A 508 1.12 -24.44 32.70
N PRO A 509 -0.17 -24.06 32.59
CA PRO A 509 -0.60 -22.83 33.22
C PRO A 509 -0.49 -22.90 34.74
N ILE A 510 -0.35 -21.74 35.39
CA ILE A 510 -0.23 -21.58 36.87
C ILE A 510 -1.66 -21.49 37.46
N ASP A 511 -1.85 -21.13 38.73
CA ASP A 511 -3.17 -21.15 39.36
C ASP A 511 -4.13 -20.22 38.64
N ARG A 512 -5.41 -20.59 38.66
CA ARG A 512 -6.49 -19.79 38.09
C ARG A 512 -6.11 -19.24 36.72
N THR A 513 -5.31 -19.97 35.97
CA THR A 513 -4.83 -19.53 34.66
C THR A 513 -5.15 -20.61 33.64
N ARG A 514 -5.94 -20.25 32.64
CA ARG A 514 -6.12 -21.07 31.45
C ARG A 514 -5.35 -20.44 30.30
N ILE A 515 -4.75 -21.28 29.46
CA ILE A 515 -3.99 -20.82 28.31
C ILE A 515 -4.56 -21.48 27.08
N LEU A 516 -5.04 -20.66 26.15
CA LEU A 516 -5.63 -21.14 24.91
C LEU A 516 -4.65 -20.91 23.77
N ILE A 517 -4.47 -21.93 22.94
CA ILE A 517 -3.74 -21.80 21.69
C ILE A 517 -4.79 -21.56 20.61
N LEU A 518 -4.86 -20.33 20.11
CA LEU A 518 -5.91 -19.92 19.19
C LEU A 518 -5.28 -19.48 17.87
N ASP A 519 -6.00 -19.71 16.78
CA ASP A 519 -5.59 -19.23 15.47
C ASP A 519 -6.00 -17.76 15.33
N GLU A 520 -5.77 -17.21 14.13
CA GLU A 520 -6.10 -15.82 13.88
C GLU A 520 -7.56 -15.51 14.21
N ALA A 521 -8.44 -16.50 14.06
CA ALA A 521 -9.86 -16.32 14.28
C ALA A 521 -10.27 -16.55 15.73
N LEU A 522 -9.31 -16.72 16.63
CA LEU A 522 -9.56 -16.98 18.05
C LEU A 522 -10.24 -18.33 18.29
N ALA A 523 -10.30 -19.19 17.29
CA ALA A 523 -10.88 -20.51 17.47
C ALA A 523 -9.84 -21.47 18.03
N LEU A 524 -10.31 -22.47 18.76
CA LEU A 524 -9.42 -23.41 19.42
C LEU A 524 -8.58 -24.16 18.41
N GLN A 525 -7.29 -24.29 18.70
CA GLN A 525 -6.38 -25.10 17.91
C GLN A 525 -6.30 -26.51 18.50
N PRO A 526 -6.31 -27.56 17.67
CA PRO A 526 -6.13 -28.90 18.20
C PRO A 526 -4.82 -29.01 18.98
N ILE A 527 -4.82 -29.89 19.97
CA ILE A 527 -3.61 -30.11 20.76
C ILE A 527 -2.47 -30.46 19.81
N GLY A 528 -1.31 -29.84 20.02
CA GLY A 528 -0.17 -30.03 19.16
C GLY A 528 -0.08 -29.06 18.00
N VAL A 529 -1.12 -28.28 17.75
CA VAL A 529 -1.14 -27.32 16.65
C VAL A 529 -0.70 -25.96 17.18
N ALA A 530 0.29 -25.37 16.55
CA ALA A 530 0.81 -24.09 16.99
C ALA A 530 -0.23 -22.99 16.79
N GLY A 531 -0.11 -21.94 17.59
CA GLY A 531 -1.03 -20.82 17.52
C GLY A 531 -0.60 -19.75 18.49
N GLU A 532 -1.39 -18.68 18.55
CA GLU A 532 -1.09 -17.58 19.44
C GLU A 532 -1.44 -17.96 20.87
N LEU A 533 -0.48 -17.78 21.77
CA LEU A 533 -0.69 -18.07 23.18
C LEU A 533 -1.58 -17.00 23.78
N PHE A 534 -2.81 -17.38 24.13
CA PHE A 534 -3.75 -16.48 24.79
C PHE A 534 -3.81 -16.85 26.26
N ILE A 535 -3.69 -15.86 27.14
CA ILE A 535 -3.67 -16.09 28.58
C ILE A 535 -5.02 -15.69 29.13
N VAL A 536 -5.64 -16.55 29.89
CA VAL A 536 -6.89 -16.28 30.58
C VAL A 536 -6.68 -16.59 32.05
N GLY A 537 -7.34 -15.83 32.91
CA GLY A 537 -7.34 -16.15 34.31
C GLY A 537 -6.93 -14.96 35.17
N GLU A 538 -6.47 -15.28 36.38
CA GLU A 538 -6.25 -14.29 37.42
C GLU A 538 -4.99 -13.46 37.21
N GLY A 539 -4.10 -13.87 36.31
CA GLY A 539 -2.86 -13.13 36.10
C GLY A 539 -3.01 -11.89 35.24
N LEU A 540 -4.10 -11.78 34.49
CA LEU A 540 -4.27 -10.67 33.57
C LEU A 540 -4.30 -9.35 34.33
N GLY A 541 -3.37 -8.46 34.00
CA GLY A 541 -3.32 -7.16 34.61
C GLY A 541 -4.54 -6.32 34.25
N ARG A 542 -4.56 -5.11 34.79
CA ARG A 542 -5.65 -4.18 34.49
C ARG A 542 -5.54 -3.64 33.08
N GLY A 543 -4.32 -3.39 32.61
CA GLY A 543 -4.10 -2.85 31.29
C GLY A 543 -2.88 -1.96 31.30
N TYR A 544 -2.75 -1.17 30.23
CA TYR A 544 -1.64 -0.24 30.09
C TYR A 544 -2.04 1.14 30.60
N LEU A 545 -1.08 1.82 31.22
CA LEU A 545 -1.33 3.12 31.82
C LEU A 545 -1.42 4.19 30.74
N ASN A 546 -2.53 4.93 30.72
CA ASN A 546 -2.75 5.99 29.75
C ASN A 546 -2.82 5.46 28.31
N ARG A 547 -3.10 4.17 28.15
CA ARG A 547 -3.16 3.54 26.84
C ARG A 547 -4.37 2.61 26.80
N PRO A 548 -5.58 3.16 26.94
CA PRO A 548 -6.78 2.31 26.91
C PRO A 548 -6.97 1.62 25.57
N GLU A 549 -6.56 2.25 24.47
CA GLU A 549 -6.65 1.60 23.17
C GLU A 549 -5.79 0.35 23.13
N LEU A 550 -4.59 0.41 23.73
CA LEU A 550 -3.72 -0.75 23.73
C LEU A 550 -4.21 -1.83 24.68
N THR A 551 -4.90 -1.44 25.76
CA THR A 551 -5.51 -2.41 26.66
C THR A 551 -6.62 -3.16 25.96
N ALA A 552 -7.48 -2.44 25.23
CA ALA A 552 -8.57 -3.10 24.50
C ALA A 552 -8.03 -4.02 23.41
N GLU A 553 -6.89 -3.66 22.80
CA GLU A 553 -6.33 -4.47 21.73
C GLU A 553 -5.68 -5.74 22.28
N LYS A 554 -5.01 -5.65 23.42
CA LYS A 554 -4.28 -6.78 23.97
C LYS A 554 -5.10 -7.59 24.96
N PHE A 555 -6.04 -6.95 25.66
CA PHE A 555 -6.91 -7.61 26.63
C PHE A 555 -8.30 -7.70 26.01
N ILE A 556 -8.56 -8.79 25.30
CA ILE A 556 -9.77 -8.94 24.53
C ILE A 556 -10.74 -9.83 25.26
N VAL A 557 -12.03 -9.68 24.95
CA VAL A 557 -13.08 -10.57 25.43
C VAL A 557 -13.41 -11.51 24.28
N HIS A 558 -13.17 -12.79 24.48
CA HIS A 558 -13.33 -13.76 23.39
C HIS A 558 -14.76 -13.72 22.87
N PRO A 559 -14.97 -13.70 21.55
CA PRO A 559 -16.36 -13.57 21.05
C PRO A 559 -17.24 -14.76 21.36
N GLN A 560 -16.73 -15.99 21.19
CA GLN A 560 -17.54 -17.17 21.46
C GLN A 560 -17.58 -17.49 22.94
N THR A 561 -16.41 -17.50 23.59
CA THR A 561 -16.32 -17.93 24.98
C THR A 561 -16.77 -16.85 25.95
N GLY A 562 -16.60 -15.58 25.61
CA GLY A 562 -16.92 -14.49 26.51
C GLY A 562 -15.86 -14.19 27.56
N GLU A 563 -14.79 -14.98 27.62
CA GLU A 563 -13.76 -14.78 28.62
C GLU A 563 -12.80 -13.66 28.20
N ARG A 564 -12.30 -12.93 29.20
CA ARG A 564 -11.28 -11.92 28.96
C ARG A 564 -9.93 -12.62 28.85
N MET A 565 -9.25 -12.41 27.73
CA MET A 565 -7.96 -13.03 27.49
C MET A 565 -6.95 -11.96 27.10
N TYR A 566 -5.61 -12.34 27.33
CA TYR A 566 -4.58 -11.41 26.90
C TYR A 566 -3.90 -11.95 25.65
N ARG A 567 -3.76 -11.10 24.64
CA ARG A 567 -3.09 -11.45 23.40
C ARG A 567 -1.60 -11.19 23.57
N THR A 568 -0.81 -12.27 23.68
CA THR A 568 0.61 -12.14 23.97
C THR A 568 1.44 -11.77 22.74
N GLY A 569 0.96 -12.11 21.55
CA GLY A 569 1.79 -12.00 20.37
C GLY A 569 2.83 -13.07 20.25
N ASP A 570 2.81 -14.07 21.13
CA ASP A 570 3.76 -15.18 21.11
C ASP A 570 3.11 -16.41 20.49
N ARG A 571 3.93 -17.20 19.80
CA ARG A 571 3.48 -18.43 19.17
C ARG A 571 3.83 -19.61 20.08
N ALA A 572 2.87 -20.51 20.28
CA ALA A 572 3.09 -21.65 21.16
C ALA A 572 2.13 -22.77 20.77
N ARG A 573 2.41 -23.96 21.29
CA ARG A 573 1.57 -25.12 21.06
C ARG A 573 1.46 -25.91 22.35
N PHE A 574 0.36 -26.62 22.52
CA PHE A 574 0.21 -27.59 23.59
C PHE A 574 0.82 -28.91 23.16
N LEU A 575 1.73 -29.44 23.95
CA LEU A 575 2.26 -30.76 23.72
C LEU A 575 1.27 -31.81 24.25
N PRO A 576 1.38 -33.06 23.80
CA PRO A 576 0.41 -34.07 24.24
C PRO A 576 0.29 -34.19 25.75
N ASP A 577 1.37 -33.97 26.48
CA ASP A 577 1.37 -34.14 27.94
C ASP A 577 0.78 -32.94 28.67
N GLY A 578 0.41 -31.87 27.97
CA GLY A 578 -0.19 -30.69 28.57
C GLY A 578 0.73 -29.49 28.63
N ASN A 579 2.04 -29.72 28.68
CA ASN A 579 2.99 -28.60 28.72
C ASN A 579 2.93 -27.81 27.43
N ILE A 580 3.26 -26.52 27.52
CA ILE A 580 3.20 -25.60 26.40
C ILE A 580 4.61 -25.36 25.88
N GLU A 581 4.74 -25.35 24.56
CA GLU A 581 6.01 -25.08 23.90
C GLU A 581 5.99 -23.65 23.37
N PHE A 582 7.01 -22.87 23.73
CA PHE A 582 7.14 -21.51 23.22
C PHE A 582 7.87 -21.53 21.89
N LEU A 583 7.24 -20.97 20.86
CA LEU A 583 7.76 -21.02 19.49
C LEU A 583 8.10 -19.63 18.97
N GLY A 584 8.55 -18.74 19.85
CA GLY A 584 8.93 -17.41 19.44
C GLY A 584 7.73 -16.52 19.18
N ARG A 585 8.01 -15.40 18.50
CA ARG A 585 6.97 -14.45 18.17
C ARG A 585 6.20 -14.89 16.94
N LEU A 586 4.92 -14.51 16.88
CA LEU A 586 4.14 -14.72 15.66
C LEU A 586 4.70 -13.92 14.51
N ASP A 587 4.91 -12.62 14.73
CA ASP A 587 5.29 -11.71 13.66
C ASP A 587 6.66 -12.10 13.09
N ASN A 588 6.71 -12.27 11.77
CA ASN A 588 7.99 -12.44 11.10
C ASN A 588 8.88 -11.22 11.25
N LEU A 589 8.30 -10.06 11.51
CA LEU A 589 9.03 -8.79 11.53
C LEU A 589 9.51 -8.45 12.90
N VAL A 590 10.51 -7.60 12.99
CA VAL A 590 11.11 -7.20 14.25
C VAL A 590 11.52 -5.73 14.14
N LYS A 591 11.34 -5.00 15.22
CA LYS A 591 11.64 -3.57 15.25
C LYS A 591 13.05 -3.37 15.76
N ILE A 592 13.95 -2.94 14.88
CA ILE A 592 15.37 -2.77 15.19
C ILE A 592 15.68 -1.28 15.14
N ARG A 593 16.03 -0.72 16.29
CA ARG A 593 16.46 0.67 16.38
C ARG A 593 15.46 1.62 15.72
N GLY A 594 14.18 1.26 15.77
CA GLY A 594 13.12 2.13 15.29
C GLY A 594 12.52 1.76 13.96
N TYR A 595 12.84 0.59 13.40
CA TYR A 595 12.34 0.19 12.09
C TYR A 595 11.89 -1.27 12.13
N ARG A 596 10.67 -1.52 11.68
CA ARG A 596 10.19 -2.89 11.52
C ARG A 596 10.78 -3.48 10.26
N ILE A 597 11.70 -4.43 10.37
CA ILE A 597 12.34 -5.01 9.15
C ILE A 597 12.30 -6.54 9.27
N GLU A 598 12.42 -7.22 8.20
CA GLU A 598 12.49 -8.65 7.99
C GLU A 598 13.97 -9.03 8.00
N PRO A 599 14.51 -9.55 9.11
CA PRO A 599 15.95 -9.82 9.17
C PRO A 599 16.47 -10.64 8.00
N GLY A 600 15.65 -11.52 7.44
CA GLY A 600 16.08 -12.30 6.29
C GLY A 600 16.38 -11.47 5.06
N GLU A 601 15.92 -10.22 5.03
CA GLU A 601 16.20 -9.32 3.91
C GLU A 601 17.58 -8.71 3.97
N ILE A 602 18.27 -8.79 5.01
CA ILE A 602 19.67 -8.39 5.15
C ILE A 602 20.53 -9.53 4.60
N GLU A 603 20.05 -10.76 4.56
CA GLU A 603 20.89 -11.89 4.14
C GLU A 603 21.50 -11.70 2.76
N PRO A 604 20.75 -11.31 1.72
CA PRO A 604 21.37 -11.17 0.41
C PRO A 604 22.57 -10.23 0.40
N PHE A 605 22.50 -9.11 1.13
CA PHE A 605 23.60 -8.16 1.14
C PHE A 605 24.85 -8.76 1.78
N LEU A 606 24.69 -9.53 2.84
CA LEU A 606 25.84 -10.24 3.42
C LEU A 606 26.35 -11.31 2.48
N MET A 607 25.46 -12.21 2.03
CA MET A 607 25.88 -13.28 1.13
C MET A 607 26.54 -12.72 -0.13
N ASN A 608 26.17 -11.50 -0.52
CA ASN A 608 26.81 -10.87 -1.67
C ASN A 608 28.29 -10.59 -1.42
N HIS A 609 28.72 -10.65 -0.16
CA HIS A 609 30.14 -10.47 0.13
C HIS A 609 30.94 -11.59 -0.54
N PRO A 610 32.12 -11.28 -1.09
CA PRO A 610 32.89 -12.35 -1.77
C PRO A 610 33.23 -13.52 -0.87
N LEU A 611 33.62 -13.26 0.38
CA LEU A 611 34.06 -14.30 1.29
C LEU A 611 32.90 -15.07 1.93
N ILE A 612 31.66 -14.62 1.76
CA ILE A 612 30.52 -15.20 2.45
C ILE A 612 29.79 -16.15 1.51
N GLU A 613 29.58 -17.40 1.97
CA GLU A 613 28.89 -18.42 1.20
C GLU A 613 27.41 -18.47 1.57
N LEU A 614 27.11 -18.77 2.83
CA LEU A 614 25.76 -18.74 3.36
C LEU A 614 25.67 -17.68 4.45
N THR A 615 24.43 -17.27 4.72
CA THR A 615 24.11 -16.33 5.80
C THR A 615 22.65 -16.53 6.27
N THR A 616 22.38 -16.36 7.57
CA THR A 616 21.05 -16.51 8.23
C THR A 616 21.04 -15.54 9.43
N VAL A 617 20.69 -14.27 9.21
CA VAL A 617 20.78 -13.13 10.18
C VAL A 617 19.58 -13.11 11.13
N LEU A 618 19.65 -13.42 12.45
CA LEU A 618 18.36 -13.45 13.18
C LEU A 618 18.28 -12.20 14.06
N ALA A 619 17.14 -12.05 14.72
CA ALA A 619 16.83 -10.97 15.63
C ALA A 619 16.91 -11.52 17.06
N LYS A 620 17.75 -10.89 17.88
CA LYS A 620 17.92 -11.28 19.27
C LYS A 620 17.70 -10.05 20.15
N GLU A 621 16.98 -10.24 21.25
CA GLU A 621 16.66 -9.16 22.17
C GLU A 621 17.55 -9.23 23.40
N GLN A 622 18.09 -8.08 23.80
CA GLN A 622 18.88 -7.99 25.02
C GLN A 622 18.02 -8.34 26.23
N ALA A 623 18.64 -8.35 27.42
CA ALA A 623 17.87 -8.62 28.63
C ALA A 623 16.76 -7.60 28.82
N ASP A 624 17.06 -6.32 28.57
CA ASP A 624 16.10 -5.24 28.71
C ASP A 624 15.17 -5.11 27.50
N GLY A 625 15.11 -6.12 26.64
CA GLY A 625 14.23 -6.11 25.50
C GLY A 625 14.76 -5.42 24.27
N ARG A 626 15.87 -4.69 24.37
CA ARG A 626 16.42 -4.01 23.21
C ARG A 626 16.78 -5.03 22.13
N LYS A 627 16.14 -4.91 20.97
CA LYS A 627 16.34 -5.84 19.88
C LYS A 627 17.58 -5.45 19.06
N TYR A 628 18.45 -6.42 18.82
CA TYR A 628 19.60 -6.25 17.95
C TYR A 628 19.65 -7.40 16.96
N LEU A 629 20.34 -7.20 15.88
CA LEU A 629 20.42 -8.17 14.78
C LEU A 629 21.79 -8.84 14.82
N VAL A 630 21.89 -10.15 14.73
CA VAL A 630 23.12 -10.91 14.61
C VAL A 630 23.18 -11.48 13.21
N GLY A 631 24.28 -11.18 12.50
CA GLY A 631 24.46 -11.68 11.15
C GLY A 631 25.38 -12.88 11.09
N TYR A 632 24.81 -14.08 11.12
CA TYR A 632 25.59 -15.30 10.97
C TYR A 632 25.95 -15.50 9.51
N TYR A 633 27.22 -15.87 9.26
CA TYR A 633 27.69 -16.06 7.90
C TYR A 633 28.68 -17.21 7.85
N VAL A 634 28.57 -18.02 6.81
CA VAL A 634 29.48 -19.13 6.56
C VAL A 634 30.54 -18.62 5.59
N ALA A 635 31.77 -18.47 6.08
CA ALA A 635 32.89 -18.03 5.28
C ALA A 635 34.11 -18.88 5.61
N PRO A 636 35.07 -18.97 4.70
CA PRO A 636 36.28 -19.75 5.01
C PRO A 636 36.96 -19.27 6.28
N GLU A 637 37.27 -17.99 6.36
CA GLU A 637 37.86 -17.39 7.55
C GLU A 637 36.97 -16.27 8.06
N GLU A 638 37.06 -16.00 9.36
CA GLU A 638 36.35 -14.88 9.95
C GLU A 638 36.69 -13.60 9.21
N ILE A 639 35.67 -12.79 8.94
CA ILE A 639 35.85 -11.52 8.22
C ILE A 639 35.92 -10.41 9.25
N PRO A 640 36.83 -9.44 9.11
CA PRO A 640 36.96 -8.38 10.12
C PRO A 640 35.63 -7.69 10.37
N HIS A 641 35.30 -7.53 11.66
CA HIS A 641 34.03 -6.92 12.04
C HIS A 641 33.81 -5.60 11.29
N GLY A 642 34.78 -4.70 11.35
CA GLY A 642 34.64 -3.42 10.69
C GLY A 642 34.50 -3.54 9.19
N GLU A 643 35.03 -4.61 8.60
CA GLU A 643 34.93 -4.79 7.15
C GLU A 643 33.51 -5.13 6.74
N LEU A 644 32.81 -5.94 7.55
CA LEU A 644 31.41 -6.27 7.25
C LEU A 644 30.50 -5.08 7.49
N ARG A 645 30.73 -4.34 8.58
CA ARG A 645 29.91 -3.16 8.85
C ARG A 645 30.05 -2.14 7.73
N GLU A 646 31.26 -1.94 7.21
CA GLU A 646 31.44 -1.05 6.07
C GLU A 646 30.84 -1.66 4.81
N TRP A 647 30.92 -2.98 4.66
CA TRP A 647 30.34 -3.63 3.49
C TRP A 647 28.84 -3.38 3.41
N LEU A 648 28.13 -3.61 4.52
CA LEU A 648 26.70 -3.33 4.55
C LEU A 648 26.43 -1.84 4.59
N GLY A 649 27.34 -1.06 5.14
CA GLY A 649 27.19 0.39 5.19
C GLY A 649 27.10 1.02 3.81
N ASN A 650 27.63 0.35 2.78
CA ASN A 650 27.57 0.90 1.43
C ASN A 650 26.17 0.80 0.83
N ASP A 651 25.34 -0.11 1.34
CA ASP A 651 24.00 -0.32 0.79
C ASP A 651 22.89 -0.20 1.82
N LEU A 652 23.18 -0.39 3.10
CA LEU A 652 22.14 -0.46 4.11
C LEU A 652 22.32 0.64 5.14
N PRO A 653 21.22 1.11 5.75
CA PRO A 653 21.35 2.03 6.89
C PRO A 653 21.84 1.29 8.11
N ASP A 654 22.21 2.06 9.13
CA ASP A 654 22.80 1.49 10.34
C ASP A 654 21.93 0.40 10.94
N TYR A 655 20.61 0.61 10.94
CA TYR A 655 19.73 -0.31 11.67
C TYR A 655 19.59 -1.66 10.98
N MET A 656 19.85 -1.74 9.68
CA MET A 656 19.90 -3.02 8.99
C MET A 656 21.28 -3.65 9.05
N ILE A 657 22.26 -2.97 9.61
CA ILE A 657 23.60 -3.52 9.81
C ILE A 657 23.59 -4.28 11.13
N PRO A 658 23.75 -5.60 11.13
CA PRO A 658 23.76 -6.33 12.40
C PRO A 658 24.78 -5.76 13.37
N THR A 659 24.36 -5.60 14.63
CA THR A 659 25.28 -5.13 15.66
C THR A 659 26.46 -6.07 15.79
N TYR A 660 26.22 -7.38 15.71
CA TYR A 660 27.25 -8.38 15.81
C TYR A 660 27.23 -9.28 14.57
N PHE A 661 28.41 -9.76 14.21
CA PHE A 661 28.57 -10.74 13.15
C PHE A 661 29.23 -11.98 13.72
N VAL A 662 28.70 -13.15 13.35
CA VAL A 662 29.17 -14.42 13.87
C VAL A 662 29.63 -15.27 12.69
N HIS A 663 30.92 -15.59 12.67
CA HIS A 663 31.47 -16.48 11.66
C HIS A 663 31.21 -17.94 12.06
N MET A 664 30.94 -18.77 11.07
CA MET A 664 30.67 -20.18 11.31
C MET A 664 31.19 -21.01 10.14
N LYS A 665 31.77 -22.16 10.47
CA LYS A 665 32.25 -23.06 9.42
C LYS A 665 31.11 -23.61 8.59
N ALA A 666 29.93 -23.76 9.18
CA ALA A 666 28.74 -24.21 8.47
C ALA A 666 27.54 -24.03 9.40
N PHE A 667 26.34 -24.05 8.80
CA PHE A 667 25.14 -23.82 9.59
C PHE A 667 24.51 -25.15 10.01
N PRO A 668 23.88 -25.19 11.18
CA PRO A 668 23.11 -26.39 11.55
C PRO A 668 21.82 -26.44 10.73
N LEU A 669 21.47 -27.65 10.31
CA LEU A 669 20.35 -27.84 9.38
C LEU A 669 19.27 -28.69 10.02
N THR A 670 18.03 -28.43 9.60
CA THR A 670 16.90 -29.25 10.00
C THR A 670 16.80 -30.47 9.11
N ALA A 671 15.87 -31.37 9.45
CA ALA A 671 15.62 -32.55 8.63
C ALA A 671 15.23 -32.18 7.20
N ASN A 672 14.73 -30.97 6.99
CA ASN A 672 14.29 -30.52 5.68
C ASN A 672 15.37 -29.71 4.95
N GLY A 673 16.57 -29.60 5.51
CA GLY A 673 17.65 -28.86 4.90
C GLY A 673 17.68 -27.39 5.25
N LYS A 674 16.67 -26.88 5.94
CA LYS A 674 16.67 -25.48 6.34
C LYS A 674 17.69 -25.25 7.44
N VAL A 675 18.20 -24.02 7.52
CA VAL A 675 19.06 -23.64 8.64
C VAL A 675 18.27 -23.77 9.92
N ASP A 676 18.81 -24.53 10.88
CA ASP A 676 18.18 -24.69 12.19
C ASP A 676 18.47 -23.42 12.99
N ARG A 677 17.61 -22.42 12.82
CA ARG A 677 17.85 -21.13 13.44
C ARG A 677 17.96 -21.24 14.95
N ARG A 678 17.22 -22.16 15.57
CA ARG A 678 17.33 -22.34 17.01
C ARG A 678 18.72 -22.80 17.43
N ALA A 679 19.39 -23.57 16.58
CA ALA A 679 20.71 -24.11 16.90
C ALA A 679 21.84 -23.12 16.64
N LEU A 680 21.53 -21.89 16.25
CA LEU A 680 22.59 -20.92 15.99
C LEU A 680 23.10 -20.34 17.30
N PRO A 681 24.41 -20.09 17.41
CA PRO A 681 24.96 -19.62 18.68
C PRO A 681 24.54 -18.21 19.01
N ASP A 682 24.57 -17.90 20.30
CA ASP A 682 24.34 -16.53 20.76
C ASP A 682 25.63 -15.74 20.64
N VAL A 683 25.56 -14.46 21.00
CA VAL A 683 26.74 -13.60 20.97
C VAL A 683 27.33 -13.49 22.38
N LEU A 689 28.50 -3.00 21.28
CA LEU A 689 27.15 -2.88 21.82
C LEU A 689 26.54 -1.54 21.44
N LEU A 690 27.23 -0.45 21.84
CA LEU A 690 26.75 0.89 21.52
C LEU A 690 26.77 1.13 20.01
N GLY A 691 27.71 0.54 19.31
CA GLY A 691 27.87 0.73 17.88
C GLY A 691 29.06 1.62 17.56
N GLU A 692 29.72 1.32 16.45
CA GLU A 692 30.86 2.12 16.04
C GLU A 692 30.40 3.51 15.62
N ASP A 693 31.33 4.47 15.69
CA ASP A 693 31.05 5.88 15.43
C ASP A 693 30.01 6.44 16.40
N TYR A 694 29.78 5.76 17.52
CA TYR A 694 28.92 6.26 18.58
C TYR A 694 29.77 7.09 19.54
N VAL A 695 29.49 8.39 19.60
CA VAL A 695 30.18 9.31 20.49
C VAL A 695 29.19 9.68 21.59
N ALA A 696 29.49 9.29 22.82
CA ALA A 696 28.64 9.65 23.94
C ALA A 696 28.67 11.17 24.15
N PRO A 697 27.59 11.74 24.66
CA PRO A 697 27.58 13.19 24.90
C PRO A 697 28.75 13.62 25.77
N THR A 698 29.40 14.72 25.35
CA THR A 698 30.54 15.27 26.08
C THR A 698 30.12 16.39 27.02
N ASP A 699 29.45 17.42 26.49
CA ASP A 699 29.02 18.56 27.28
C ASP A 699 27.68 18.27 27.94
N GLU A 700 27.37 19.05 28.99
CA GLU A 700 26.06 18.96 29.62
C GLU A 700 24.94 19.21 28.62
N LEU A 701 25.19 20.05 27.62
CA LEU A 701 24.19 20.31 26.58
C LEU A 701 23.94 19.07 25.73
N GLU A 702 25.01 18.41 25.30
CA GLU A 702 24.86 17.22 24.48
C GLU A 702 24.09 16.13 25.20
N GLN A 703 24.21 16.06 26.53
CA GLN A 703 23.42 15.10 27.29
C GLN A 703 21.93 15.43 27.22
N GLN A 704 21.58 16.70 27.48
CA GLN A 704 20.19 17.13 27.33
C GLN A 704 19.67 16.81 25.93
N LEU A 705 20.45 17.13 24.91
CA LEU A 705 20.05 16.84 23.55
C LEU A 705 19.93 15.34 23.31
N ALA A 706 20.75 14.54 24.01
CA ALA A 706 20.65 13.10 23.86
C ALA A 706 19.39 12.54 24.52
N GLN A 707 18.92 13.20 25.59
CA GLN A 707 17.73 12.73 26.29
C GLN A 707 16.48 12.98 25.47
N VAL A 708 16.28 14.23 25.03
CA VAL A 708 15.10 14.57 24.25
C VAL A 708 15.04 13.68 23.00
N TRP A 709 16.19 13.38 22.42
CA TRP A 709 16.23 12.52 21.23
C TRP A 709 15.67 11.13 21.54
N SER A 710 16.20 10.47 22.56
CA SER A 710 15.73 9.13 22.90
C SER A 710 14.23 9.12 23.16
N HIS A 711 13.71 10.16 23.80
CA HIS A 711 12.29 10.21 24.10
C HIS A 711 11.47 10.32 22.83
N VAL A 712 11.81 11.27 21.96
CA VAL A 712 11.08 11.46 20.72
C VAL A 712 11.07 10.19 19.89
N LEU A 713 12.24 9.54 19.78
CA LEU A 713 12.42 8.40 18.90
C LEU A 713 12.13 7.06 19.56
N GLY A 714 11.76 7.05 20.85
CA GLY A 714 11.46 5.82 21.54
C GLY A 714 12.61 4.82 21.48
N ILE A 715 13.83 5.32 21.37
CA ILE A 715 15.01 4.47 21.24
C ILE A 715 16.10 5.02 22.15
N PRO A 716 16.80 4.20 22.93
CA PRO A 716 17.78 4.73 23.87
C PRO A 716 19.20 4.82 23.30
N GLN A 717 20.07 5.45 24.08
CA GLN A 717 21.48 5.60 23.72
C GLN A 717 21.66 6.26 22.36
N MET A 718 21.45 7.57 22.31
CA MET A 718 21.63 8.35 21.08
C MET A 718 23.06 8.90 21.07
N GLY A 719 23.88 8.43 20.12
CA GLY A 719 25.18 9.01 19.93
C GLY A 719 25.08 10.39 19.30
N ILE A 720 26.10 11.22 19.55
CA ILE A 720 26.04 12.60 19.08
C ILE A 720 26.43 12.74 17.63
N ASP A 721 26.75 11.64 16.94
CA ASP A 721 26.90 11.64 15.49
C ASP A 721 25.84 10.77 14.82
N ASP A 722 24.91 10.20 15.58
CA ASP A 722 23.79 9.48 15.00
C ASP A 722 22.85 10.46 14.31
N HIS A 723 22.47 10.13 13.08
CA HIS A 723 21.57 11.00 12.32
C HIS A 723 20.13 10.76 12.77
N PHE A 724 19.39 11.87 12.93
CA PHE A 724 18.03 11.78 13.45
C PHE A 724 17.16 10.92 12.55
N LEU A 725 17.25 11.11 11.24
CA LEU A 725 16.42 10.36 10.29
C LEU A 725 16.90 8.94 10.06
N GLU A 726 18.00 8.53 10.68
CA GLU A 726 18.44 7.14 10.65
C GLU A 726 18.15 6.42 11.96
N ARG A 727 17.45 7.08 12.89
CA ARG A 727 17.05 6.49 14.16
C ARG A 727 15.53 6.49 14.31
N GLY A 728 14.82 6.38 13.19
CA GLY A 728 13.37 6.33 13.20
C GLY A 728 12.68 7.67 13.15
N GLY A 729 13.40 8.74 12.83
CA GLY A 729 12.82 10.07 12.84
C GLY A 729 11.94 10.36 11.65
N ASP A 730 10.66 10.63 11.90
CA ASP A 730 9.76 11.14 10.88
C ASP A 730 9.74 12.66 10.95
N SER A 731 8.90 13.28 10.12
CA SER A 731 8.63 14.70 10.30
C SER A 731 7.83 14.95 11.57
N ILE A 732 6.88 14.07 11.87
CA ILE A 732 6.10 14.19 13.09
C ILE A 732 7.01 14.15 14.31
N LYS A 733 8.07 13.33 14.25
CA LYS A 733 8.99 13.23 15.36
C LYS A 733 9.93 14.44 15.45
N VAL A 734 10.32 15.01 14.31
CA VAL A 734 11.08 16.26 14.33
C VAL A 734 10.28 17.33 15.07
N MET A 735 8.96 17.38 14.83
CA MET A 735 8.11 18.31 15.56
C MET A 735 8.20 18.07 17.06
N GLN A 736 8.12 16.79 17.47
CA GLN A 736 8.25 16.47 18.88
C GLN A 736 9.57 16.96 19.44
N LEU A 737 10.65 16.82 18.67
CA LEU A 737 11.95 17.30 19.12
C LEU A 737 11.93 18.81 19.34
N ILE A 738 11.42 19.53 18.39
CA ILE A 738 11.38 20.99 18.49
C ILE A 738 10.53 21.37 19.68
N HIS A 739 9.37 20.77 19.84
CA HIS A 739 8.52 21.06 20.99
C HIS A 739 9.24 20.72 22.29
N GLN A 740 9.78 19.51 22.40
CA GLN A 740 10.42 19.09 23.64
C GLN A 740 11.76 19.76 23.86
N LEU A 741 12.35 20.39 22.84
CA LEU A 741 13.55 21.18 23.05
C LEU A 741 13.22 22.54 23.67
N LYS A 742 12.19 23.20 23.16
CA LYS A 742 11.75 24.46 23.77
C LYS A 742 11.37 24.26 25.23
N ASN A 743 10.79 23.10 25.56
CA ASN A 743 10.54 22.77 26.96
C ASN A 743 11.85 22.76 27.74
N ILE A 744 12.90 22.21 27.14
CA ILE A 744 14.28 22.13 27.71
C ILE A 744 14.96 23.51 27.69
N GLY A 745 14.39 24.53 27.04
CA GLY A 745 14.98 25.84 26.95
C GLY A 745 15.73 26.13 25.68
N LEU A 746 15.76 25.19 24.73
CA LEU A 746 16.51 25.35 23.48
C LEU A 746 15.53 25.58 22.34
N SER A 747 15.81 26.60 21.52
CA SER A 747 14.95 26.96 20.40
C SER A 747 15.58 26.42 19.11
N LEU A 748 14.96 25.38 18.55
CA LEU A 748 15.42 24.77 17.32
C LEU A 748 14.39 24.96 16.22
N ARG A 749 14.86 25.21 15.01
CA ARG A 749 14.00 25.38 13.85
C ARG A 749 13.86 24.05 13.10
N TYR A 750 12.75 23.92 12.39
CA TYR A 750 12.48 22.67 11.68
C TYR A 750 13.59 22.35 10.68
N ASP A 751 13.99 23.31 9.89
CA ASP A 751 15.03 23.06 8.87
C ASP A 751 16.41 22.97 9.51
N GLN A 752 16.55 23.50 10.69
CA GLN A 752 17.81 23.48 11.43
C GLN A 752 18.06 22.05 11.87
N LEU A 753 17.00 21.27 12.06
CA LEU A 753 17.17 19.89 12.50
C LEU A 753 17.77 19.04 11.39
N PHE A 754 17.47 19.36 10.17
CA PHE A 754 17.92 18.54 9.05
C PHE A 754 19.30 18.99 8.62
N THR A 755 19.60 20.26 8.72
CA THR A 755 20.95 20.73 8.49
C THR A 755 21.87 20.44 9.66
N HIS A 756 21.31 20.18 10.84
CA HIS A 756 22.08 19.75 12.02
C HIS A 756 21.45 18.46 12.53
N PRO A 757 21.53 17.37 11.77
CA PRO A 757 20.81 16.15 12.13
C PRO A 757 21.52 15.29 13.16
N THR A 758 22.47 15.87 13.90
CA THR A 758 23.16 15.15 14.97
C THR A 758 23.25 16.06 16.18
N ILE A 759 23.51 15.50 17.32
CA ILE A 759 23.62 16.32 18.55
C ILE A 759 24.93 17.08 18.52
N ARG A 760 26.03 16.57 18.00
CA ARG A 760 27.24 17.37 17.88
C ARG A 760 26.96 18.66 17.09
N GLN A 761 26.24 18.55 15.98
CA GLN A 761 25.90 19.72 15.19
C GLN A 761 24.89 20.60 15.91
N LEU A 762 23.95 19.99 16.64
CA LEU A 762 22.93 20.75 17.35
C LEU A 762 23.51 21.48 18.56
N LYS A 763 24.50 20.88 19.23
CA LYS A 763 25.13 21.54 20.37
C LYS A 763 25.72 22.88 19.98
N ARG A 764 26.49 22.91 18.88
CA ARG A 764 27.04 24.16 18.40
C ARG A 764 25.94 25.12 17.97
N LEU A 765 24.83 24.61 17.45
CA LEU A 765 23.76 25.46 16.95
C LEU A 765 23.08 26.22 18.09
N LEU A 766 22.95 25.58 19.25
CA LEU A 766 22.22 26.15 20.38
C LEU A 766 23.23 26.49 21.47
N THR A 767 23.67 27.76 21.50
CA THR A 767 24.61 28.24 22.50
C THR A 767 24.02 29.40 23.30
N GLU A 768 22.69 29.47 23.38
CA GLU A 768 22.00 30.54 24.08
C GLU A 768 21.20 30.07 25.28
N GLN A 769 20.46 28.97 25.15
CA GLN A 769 19.62 28.45 26.23
C GLN A 769 18.62 29.49 26.72
N LYS A 770 18.22 30.40 25.83
CA LYS A 770 17.28 31.45 26.18
C LYS A 770 15.93 30.85 26.56
N LEU A 774 6.39 26.42 29.08
CA LEU A 774 6.26 27.76 28.52
C LEU A 774 5.37 27.74 27.27
N GLU A 775 4.45 28.69 27.21
CA GLU A 775 3.56 28.86 26.06
C GLU A 775 2.66 27.65 25.86
N PRO A 776 1.87 27.26 26.85
CA PRO A 776 0.86 26.22 26.63
C PRO A 776 -0.37 26.81 25.94
N LEU A 777 -1.23 25.91 25.46
CA LEU A 777 -2.43 26.33 24.77
C LEU A 777 -3.46 26.82 25.79
N ARG A 778 -3.91 28.06 25.62
CA ARG A 778 -4.83 28.68 26.58
C ARG A 778 -6.26 28.25 26.24
N GLU A 779 -6.84 27.42 27.11
CA GLU A 779 -8.24 27.06 26.96
C GLU A 779 -9.11 28.30 27.11
N LEU A 780 -10.05 28.47 26.18
CA LEU A 780 -10.89 29.66 26.17
C LEU A 780 -11.99 29.57 27.22
N ASP A 781 -12.45 30.73 27.66
CA ASP A 781 -13.63 30.80 28.50
C ASP A 781 -14.88 30.61 27.65
N GLU A 782 -15.95 30.17 28.30
CA GLU A 782 -17.16 29.80 27.57
C GLU A 782 -17.75 31.01 26.86
N GLN A 783 -18.10 30.82 25.59
CA GLN A 783 -18.73 31.84 24.78
C GLN A 783 -19.90 31.22 24.04
N ALA A 784 -20.82 32.08 23.59
CA ALA A 784 -21.90 31.60 22.73
C ALA A 784 -21.37 31.15 21.37
N GLU A 785 -20.30 31.74 20.90
CA GLU A 785 -19.70 31.42 19.60
C GLU A 785 -18.20 31.58 19.71
N TYR A 786 -17.44 30.86 18.94
CA TYR A 786 -15.98 30.85 19.00
C TYR A 786 -15.39 31.07 17.62
N GLU A 787 -14.15 31.56 17.61
CA GLU A 787 -13.41 31.68 16.38
C GLU A 787 -13.18 30.31 15.77
N THR A 788 -13.18 30.25 14.45
CA THR A 788 -12.83 29.05 13.72
C THR A 788 -11.40 29.17 13.20
N SER A 789 -10.75 28.03 13.03
CA SER A 789 -9.42 28.03 12.45
C SER A 789 -9.49 28.34 10.96
N ALA A 790 -8.35 28.72 10.39
CA ALA A 790 -8.29 29.01 8.96
C ALA A 790 -8.78 27.83 8.14
N VAL A 791 -8.40 26.61 8.54
CA VAL A 791 -8.78 25.44 7.76
C VAL A 791 -10.25 25.08 8.00
N GLU A 792 -10.81 25.31 9.07
CA GLU A 792 -12.21 25.15 9.53
C GLU A 792 -13.02 26.07 8.63
N LYS A 793 -12.56 27.31 8.48
CA LYS A 793 -13.19 28.25 7.56
C LYS A 793 -13.21 27.69 6.15
N ARG A 794 -12.11 27.09 5.71
CA ARG A 794 -12.04 26.57 4.35
C ARG A 794 -12.98 25.38 4.17
N MET A 795 -12.93 24.41 5.09
CA MET A 795 -13.84 23.27 5.01
C MET A 795 -15.29 23.73 4.96
N TYR A 796 -15.67 24.62 5.87
CA TYR A 796 -17.03 25.16 5.85
C TYR A 796 -17.34 25.81 4.51
N ILE A 797 -16.43 26.65 4.03
CA ILE A 797 -16.63 27.33 2.74
C ILE A 797 -16.89 26.30 1.64
N ILE A 798 -16.09 25.23 1.61
CA ILE A 798 -16.23 24.23 0.56
C ILE A 798 -17.60 23.57 0.64
N GLN A 799 -18.04 23.21 1.84
CA GLN A 799 -19.30 22.50 1.99
C GLN A 799 -20.49 23.38 1.60
N GLN A 800 -20.46 24.65 2.00
CA GLN A 800 -21.56 25.55 1.70
C GLN A 800 -21.60 25.93 0.22
N GLN A 801 -20.51 25.70 -0.51
CA GLN A 801 -20.51 25.90 -1.95
C GLN A 801 -21.14 24.72 -2.71
N ASP A 802 -21.37 23.60 -2.02
CA ASP A 802 -22.16 22.51 -2.57
C ASP A 802 -22.74 21.69 -1.41
N VAL A 803 -23.85 22.18 -0.85
CA VAL A 803 -24.42 21.58 0.35
C VAL A 803 -24.75 20.11 0.14
N GLU A 804 -25.07 19.71 -1.08
CA GLU A 804 -25.40 18.33 -1.37
C GLU A 804 -24.16 17.46 -1.60
N SER A 805 -22.96 18.03 -1.47
CA SER A 805 -21.75 17.27 -1.75
C SER A 805 -21.39 16.37 -0.59
N ILE A 806 -21.16 15.10 -0.90
CA ILE A 806 -20.54 14.18 0.04
C ILE A 806 -19.03 14.10 -0.20
N ALA A 807 -18.46 15.07 -0.93
CA ALA A 807 -17.06 15.00 -1.32
C ALA A 807 -16.14 15.00 -0.11
N TYR A 808 -16.52 15.69 0.95
CA TYR A 808 -15.72 15.73 2.17
C TYR A 808 -16.35 14.88 3.28
N ASN A 809 -17.25 13.98 2.92
CA ASN A 809 -17.71 12.98 3.88
C ASN A 809 -16.62 11.94 4.09
N VAL A 810 -16.31 11.67 5.34
CA VAL A 810 -15.27 10.74 5.72
C VAL A 810 -15.98 9.45 6.13
N VAL A 811 -16.02 8.48 5.22
CA VAL A 811 -16.79 7.25 5.40
C VAL A 811 -15.83 6.10 5.66
N TYR A 812 -16.13 5.32 6.69
CA TYR A 812 -15.34 4.15 7.01
C TYR A 812 -16.26 2.98 7.30
N THR A 813 -15.73 1.77 7.11
CA THR A 813 -16.47 0.54 7.36
C THR A 813 -15.60 -0.39 8.18
N ILE A 814 -16.22 -1.06 9.14
CA ILE A 814 -15.55 -2.07 9.97
C ILE A 814 -16.40 -3.33 9.93
N ASN A 815 -15.81 -4.43 9.48
CA ASN A 815 -16.51 -5.71 9.43
C ASN A 815 -16.40 -6.38 10.79
N PHE A 816 -17.51 -6.43 11.52
CA PHE A 816 -17.57 -7.13 12.79
C PHE A 816 -18.25 -8.48 12.62
N PRO A 817 -17.89 -9.47 13.44
CA PRO A 817 -18.58 -10.75 13.38
C PRO A 817 -20.01 -10.62 13.92
N LEU A 818 -20.84 -11.60 13.56
CA LEU A 818 -22.22 -11.62 14.04
C LEU A 818 -22.29 -11.60 15.56
N THR A 819 -21.22 -12.02 16.24
CA THR A 819 -21.23 -12.10 17.70
C THR A 819 -21.27 -10.72 18.37
N VAL A 820 -20.92 -9.66 17.64
CA VAL A 820 -20.85 -8.34 18.25
C VAL A 820 -22.25 -7.80 18.51
N ASP A 821 -22.40 -7.08 19.62
CA ASP A 821 -23.65 -6.42 19.96
C ASP A 821 -23.66 -5.05 19.29
N THR A 822 -24.58 -4.84 18.35
CA THR A 822 -24.62 -3.57 17.63
C THR A 822 -24.92 -2.41 18.58
N GLU A 823 -25.66 -2.65 19.65
CA GLU A 823 -25.98 -1.57 20.58
C GLU A 823 -24.74 -1.08 21.30
N GLN A 824 -23.77 -1.97 21.56
CA GLN A 824 -22.51 -1.53 22.16
C GLN A 824 -21.78 -0.57 21.23
N ILE A 825 -21.71 -0.92 19.94
CA ILE A 825 -21.11 -0.01 18.96
C ILE A 825 -21.85 1.32 18.96
N ARG A 826 -23.18 1.26 18.90
CA ARG A 826 -24.00 2.47 18.93
C ARG A 826 -23.66 3.31 20.17
N VAL A 827 -23.58 2.67 21.33
CA VAL A 827 -23.36 3.39 22.58
C VAL A 827 -21.95 3.99 22.61
N ALA A 828 -20.97 3.25 22.10
CA ALA A 828 -19.59 3.75 22.10
C ALA A 828 -19.47 5.03 21.28
N LEU A 829 -20.03 5.03 20.08
CA LEU A 829 -20.01 6.23 19.24
C LEU A 829 -20.68 7.40 19.95
N GLU A 830 -21.78 7.15 20.65
CA GLU A 830 -22.46 8.22 21.36
C GLU A 830 -21.59 8.81 22.46
N GLN A 831 -20.73 7.99 23.07
CA GLN A 831 -19.78 8.53 24.05
C GLN A 831 -18.76 9.42 23.38
N LEU A 832 -18.28 9.02 22.23
CA LEU A 832 -17.31 9.77 21.44
C LEU A 832 -17.94 11.08 21.03
N VAL A 833 -19.25 11.05 20.82
CA VAL A 833 -20.08 12.25 20.53
C VAL A 833 -19.98 13.19 21.74
N LEU A 834 -20.25 12.67 22.95
CA LEU A 834 -20.25 13.41 24.23
C LEU A 834 -18.83 13.74 24.74
N ARG A 835 -17.80 13.23 24.10
CA ARG A 835 -16.41 13.43 24.54
C ARG A 835 -15.67 14.47 23.73
N HIS A 836 -15.95 14.61 22.47
CA HIS A 836 -15.21 15.53 21.62
C HIS A 836 -16.12 16.65 21.16
N GLU A 837 -15.76 17.89 21.47
CA GLU A 837 -16.53 19.03 21.01
C GLU A 837 -16.69 19.03 19.49
N GLY A 838 -15.68 18.53 18.78
CA GLY A 838 -15.77 18.45 17.34
C GLY A 838 -17.01 17.70 16.88
N LEU A 839 -17.35 16.62 17.57
CA LEU A 839 -18.56 15.87 17.26
C LEU A 839 -19.83 16.56 17.74
N ARG A 840 -19.70 17.59 18.59
CA ARG A 840 -20.81 18.46 18.95
C ARG A 840 -20.61 19.88 18.44
N SER A 841 -19.72 20.07 17.48
CA SER A 841 -19.46 21.39 16.91
C SER A 841 -20.39 21.63 15.74
N THR A 842 -20.98 22.83 15.70
CA THR A 842 -21.80 23.26 14.59
C THR A 842 -21.21 24.57 14.06
N TYR A 843 -21.08 24.67 12.75
CA TYR A 843 -20.45 25.81 12.10
C TYR A 843 -21.53 26.70 11.48
N HIS A 844 -21.41 28.00 11.71
CA HIS A 844 -22.43 28.95 11.28
C HIS A 844 -21.76 30.19 10.74
N MET A 845 -22.53 30.96 9.98
CA MET A 845 -22.05 32.18 9.33
C MET A 845 -22.67 33.37 10.05
N ARG A 846 -21.93 34.03 10.95
CA ARG A 846 -22.36 35.27 11.65
C ARG A 846 -21.78 36.45 10.87
N GLY A 847 -22.51 36.99 9.88
CA GLY A 847 -22.03 38.04 9.01
C GLY A 847 -21.03 37.51 8.01
N ASP A 848 -19.77 37.92 8.16
CA ASP A 848 -18.68 37.44 7.32
C ASP A 848 -17.70 36.57 8.09
N GLU A 849 -18.03 36.17 9.31
CA GLU A 849 -17.16 35.37 10.15
C GLU A 849 -17.72 33.96 10.27
N ILE A 850 -16.98 32.98 9.77
CA ILE A 850 -17.34 31.58 9.97
C ILE A 850 -17.13 31.25 11.45
N VAL A 851 -18.18 30.82 12.11
CA VAL A 851 -18.22 30.75 13.56
C VAL A 851 -18.60 29.34 13.99
N LYS A 852 -17.97 28.78 15.03
CA LYS A 852 -18.39 27.46 15.55
C LYS A 852 -19.20 27.70 16.84
N ARG A 853 -20.19 26.83 17.09
CA ARG A 853 -21.06 26.72 18.25
C ARG A 853 -20.82 25.34 18.80
N ILE A 854 -20.77 25.18 20.09
CA ILE A 854 -20.56 23.90 20.76
C ILE A 854 -21.89 23.47 21.38
N VAL A 855 -22.44 22.39 20.88
CA VAL A 855 -23.66 21.80 21.41
C VAL A 855 -23.28 20.94 22.61
N PRO A 856 -24.03 20.98 23.72
CA PRO A 856 -23.65 20.13 24.87
C PRO A 856 -23.93 18.66 24.65
N ARG A 857 -24.96 18.32 23.87
CA ARG A 857 -25.29 16.93 23.60
C ARG A 857 -25.93 16.83 22.22
N ALA A 858 -25.58 15.76 21.50
CA ALA A 858 -26.10 15.55 20.15
C ALA A 858 -26.54 14.09 20.01
N GLU A 859 -27.59 13.90 19.22
CA GLU A 859 -28.15 12.57 19.00
C GLU A 859 -27.55 11.96 17.74
N LEU A 860 -26.93 10.80 17.89
CA LEU A 860 -26.26 10.13 16.79
C LEU A 860 -27.24 9.26 16.01
N SER A 861 -27.32 9.47 14.71
CA SER A 861 -28.09 8.59 13.84
C SER A 861 -27.40 7.23 13.77
N PHE A 862 -28.11 6.17 14.15
CA PHE A 862 -27.57 4.82 14.11
C PHE A 862 -28.64 3.91 13.52
N VAL A 863 -28.47 3.53 12.25
CA VAL A 863 -29.44 2.73 11.53
C VAL A 863 -29.00 1.27 11.53
N ARG A 864 -29.99 0.38 11.52
CA ARG A 864 -29.75 -1.06 11.46
C ARG A 864 -30.44 -1.62 10.22
N GLN A 865 -29.70 -2.40 9.44
CA GLN A 865 -30.22 -2.98 8.21
C GLN A 865 -29.78 -4.44 8.12
N THR A 866 -30.67 -5.27 7.58
CA THR A 866 -30.36 -6.66 7.28
C THR A 866 -30.29 -6.81 5.77
N GLY A 867 -29.22 -7.42 5.28
CA GLY A 867 -29.02 -7.63 3.86
C GLY A 867 -28.13 -8.83 3.65
N GLU A 868 -27.47 -8.85 2.50
CA GLU A 868 -26.53 -9.91 2.15
C GLU A 868 -25.21 -9.27 1.73
N GLU A 869 -24.14 -10.06 1.86
CA GLU A 869 -22.82 -9.61 1.45
C GLU A 869 -22.85 -8.96 0.06
N GLU A 870 -23.73 -9.44 -0.81
CA GLU A 870 -23.82 -8.89 -2.16
C GLU A 870 -24.39 -7.48 -2.19
N SER A 871 -25.05 -7.05 -1.11
CA SER A 871 -25.75 -5.76 -1.11
C SER A 871 -25.27 -4.82 -0.01
N VAL A 872 -24.19 -5.15 0.69
CA VAL A 872 -23.70 -4.28 1.77
C VAL A 872 -23.31 -2.93 1.21
N GLN A 873 -22.52 -2.92 0.13
CA GLN A 873 -22.06 -1.65 -0.42
C GLN A 873 -23.21 -0.83 -0.99
N SER A 874 -24.20 -1.49 -1.58
CA SER A 874 -25.36 -0.77 -2.09
C SER A 874 -26.16 -0.14 -0.96
N LEU A 875 -26.38 -0.88 0.13
CA LEU A 875 -27.07 -0.33 1.29
C LEU A 875 -26.28 0.80 1.91
N LEU A 876 -24.96 0.72 1.89
CA LEU A 876 -24.13 1.77 2.49
C LEU A 876 -24.14 3.04 1.64
N ALA A 877 -23.99 2.90 0.32
CA ALA A 877 -23.95 4.07 -0.54
C ALA A 877 -25.16 4.96 -0.31
N GLU A 878 -26.33 4.36 -0.10
CA GLU A 878 -27.54 5.13 0.19
C GLU A 878 -27.45 5.86 1.53
N GLN A 879 -26.59 5.40 2.43
CA GLN A 879 -26.45 6.05 3.73
C GLN A 879 -25.53 7.25 3.68
N ILE A 880 -24.58 7.29 2.75
CA ILE A 880 -23.64 8.40 2.65
C ILE A 880 -24.37 9.61 2.10
N LYS A 881 -24.88 10.45 3.00
CA LYS A 881 -25.66 11.62 2.63
C LYS A 881 -24.96 12.87 3.12
N PRO A 882 -25.27 14.04 2.53
CA PRO A 882 -24.56 15.27 2.92
C PRO A 882 -24.84 15.64 4.37
N PHE A 883 -23.93 16.42 4.94
CA PHE A 883 -24.05 16.91 6.29
C PHE A 883 -24.49 18.36 6.30
N ASP A 884 -25.31 18.71 7.27
CA ASP A 884 -25.62 20.11 7.58
C ASP A 884 -24.62 20.55 8.64
N LEU A 885 -23.61 21.33 8.21
CA LEU A 885 -22.56 21.74 9.13
C LEU A 885 -23.09 22.52 10.32
N ALA A 886 -24.32 23.04 10.23
CA ALA A 886 -24.95 23.70 11.36
C ALA A 886 -25.65 22.71 12.30
N LYS A 887 -25.59 21.41 12.01
CA LYS A 887 -26.26 20.39 12.80
C LYS A 887 -25.24 19.41 13.34
N ALA A 888 -25.33 19.12 14.63
CA ALA A 888 -24.48 18.12 15.26
C ALA A 888 -25.29 16.86 15.55
N PRO A 889 -24.64 15.69 15.61
CA PRO A 889 -23.21 15.50 15.40
C PRO A 889 -22.86 15.34 13.92
N LEU A 890 -21.70 15.84 13.52
CA LEU A 890 -21.22 15.66 12.15
C LEU A 890 -20.67 14.24 12.00
N LEU A 891 -21.54 13.28 12.25
CA LEU A 891 -21.19 11.86 12.24
C LEU A 891 -22.46 11.02 12.22
N ARG A 892 -22.54 10.09 11.27
CA ARG A 892 -23.62 9.11 11.21
C ARG A 892 -23.00 7.72 11.20
N ALA A 893 -23.79 6.74 11.64
CA ALA A 893 -23.31 5.37 11.69
C ALA A 893 -24.48 4.42 11.46
N GLY A 894 -24.14 3.15 11.29
CA GLY A 894 -25.16 2.13 11.12
C GLY A 894 -24.50 0.76 11.02
N VAL A 895 -25.33 -0.26 11.07
CA VAL A 895 -24.88 -1.65 10.95
C VAL A 895 -25.71 -2.32 9.87
N ILE A 896 -25.03 -2.87 8.87
CA ILE A 896 -25.67 -3.68 7.85
C ILE A 896 -25.35 -5.13 8.18
N GLU A 897 -26.32 -5.86 8.72
CA GLU A 897 -26.11 -7.25 9.13
C GLU A 897 -26.36 -8.18 7.95
N THR A 898 -25.38 -9.02 7.66
CA THR A 898 -25.49 -10.03 6.62
C THR A 898 -25.55 -11.41 7.27
N ALA A 899 -25.51 -12.45 6.44
CA ALA A 899 -25.46 -13.81 6.96
C ALA A 899 -24.17 -14.07 7.72
N ASP A 900 -23.08 -13.38 7.35
CA ASP A 900 -21.76 -13.60 7.93
C ASP A 900 -21.31 -12.48 8.85
N LYS A 901 -21.52 -11.23 8.46
CA LYS A 901 -20.91 -10.10 9.15
C LYS A 901 -21.97 -9.12 9.65
N LYS A 902 -21.58 -8.35 10.66
CA LYS A 902 -22.27 -7.13 11.06
C LYS A 902 -21.35 -5.98 10.65
N VAL A 903 -21.67 -5.34 9.53
CA VAL A 903 -20.80 -4.33 8.94
C VAL A 903 -21.11 -3.00 9.60
N LEU A 904 -20.20 -2.53 10.46
CA LEU A 904 -20.29 -1.18 11.00
C LEU A 904 -19.79 -0.19 9.96
N TRP A 905 -20.60 0.80 9.65
CA TRP A 905 -20.20 1.93 8.83
C TRP A 905 -20.43 3.22 9.60
N PHE A 906 -19.55 4.19 9.41
CA PHE A 906 -19.78 5.51 9.96
C PHE A 906 -19.28 6.55 8.98
N ASP A 907 -19.98 7.69 8.95
CA ASP A 907 -19.71 8.77 8.02
C ASP A 907 -19.58 10.06 8.82
N SER A 908 -18.43 10.72 8.68
CA SER A 908 -18.17 11.99 9.33
C SER A 908 -17.80 13.02 8.27
N HIS A 909 -17.74 14.28 8.68
CA HIS A 909 -17.33 15.36 7.79
C HIS A 909 -15.87 15.72 8.03
N HIS A 910 -15.20 16.17 6.97
CA HIS A 910 -13.77 16.44 7.06
C HIS A 910 -13.46 17.67 7.90
N ILE A 911 -14.41 18.60 8.04
CA ILE A 911 -14.22 19.73 8.94
C ILE A 911 -13.99 19.25 10.37
N LEU A 912 -14.35 18.00 10.66
CA LEU A 912 -14.15 17.40 11.97
C LEU A 912 -13.09 16.32 11.96
N LEU A 913 -13.14 15.42 10.99
CA LEU A 913 -12.36 14.18 11.02
C LEU A 913 -11.29 14.22 9.93
N ASP A 914 -10.11 14.75 10.17
CA ASP A 914 -9.01 14.49 9.23
C ASP A 914 -8.32 13.17 9.63
N GLY A 915 -7.39 12.67 8.81
CA GLY A 915 -6.65 11.41 9.02
C GLY A 915 -6.25 11.14 10.47
N LEU A 916 -5.64 12.12 11.18
CA LEU A 916 -5.19 11.95 12.60
C LEU A 916 -6.42 11.92 13.50
N SER A 917 -7.36 12.87 13.36
CA SER A 917 -8.62 12.79 14.11
C SER A 917 -9.23 11.40 13.99
N LYS A 918 -9.20 10.81 12.79
CA LYS A 918 -9.73 9.46 12.63
C LYS A 918 -8.92 8.46 13.43
N SER A 919 -7.59 8.60 13.44
CA SER A 919 -6.77 7.74 14.27
C SER A 919 -7.16 7.88 15.73
N ILE A 920 -7.46 9.12 16.17
CA ILE A 920 -7.94 9.33 17.52
C ILE A 920 -9.33 8.72 17.69
N LEU A 921 -10.15 8.72 16.67
CA LEU A 921 -11.49 8.15 16.77
C LEU A 921 -11.38 6.64 16.77
N ALA A 922 -10.63 6.06 15.88
CA ALA A 922 -10.42 4.62 15.92
C ALA A 922 -9.78 4.21 17.24
N ARG A 923 -8.71 4.88 17.63
CA ARG A 923 -8.06 4.63 18.92
C ARG A 923 -9.09 4.52 20.03
N GLU A 924 -9.93 5.54 20.17
CA GLU A 924 -10.82 5.64 21.32
C GLU A 924 -12.06 4.77 21.16
N LEU A 925 -12.53 4.55 19.93
CA LEU A 925 -13.61 3.59 19.73
C LEU A 925 -13.17 2.19 20.12
N GLN A 926 -11.92 1.83 19.81
CA GLN A 926 -11.39 0.54 20.20
C GLN A 926 -11.39 0.40 21.72
N ALA A 927 -10.90 1.43 22.42
CA ALA A 927 -10.93 1.42 23.87
C ALA A 927 -12.33 1.22 24.40
N LEU A 928 -13.30 1.99 23.89
CA LEU A 928 -14.67 1.87 24.36
C LEU A 928 -15.28 0.52 24.00
N LEU A 929 -15.06 0.06 22.75
CA LEU A 929 -15.55 -1.26 22.36
C LEU A 929 -14.92 -2.35 23.22
N GLY A 930 -13.68 -2.16 23.64
CA GLY A 930 -13.01 -3.12 24.51
C GLY A 930 -13.28 -2.87 25.98
N GLN A 931 -14.30 -2.07 26.27
CA GLN A 931 -14.72 -1.80 27.65
C GLN A 931 -13.61 -1.11 28.43
N GLN A 932 -13.12 -0.01 27.87
CA GLN A 932 -12.12 0.84 28.53
C GLN A 932 -12.66 2.24 28.67
N VAL A 933 -11.99 3.03 29.51
CA VAL A 933 -12.36 4.43 29.75
C VAL A 933 -11.27 5.32 29.19
N LEU A 934 -11.66 6.52 28.79
CA LEU A 934 -10.76 7.48 28.16
C LEU A 934 -10.55 8.66 29.09
N SER A 935 -9.30 9.11 29.18
CA SER A 935 -9.02 10.34 29.92
C SER A 935 -9.75 11.50 29.25
N PRO A 936 -10.21 12.47 30.03
CA PRO A 936 -10.93 13.61 29.42
C PRO A 936 -10.00 14.42 28.53
N VAL A 937 -10.57 14.95 27.46
CA VAL A 937 -9.79 15.73 26.50
C VAL A 937 -9.36 17.02 27.20
N GLU A 938 -8.05 17.26 27.24
CA GLU A 938 -7.53 18.40 28.00
C GLU A 938 -7.83 19.71 27.28
N LYS A 939 -7.55 19.78 25.98
CA LYS A 939 -7.74 20.99 25.21
C LYS A 939 -8.93 20.84 24.26
N THR A 940 -9.26 21.94 23.60
CA THR A 940 -10.35 21.97 22.64
C THR A 940 -9.85 22.64 21.37
N TYR A 941 -10.47 22.27 20.24
CA TYR A 941 -10.05 22.82 18.96
C TYR A 941 -10.18 24.34 18.94
N LYS A 942 -11.29 24.87 19.46
CA LYS A 942 -11.52 26.30 19.42
C LYS A 942 -10.38 27.08 20.08
N SER A 943 -9.74 26.49 21.09
CA SER A 943 -8.62 27.18 21.74
C SER A 943 -7.43 27.29 20.79
N PHE A 944 -7.13 26.22 20.05
CA PHE A 944 -6.09 26.31 19.04
C PHE A 944 -6.48 27.29 17.93
N ALA A 945 -7.76 27.30 17.56
CA ALA A 945 -8.21 28.19 16.50
C ALA A 945 -7.85 29.64 16.83
N ARG A 946 -8.09 30.07 18.07
CA ARG A 946 -7.76 31.44 18.43
C ARG A 946 -6.25 31.65 18.51
N TRP A 947 -5.54 30.73 19.15
CA TRP A 947 -4.09 30.86 19.25
C TRP A 947 -3.49 31.06 17.86
N GLN A 948 -3.87 30.22 16.90
CA GLN A 948 -3.33 30.33 15.55
C GLN A 948 -3.77 31.63 14.90
N ASN A 949 -4.98 32.11 15.20
CA ASN A 949 -5.44 33.37 14.65
C ASN A 949 -4.59 34.53 15.14
N GLU A 950 -4.22 34.52 16.43
CA GLU A 950 -3.34 35.55 16.94
C GLU A 950 -1.91 35.38 16.42
N TRP A 951 -1.47 34.14 16.22
CA TRP A 951 -0.13 33.90 15.72
C TRP A 951 0.04 34.44 14.31
N PHE A 952 -1.04 34.51 13.53
CA PHE A 952 -0.97 35.07 12.19
C PHE A 952 -0.52 36.53 12.20
N ALA A 953 -0.52 37.18 13.35
CA ALA A 953 -0.12 38.58 13.47
C ALA A 953 1.30 38.75 13.99
N SER A 954 2.03 37.66 14.19
CA SER A 954 3.36 37.73 14.79
C SER A 954 4.43 37.91 13.72
N ASP A 955 5.63 38.26 14.18
CA ASP A 955 6.77 38.35 13.28
C ASP A 955 7.05 37.02 12.61
N GLU A 956 6.93 35.91 13.36
CA GLU A 956 7.19 34.60 12.80
C GLU A 956 6.34 34.34 11.57
N TYR A 957 5.04 34.65 11.66
CA TYR A 957 4.17 34.48 10.50
C TYR A 957 4.61 35.36 9.33
N GLU A 958 4.93 36.62 9.62
CA GLU A 958 5.39 37.52 8.55
C GLU A 958 6.65 36.99 7.89
N GLN A 959 7.50 36.31 8.65
CA GLN A 959 8.68 35.67 8.05
C GLN A 959 8.32 34.41 7.28
N GLN A 960 7.30 33.67 7.74
CA GLN A 960 6.90 32.46 7.04
C GLN A 960 6.16 32.80 5.75
N ILE A 961 5.19 33.71 5.82
CA ILE A 961 4.50 34.14 4.60
C ILE A 961 5.45 34.86 3.67
N ALA A 962 6.54 35.42 4.20
CA ALA A 962 7.55 36.04 3.35
C ALA A 962 8.24 35.00 2.47
N TYR A 963 8.49 33.81 3.03
CA TYR A 963 9.05 32.72 2.23
C TYR A 963 8.13 32.35 1.08
N TRP A 964 6.81 32.30 1.35
CA TRP A 964 5.87 31.92 0.31
C TRP A 964 5.71 33.02 -0.73
N LYS A 965 5.75 34.28 -0.30
CA LYS A 965 5.74 35.39 -1.25
C LYS A 965 6.93 35.31 -2.19
N THR A 966 8.13 35.21 -1.63
CA THR A 966 9.33 35.14 -2.45
C THR A 966 9.36 33.88 -3.32
N LEU A 967 8.77 32.79 -2.83
CA LEU A 967 8.82 31.53 -3.57
C LEU A 967 7.81 31.51 -4.71
N LEU A 968 6.61 32.01 -4.46
CA LEU A 968 5.47 31.93 -5.42
C LEU A 968 5.20 33.25 -6.15
N GLN A 969 6.14 34.20 -6.15
CA GLN A 969 5.93 35.46 -6.85
C GLN A 969 6.14 35.30 -8.36
N GLY A 970 7.21 34.63 -8.76
CA GLY A 970 7.51 34.44 -10.16
C GLY A 970 6.49 33.55 -10.84
N GLU A 971 6.85 33.10 -12.04
CA GLU A 971 6.01 32.19 -12.79
C GLU A 971 6.13 30.79 -12.22
N LEU A 972 5.03 30.10 -11.96
CA LEU A 972 5.10 28.80 -11.31
C LEU A 972 5.03 27.72 -12.35
N PRO A 973 5.60 26.53 -12.17
CA PRO A 973 5.50 25.52 -13.17
C PRO A 973 4.11 24.89 -13.19
N ALA A 974 3.65 24.34 -14.30
CA ALA A 974 2.34 23.68 -14.30
C ALA A 974 2.58 22.20 -14.57
N VAL A 975 1.80 21.34 -13.95
CA VAL A 975 1.98 19.89 -14.15
C VAL A 975 0.81 19.37 -14.95
N GLN A 976 0.93 19.17 -16.23
CA GLN A 976 -0.10 18.66 -17.11
C GLN A 976 -0.06 17.13 -17.08
N LEU A 977 -1.25 16.46 -16.81
CA LEU A 977 -1.20 14.97 -16.74
C LEU A 977 -1.97 14.36 -17.92
N PRO A 978 -1.71 13.10 -18.32
CA PRO A 978 -2.45 12.46 -19.41
C PRO A 978 -3.87 12.19 -18.94
N THR A 979 -4.73 13.21 -19.03
CA THR A 979 -6.16 13.21 -18.62
C THR A 979 -7.14 13.28 -19.80
N LYS A 980 -8.43 13.16 -19.55
CA LYS A 980 -9.47 13.39 -20.55
C LYS A 980 -9.86 14.87 -20.55
N LYS A 981 -10.71 15.24 -21.49
CA LYS A 981 -11.18 16.61 -21.58
C LYS A 981 -11.73 17.07 -20.24
N ARG A 982 -11.18 18.17 -19.72
CA ARG A 982 -11.58 18.65 -18.42
C ARG A 982 -13.04 19.13 -18.45
N PRO A 983 -13.81 18.86 -17.40
CA PRO A 983 -15.12 19.51 -17.28
C PRO A 983 -14.95 21.01 -17.18
N PRO A 984 -15.88 21.79 -17.74
CA PRO A 984 -15.77 23.25 -17.63
C PRO A 984 -15.52 23.74 -16.22
N GLN A 985 -16.13 23.10 -15.23
CA GLN A 985 -15.93 23.45 -13.83
C GLN A 985 -15.38 22.23 -13.07
N LEU A 986 -14.73 22.52 -11.95
CA LEU A 986 -14.17 21.46 -11.11
C LEU A 986 -15.24 20.43 -10.75
N THR A 987 -15.01 19.19 -11.14
CA THR A 987 -15.83 18.07 -10.73
C THR A 987 -15.14 17.27 -9.64
N PHE A 988 -15.93 16.50 -8.90
CA PHE A 988 -15.40 15.69 -7.80
C PHE A 988 -15.90 14.25 -7.85
N ASP A 989 -16.61 13.87 -8.91
CA ASP A 989 -16.90 12.46 -9.13
C ASP A 989 -15.58 11.72 -9.36
N GLY A 990 -15.42 10.59 -8.70
CA GLY A 990 -14.15 9.90 -8.75
C GLY A 990 -14.29 8.41 -8.49
N ALA A 991 -13.14 7.75 -8.55
CA ALA A 991 -13.03 6.33 -8.22
C ALA A 991 -11.59 6.10 -7.76
N ILE A 992 -11.35 4.94 -7.17
CA ILE A 992 -10.05 4.62 -6.61
C ILE A 992 -9.51 3.36 -7.27
N GLN A 993 -8.14 3.45 -7.62
CA GLN A 993 -7.43 2.20 -7.82
C GLN A 993 -6.31 2.14 -6.78
N MET A 994 -6.06 1.00 -6.16
CA MET A 994 -5.05 0.96 -5.06
C MET A 994 -3.83 0.14 -5.47
N TYR A 995 -2.63 0.74 -5.53
CA TYR A 995 -1.45 -0.07 -5.82
C TYR A 995 -0.80 -0.49 -4.50
N ARG A 996 -0.49 -1.77 -4.39
CA ARG A 996 0.03 -2.36 -3.17
C ARG A 996 1.55 -2.49 -3.29
N VAL A 997 2.29 -1.59 -2.62
CA VAL A 997 3.73 -1.88 -2.48
C VAL A 997 3.69 -2.99 -1.43
N ASN A 998 4.33 -4.14 -1.67
CA ASN A 998 4.46 -5.23 -0.72
C ASN A 998 5.37 -4.81 0.43
N PRO A 999 5.29 -5.50 1.57
CA PRO A 999 6.13 -5.11 2.72
C PRO A 999 7.61 -5.11 2.41
N GLU A 1000 8.09 -6.01 1.55
CA GLU A 1000 9.52 -6.08 1.26
C GLU A 1000 10.02 -4.78 0.63
N ILE A 1001 9.37 -4.35 -0.45
CA ILE A 1001 9.77 -3.11 -1.11
C ILE A 1001 9.63 -1.93 -0.15
N THR A 1002 8.55 -1.90 0.62
CA THR A 1002 8.32 -0.81 1.55
C THR A 1002 9.49 -0.65 2.51
N ARG A 1003 10.08 -1.76 2.97
CA ARG A 1003 11.23 -1.67 3.92
C ARG A 1003 12.47 -1.16 3.19
N LYS A 1004 12.60 -1.52 1.90
CA LYS A 1004 13.72 -1.09 1.02
C LYS A 1004 13.65 0.43 0.90
N LEU A 1005 12.44 0.95 0.67
CA LEU A 1005 12.16 2.40 0.58
C LEU A 1005 12.56 3.02 1.92
N LYS A 1006 12.05 2.56 3.04
CA LYS A 1006 12.40 3.12 4.34
C LYS A 1006 13.90 3.05 4.59
N ALA A 1007 14.54 1.95 4.16
CA ALA A 1007 15.98 1.83 4.35
C ALA A 1007 16.75 2.83 3.50
N THR A 1008 16.29 3.06 2.27
CA THR A 1008 16.91 4.06 1.42
C THR A 1008 16.80 5.45 2.04
N ALA A 1009 15.60 5.83 2.48
CA ALA A 1009 15.40 7.14 3.07
C ALA A 1009 16.27 7.32 4.31
N ALA A 1010 16.30 6.31 5.18
CA ALA A 1010 17.09 6.41 6.40
C ALA A 1010 18.58 6.47 6.10
N LYS A 1011 19.02 5.74 5.08
CA LYS A 1011 20.44 5.68 4.74
C LYS A 1011 21.00 7.07 4.43
N HIS A 1012 20.20 7.93 3.82
CA HIS A 1012 20.68 9.19 3.28
C HIS A 1012 19.98 10.38 3.92
N ASP A 1013 19.70 10.27 5.22
CA ASP A 1013 19.10 11.35 6.00
C ASP A 1013 17.88 11.92 5.28
N LEU A 1014 16.91 11.04 5.03
CA LEU A 1014 15.66 11.40 4.40
C LEU A 1014 14.51 10.69 5.11
N THR A 1015 13.34 11.29 5.04
CA THR A 1015 12.13 10.64 5.50
C THR A 1015 11.51 9.84 4.37
N LEU A 1016 10.73 8.81 4.73
CA LEU A 1016 9.99 8.06 3.73
C LEU A 1016 9.12 9.00 2.89
N TYR A 1017 8.58 10.04 3.51
CA TYR A 1017 7.78 11.02 2.77
C TYR A 1017 8.61 11.69 1.67
N MET A 1018 9.78 12.21 2.04
CA MET A 1018 10.68 12.79 1.04
C MET A 1018 10.96 11.81 -0.08
N LEU A 1019 11.19 10.53 0.27
CA LEU A 1019 11.45 9.51 -0.73
C LEU A 1019 10.25 9.35 -1.66
N MET A 1020 9.09 9.04 -1.09
CA MET A 1020 7.88 8.89 -1.90
C MET A 1020 7.56 10.18 -2.64
N LEU A 1021 7.80 11.32 -2.00
CA LEU A 1021 7.56 12.60 -2.65
C LEU A 1021 8.43 12.75 -3.89
N THR A 1022 9.72 12.41 -3.78
CA THR A 1022 10.61 12.50 -4.92
C THR A 1022 10.22 11.50 -6.01
N ILE A 1023 9.73 10.33 -5.62
CA ILE A 1023 9.25 9.37 -6.61
C ILE A 1023 8.00 9.89 -7.30
N VAL A 1024 7.08 10.47 -6.53
CA VAL A 1024 5.90 11.08 -7.13
C VAL A 1024 6.30 12.29 -7.98
N SER A 1025 7.29 13.05 -7.50
CA SER A 1025 7.75 14.23 -8.25
C SER A 1025 8.37 13.81 -9.57
N ILE A 1026 9.23 12.79 -9.55
CA ILE A 1026 9.80 12.26 -10.79
C ILE A 1026 8.68 11.71 -11.67
N TRP A 1027 7.79 10.90 -11.08
CA TRP A 1027 6.63 10.40 -11.80
C TRP A 1027 5.87 11.54 -12.49
N LEU A 1028 5.49 12.55 -11.71
CA LEU A 1028 4.85 13.72 -12.30
C LEU A 1028 5.77 14.41 -13.29
N SER A 1029 7.07 14.49 -12.96
CA SER A 1029 8.03 15.09 -13.88
C SER A 1029 8.05 14.34 -15.21
N LYS A 1030 8.18 13.01 -15.15
CA LYS A 1030 8.25 12.22 -16.38
C LYS A 1030 6.94 12.31 -17.16
N MET A 1031 5.80 12.31 -16.46
CA MET A 1031 4.53 12.49 -17.13
C MET A 1031 4.29 13.92 -17.58
N ASN A 1032 5.13 14.86 -17.16
CA ASN A 1032 5.04 16.25 -17.57
C ASN A 1032 6.19 16.62 -18.50
N SER A 1033 6.56 15.69 -19.38
CA SER A 1033 7.64 15.91 -20.36
C SER A 1033 8.96 16.16 -19.65
N ASP A 1034 9.18 15.44 -18.54
CA ASP A 1034 10.44 15.51 -17.79
C ASP A 1034 10.78 16.96 -17.42
N SER A 1035 9.78 17.68 -16.92
CA SER A 1035 10.00 19.05 -16.50
C SER A 1035 11.02 19.11 -15.38
N ASN A 1036 11.76 20.21 -15.30
CA ASN A 1036 12.72 20.45 -14.23
C ASN A 1036 11.94 20.92 -13.02
N GLN A 1037 10.91 21.74 -13.15
CA GLN A 1037 10.21 22.18 -11.92
C GLN A 1037 8.84 21.48 -11.81
N VAL A 1038 8.57 20.72 -10.73
CA VAL A 1038 7.25 20.12 -10.56
C VAL A 1038 6.57 20.80 -9.38
N ILE A 1039 5.27 21.03 -9.51
CA ILE A 1039 4.46 21.54 -8.41
C ILE A 1039 3.36 20.53 -8.11
N LEU A 1040 3.24 20.15 -6.84
CA LEU A 1040 2.18 19.28 -6.39
C LEU A 1040 1.84 19.65 -4.96
N GLY A 1041 0.57 19.48 -4.62
CA GLY A 1041 0.15 19.74 -3.26
C GLY A 1041 0.47 18.58 -2.35
N THR A 1042 0.57 18.89 -1.06
CA THR A 1042 0.72 17.89 -0.03
C THR A 1042 -0.10 18.34 1.18
N VAL A 1043 -0.22 17.43 2.14
CA VAL A 1043 -1.01 17.68 3.34
C VAL A 1043 -0.09 17.54 4.54
N THR A 1044 0.01 18.60 5.33
CA THR A 1044 0.69 18.56 6.62
C THR A 1044 -0.35 18.39 7.71
N ASP A 1045 0.07 17.88 8.83
CA ASP A 1045 -0.81 17.48 9.93
C ASP A 1045 -1.52 18.73 10.40
N GLY A 1046 -0.82 19.83 10.34
CA GLY A 1046 -1.44 21.14 10.64
C GLY A 1046 -1.75 21.25 12.11
N ARG A 1047 -1.00 20.52 12.95
CA ARG A 1047 -1.20 20.45 14.39
C ARG A 1047 -0.04 21.30 14.89
N GLN A 1048 -0.11 22.58 14.64
CA GLN A 1048 0.94 23.55 14.90
C GLN A 1048 1.29 23.62 16.37
N HIS A 1049 0.29 23.79 17.22
CA HIS A 1049 0.54 23.81 18.65
C HIS A 1049 0.63 22.37 19.16
N PRO A 1050 1.68 22.02 19.90
CA PRO A 1050 1.83 20.61 20.35
C PRO A 1050 0.68 20.14 21.23
N ASP A 1051 -0.15 21.04 21.74
CA ASP A 1051 -1.27 20.67 22.59
C ASP A 1051 -2.52 20.27 21.81
N THR A 1052 -2.38 20.03 20.50
CA THR A 1052 -3.52 19.68 19.65
C THR A 1052 -3.42 18.27 19.08
N ARG A 1053 -2.43 17.49 19.50
CA ARG A 1053 -2.20 16.14 18.94
C ARG A 1053 -3.43 15.27 19.18
N GLU A 1054 -4.18 15.50 20.27
CA GLU A 1054 -5.21 14.59 20.75
C GLU A 1054 -6.62 15.08 20.45
N LEU A 1055 -6.79 16.14 19.72
CA LEU A 1055 -8.11 16.73 19.48
C LEU A 1055 -8.76 16.26 18.19
N LEU A 1056 -10.03 15.90 18.19
CA LEU A 1056 -10.77 15.64 16.97
C LEU A 1056 -10.98 16.98 16.31
N GLY A 1057 -10.64 17.18 15.05
CA GLY A 1057 -10.87 18.40 14.32
C GLY A 1057 -10.05 18.41 13.05
N MET A 1058 -10.37 19.39 12.21
CA MET A 1058 -9.67 19.58 10.95
C MET A 1058 -8.46 20.48 11.21
N PHE A 1059 -7.28 19.87 11.27
CA PHE A 1059 -6.03 20.61 11.44
C PHE A 1059 -5.20 20.67 10.17
N VAL A 1060 -5.32 19.66 9.30
CA VAL A 1060 -4.33 19.46 8.25
C VAL A 1060 -4.31 20.66 7.33
N ASN A 1061 -3.11 21.14 7.06
CA ASN A 1061 -2.91 22.27 6.15
C ASN A 1061 -2.39 21.75 4.82
N THR A 1062 -2.83 22.38 3.73
CA THR A 1062 -2.39 22.02 2.40
C THR A 1062 -1.21 22.89 2.00
N LEU A 1063 -0.14 22.26 1.52
CA LEU A 1063 1.05 22.98 1.14
C LEU A 1063 1.35 22.79 -0.34
N PRO A 1064 1.73 23.85 -1.06
CA PRO A 1064 2.25 23.67 -2.42
C PRO A 1064 3.75 23.42 -2.40
N LEU A 1065 4.20 22.35 -3.03
CA LEU A 1065 5.61 21.98 -3.04
C LEU A 1065 6.19 22.32 -4.41
N LEU A 1066 7.09 23.32 -4.49
CA LEU A 1066 7.82 23.71 -5.73
C LEU A 1066 9.14 22.92 -5.75
N LEU A 1067 9.10 21.67 -6.24
CA LEU A 1067 10.24 20.77 -6.27
C LEU A 1067 10.91 20.81 -7.63
N SER A 1068 12.25 20.84 -7.70
CA SER A 1068 13.03 20.86 -8.97
C SER A 1068 13.77 19.53 -9.19
N ILE A 1069 13.29 18.68 -10.12
CA ILE A 1069 13.87 17.40 -10.50
C ILE A 1069 15.00 17.63 -11.50
N ASP A 1070 16.25 17.36 -11.17
CA ASP A 1070 17.39 17.51 -12.08
C ASP A 1070 17.66 16.16 -12.71
N HIS A 1071 17.10 15.87 -13.85
CA HIS A 1071 17.17 14.56 -14.48
C HIS A 1071 18.60 14.17 -14.85
N GLU A 1072 19.51 15.13 -14.95
CA GLU A 1072 20.91 14.83 -15.19
C GLU A 1072 21.62 14.33 -13.94
N GLU A 1073 21.07 14.62 -12.78
CA GLU A 1073 21.66 14.18 -11.52
C GLU A 1073 21.02 12.86 -11.06
N SER A 1074 21.70 12.19 -10.14
CA SER A 1074 21.24 10.90 -9.66
C SER A 1074 19.94 11.05 -8.87
N PHE A 1075 19.32 9.91 -8.58
CA PHE A 1075 18.11 9.90 -7.77
C PHE A 1075 18.38 10.48 -6.39
N LEU A 1076 19.51 10.13 -5.78
CA LEU A 1076 19.86 10.67 -4.47
C LEU A 1076 20.02 12.17 -4.52
N HIS A 1077 20.78 12.67 -5.50
CA HIS A 1077 20.96 14.11 -5.63
C HIS A 1077 19.60 14.81 -5.74
N ASN A 1078 18.69 14.14 -6.43
CA ASN A 1078 17.29 14.60 -6.62
C ASN A 1078 16.63 14.57 -5.24
N LEU A 1079 16.87 13.54 -4.43
CA LEU A 1079 16.34 13.40 -3.08
C LEU A 1079 16.84 14.53 -2.18
N GLN A 1080 18.11 14.90 -2.31
CA GLN A 1080 18.67 15.98 -1.51
C GLN A 1080 18.11 17.33 -1.95
N GLN A 1081 17.96 17.53 -3.27
CA GLN A 1081 17.37 18.76 -3.76
C GLN A 1081 15.91 18.88 -3.34
N VAL A 1082 15.14 17.79 -3.50
CA VAL A 1082 13.76 17.79 -3.03
C VAL A 1082 13.71 18.05 -1.54
N LYS A 1083 14.59 17.39 -0.78
CA LYS A 1083 14.73 17.71 0.64
C LYS A 1083 15.05 19.18 0.85
N ALA A 1084 15.97 19.73 0.04
CA ALA A 1084 16.36 21.12 0.19
C ALA A 1084 15.19 22.06 -0.09
N LYS A 1085 14.33 21.67 -1.04
CA LYS A 1085 13.16 22.48 -1.48
C LYS A 1085 11.98 22.25 -0.53
N LEU A 1086 11.90 21.06 0.10
CA LEU A 1086 10.77 20.74 0.97
C LEU A 1086 10.93 21.40 2.34
N LEU A 1087 12.12 21.30 2.93
CA LEU A 1087 12.29 21.75 4.31
C LEU A 1087 11.92 23.21 4.51
N PRO A 1088 12.30 24.15 3.63
CA PRO A 1088 11.75 25.50 3.77
C PRO A 1088 10.24 25.54 3.75
N ALA A 1089 9.61 24.73 2.89
CA ALA A 1089 8.14 24.67 2.87
C ALA A 1089 7.61 24.14 4.20
N LEU A 1090 8.19 23.05 4.70
CA LEU A 1090 7.73 22.49 5.97
C LEU A 1090 8.06 23.42 7.13
N GLN A 1091 9.09 24.25 6.99
CA GLN A 1091 9.52 25.21 8.02
C GLN A 1091 8.47 26.33 8.12
N ASN A 1092 7.90 26.70 6.97
CA ASN A 1092 6.89 27.74 6.87
C ASN A 1092 5.52 27.13 6.54
N GLN A 1093 5.27 25.99 7.16
CA GLN A 1093 4.08 25.20 6.85
C GLN A 1093 2.80 25.68 7.44
N TYR A 1094 2.90 26.56 8.39
CA TYR A 1094 1.74 26.97 9.16
C TYR A 1094 1.12 28.26 8.64
N VAL A 1095 1.37 28.62 7.39
CA VAL A 1095 0.61 29.64 6.69
C VAL A 1095 -0.59 28.96 6.05
N PRO A 1096 -1.82 29.32 6.41
CA PRO A 1096 -2.97 28.64 5.80
C PRO A 1096 -2.87 28.65 4.28
N PHE A 1097 -3.27 27.53 3.67
CA PHE A 1097 -3.17 27.41 2.22
C PHE A 1097 -3.82 28.59 1.52
N ASP A 1098 -4.96 29.07 2.05
CA ASP A 1098 -5.63 30.19 1.42
C ASP A 1098 -4.80 31.46 1.48
N LYS A 1099 -4.00 31.63 2.54
CA LYS A 1099 -3.11 32.79 2.61
C LYS A 1099 -1.84 32.60 1.80
N ILE A 1100 -1.43 31.35 1.57
CA ILE A 1100 -0.36 31.10 0.61
C ILE A 1100 -0.84 31.45 -0.79
N LEU A 1101 -2.13 31.28 -1.07
CA LEU A 1101 -2.67 31.68 -2.37
C LEU A 1101 -2.62 33.19 -2.54
N GLU A 1102 -2.98 33.95 -1.49
CA GLU A 1102 -2.85 35.40 -1.54
C GLU A 1102 -1.41 35.80 -1.83
N ALA A 1103 -0.48 35.32 -1.00
CA ALA A 1103 0.92 35.67 -1.18
C ALA A 1103 1.46 35.27 -2.55
N ALA A 1104 0.84 34.30 -3.20
CA ALA A 1104 1.32 33.81 -4.49
C ALA A 1104 0.68 34.53 -5.68
N ARG A 1105 -0.19 35.51 -5.43
CA ARG A 1105 -0.91 36.19 -6.50
C ARG A 1105 -1.77 35.22 -7.30
N VAL A 1106 -2.27 34.17 -6.65
CA VAL A 1106 -3.09 33.15 -7.29
C VAL A 1106 -4.42 33.07 -6.57
N LYS A 1107 -5.48 32.77 -7.33
CA LYS A 1107 -6.83 32.72 -6.80
C LYS A 1107 -7.54 31.51 -7.38
N ARG A 1108 -8.56 31.04 -6.66
CA ARG A 1108 -9.33 29.87 -7.05
C ARG A 1108 -10.16 30.19 -8.28
N GLU A 1109 -9.76 29.67 -9.44
CA GLU A 1109 -10.43 29.96 -10.70
C GLU A 1109 -10.49 28.72 -11.57
N GLY A 1110 -11.58 28.59 -12.31
CA GLY A 1110 -11.65 27.65 -13.41
C GLY A 1110 -11.76 26.20 -13.01
N ASN A 1111 -11.46 25.34 -13.98
CA ASN A 1111 -11.56 23.89 -13.85
C ASN A 1111 -10.32 23.26 -13.24
N ARG A 1112 -9.34 24.03 -12.85
CA ARG A 1112 -8.13 23.50 -12.23
C ARG A 1112 -8.10 23.95 -10.78
N HIS A 1113 -7.43 23.22 -9.95
CA HIS A 1113 -7.25 23.61 -8.56
C HIS A 1113 -6.10 24.63 -8.45
N PRO A 1114 -6.14 25.49 -7.43
CA PRO A 1114 -5.33 26.71 -7.46
C PRO A 1114 -3.85 26.69 -7.84
N LEU A 1115 -3.05 25.88 -7.16
CA LEU A 1115 -1.60 25.88 -7.37
C LEU A 1115 -1.19 24.53 -7.95
N PHE A 1116 -1.96 23.49 -7.68
CA PHE A 1116 -1.59 22.13 -8.07
C PHE A 1116 -2.87 21.38 -8.40
N ASP A 1117 -2.76 20.38 -9.31
CA ASP A 1117 -3.87 19.46 -9.68
C ASP A 1117 -3.65 18.08 -9.05
N VAL A 1118 -2.43 17.74 -8.61
CA VAL A 1118 -2.14 16.44 -8.02
C VAL A 1118 -1.84 16.66 -6.54
N MET A 1119 -2.59 15.96 -5.69
CA MET A 1119 -2.33 15.95 -4.25
C MET A 1119 -1.53 14.70 -3.93
N PHE A 1120 -0.48 14.86 -3.11
CA PHE A 1120 0.25 13.73 -2.56
C PHE A 1120 0.05 13.75 -1.05
N MET A 1121 -0.73 12.80 -0.56
CA MET A 1121 -0.96 12.62 0.87
C MET A 1121 -0.19 11.40 1.36
N MET A 1122 0.17 11.45 2.62
CA MET A 1122 0.90 10.37 3.22
C MET A 1122 0.54 10.33 4.69
N GLN A 1123 0.04 9.22 5.20
CA GLN A 1123 -0.24 9.02 6.60
C GLN A 1123 0.40 7.70 7.04
N GLY A 1124 1.09 7.72 8.16
CA GLY A 1124 1.79 6.55 8.65
C GLY A 1124 0.88 5.38 8.92
N ALA A 1125 1.42 4.33 9.52
CA ALA A 1125 0.64 3.14 9.81
C ALA A 1125 -0.45 3.45 10.83
N PRO A 1126 -1.53 2.66 10.85
CA PRO A 1126 -2.55 2.87 11.88
C PRO A 1126 -1.97 2.70 13.26
N GLU A 1127 -2.49 3.50 14.21
CA GLU A 1127 -2.04 3.42 15.58
C GLU A 1127 -2.64 2.25 16.34
N THR A 1128 -3.72 1.65 15.83
CA THR A 1128 -4.44 0.62 16.57
C THR A 1128 -5.00 -0.41 15.60
N GLU A 1129 -5.35 -1.58 16.14
CA GLU A 1129 -5.94 -2.64 15.33
C GLU A 1129 -7.26 -2.17 14.70
N LEU A 1130 -8.13 -1.54 15.50
CA LEU A 1130 -9.39 -1.07 14.96
C LEU A 1130 -9.17 -0.13 13.78
N GLU A 1131 -8.22 0.80 13.91
CA GLU A 1131 -7.90 1.67 12.78
C GLU A 1131 -7.41 0.87 11.58
N SER A 1132 -6.68 -0.23 11.83
CA SER A 1132 -6.22 -1.07 10.73
C SER A 1132 -7.38 -1.74 10.02
N ASN A 1133 -8.36 -2.23 10.77
CA ASN A 1133 -9.53 -2.88 10.19
C ASN A 1133 -10.58 -1.88 9.72
N MET A 1134 -10.27 -0.61 9.71
CA MET A 1134 -11.18 0.44 9.24
C MET A 1134 -10.93 0.58 7.75
N HIS A 1135 -11.92 0.34 6.91
CA HIS A 1135 -11.80 0.35 5.43
C HIS A 1135 -12.35 1.68 4.90
N HIS A 1136 -11.49 2.66 4.59
CA HIS A 1136 -11.90 3.95 4.07
C HIS A 1136 -12.78 3.75 2.85
N ILE A 1137 -14.04 4.15 2.95
CA ILE A 1137 -15.00 3.99 1.87
C ILE A 1137 -14.98 5.26 1.03
N ASN A 1138 -14.51 5.14 -0.20
CA ASN A 1138 -14.60 6.23 -1.16
C ASN A 1138 -15.97 6.18 -1.83
N ALA A 1139 -16.78 7.21 -1.61
CA ALA A 1139 -18.12 7.26 -2.18
C ALA A 1139 -18.13 7.81 -3.60
N GLY A 1140 -17.16 7.40 -4.42
CA GLY A 1140 -17.04 7.91 -5.77
C GLY A 1140 -16.65 9.37 -5.78
N ILE A 1141 -15.58 9.71 -5.07
CA ILE A 1141 -15.16 11.09 -4.87
C ILE A 1141 -13.68 11.22 -5.20
N SER A 1142 -13.33 12.35 -5.81
CA SER A 1142 -11.93 12.70 -6.07
C SER A 1142 -11.79 14.20 -5.83
N LYS A 1143 -11.14 14.58 -4.73
CA LYS A 1143 -11.03 15.98 -4.37
C LYS A 1143 -10.16 16.76 -5.35
N PHE A 1144 -9.26 16.09 -6.06
CA PHE A 1144 -8.42 16.71 -7.08
C PHE A 1144 -8.49 15.87 -8.34
N ASP A 1145 -7.78 16.30 -9.37
CA ASP A 1145 -7.58 15.53 -10.59
C ASP A 1145 -7.11 14.13 -10.23
N LEU A 1146 -6.11 14.05 -9.34
CA LEU A 1146 -5.52 12.80 -8.92
C LEU A 1146 -4.94 13.01 -7.53
N THR A 1147 -5.16 12.03 -6.66
CA THR A 1147 -4.59 12.04 -5.32
C THR A 1147 -3.87 10.73 -5.11
N LEU A 1148 -2.57 10.80 -4.82
CA LEU A 1148 -1.79 9.65 -4.42
C LEU A 1148 -1.72 9.66 -2.90
N GLU A 1149 -2.43 8.75 -2.27
CA GLU A 1149 -2.46 8.62 -0.82
C GLU A 1149 -1.72 7.34 -0.47
N VAL A 1150 -0.45 7.46 -0.19
CA VAL A 1150 0.36 6.33 0.27
C VAL A 1150 -0.08 6.05 1.71
N LEU A 1151 -0.60 4.88 2.01
CA LEU A 1151 -1.06 4.47 3.33
C LEU A 1151 -0.25 3.27 3.77
N GLU A 1152 0.49 3.42 4.85
CA GLU A 1152 1.20 2.28 5.44
C GLU A 1152 0.17 1.33 6.04
N ARG A 1153 -0.05 0.20 5.38
CA ARG A 1153 -1.00 -0.81 5.82
C ARG A 1153 -0.35 -2.17 5.74
N GLU A 1154 -0.45 -2.95 6.82
CA GLU A 1154 0.07 -4.31 6.86
C GLU A 1154 1.53 -4.36 6.40
N ASN A 1155 2.31 -3.38 6.86
CA ASN A 1155 3.74 -3.27 6.61
C ASN A 1155 4.08 -2.93 5.17
N GLY A 1156 3.09 -2.83 4.29
CA GLY A 1156 3.28 -2.31 2.95
C GLY A 1156 2.73 -0.90 2.82
N LEU A 1157 2.67 -0.44 1.57
CA LEU A 1157 2.08 0.85 1.24
C LEU A 1157 0.88 0.62 0.33
N ASN A 1158 -0.30 0.98 0.80
CA ASN A 1158 -1.50 1.02 -0.04
C ASN A 1158 -1.53 2.36 -0.73
N ILE A 1159 -1.02 2.41 -1.96
CA ILE A 1159 -0.98 3.66 -2.72
C ILE A 1159 -2.33 3.76 -3.43
N VAL A 1160 -3.26 4.45 -2.79
CA VAL A 1160 -4.60 4.66 -3.35
C VAL A 1160 -4.53 5.79 -4.36
N PHE A 1161 -4.86 5.50 -5.61
CA PHE A 1161 -4.98 6.50 -6.66
C PHE A 1161 -6.44 6.93 -6.72
N GLU A 1162 -6.76 8.00 -5.99
CA GLU A 1162 -8.10 8.61 -6.05
C GLU A 1162 -8.09 9.59 -7.22
N TYR A 1163 -8.88 9.28 -8.21
CA TYR A 1163 -8.84 10.06 -9.46
C TYR A 1163 -10.22 10.51 -9.91
N ASN A 1164 -10.25 11.63 -10.62
CA ASN A 1164 -11.50 12.16 -11.15
C ASN A 1164 -11.97 11.30 -12.32
N THR A 1165 -13.18 10.74 -12.20
CA THR A 1165 -13.69 9.84 -13.22
C THR A 1165 -13.95 10.54 -14.55
N HIS A 1166 -14.12 11.86 -14.54
CA HIS A 1166 -14.23 12.61 -15.78
C HIS A 1166 -12.87 12.87 -16.42
N LEU A 1167 -11.78 12.74 -15.66
CA LEU A 1167 -10.44 12.98 -16.18
C LEU A 1167 -9.69 11.71 -16.53
N PHE A 1168 -10.05 10.57 -15.98
CA PHE A 1168 -9.34 9.32 -16.23
C PHE A 1168 -10.33 8.14 -16.37
N ASP A 1169 -10.23 7.33 -17.42
CA ASP A 1169 -10.97 6.06 -17.59
C ASP A 1169 -10.29 5.04 -16.68
N GLU A 1170 -11.01 4.03 -16.21
CA GLU A 1170 -10.45 2.99 -15.37
C GLU A 1170 -9.17 2.43 -15.98
N GLY A 1171 -9.11 2.33 -17.31
CA GLY A 1171 -7.91 1.84 -17.97
C GLY A 1171 -6.77 2.82 -17.93
N MET A 1172 -7.10 4.10 -18.03
CA MET A 1172 -6.14 5.21 -17.94
C MET A 1172 -5.59 5.22 -16.52
N ILE A 1173 -6.37 4.86 -15.47
CA ILE A 1173 -5.71 4.88 -14.14
C ILE A 1173 -4.91 3.59 -13.96
N LEU A 1174 -5.36 2.47 -14.53
CA LEU A 1174 -4.71 1.14 -14.39
C LEU A 1174 -3.29 1.23 -14.95
N ARG A 1175 -3.10 2.02 -16.02
CA ARG A 1175 -1.82 2.26 -16.68
C ARG A 1175 -0.93 3.16 -15.84
N MET A 1176 -1.39 4.38 -15.48
CA MET A 1176 -0.64 5.35 -14.61
C MET A 1176 -0.18 4.71 -13.27
N VAL A 1177 -1.02 3.82 -12.74
CA VAL A 1177 -0.89 2.92 -11.56
C VAL A 1177 0.27 1.98 -11.87
N ALA A 1178 0.23 1.30 -13.02
CA ALA A 1178 1.32 0.41 -13.42
C ALA A 1178 2.60 1.20 -13.66
N GLN A 1179 2.49 2.38 -14.27
CA GLN A 1179 3.67 3.21 -14.50
C GLN A 1179 4.32 3.62 -13.19
N PHE A 1180 3.52 4.10 -12.23
CA PHE A 1180 4.07 4.50 -10.95
C PHE A 1180 4.80 3.34 -10.28
N GLU A 1181 4.19 2.15 -10.28
CA GLU A 1181 4.85 0.98 -9.73
C GLU A 1181 6.18 0.74 -10.44
N HIS A 1182 6.16 0.69 -11.77
CA HIS A 1182 7.40 0.49 -12.52
C HIS A 1182 8.44 1.54 -12.15
N LEU A 1183 8.05 2.77 -11.97
CA LEU A 1183 8.97 3.87 -11.63
C LEU A 1183 9.47 3.79 -10.22
N LEU A 1184 8.61 3.34 -9.29
CA LEU A 1184 8.96 3.21 -7.85
C LEU A 1184 9.97 2.08 -7.71
N LEU A 1185 9.82 1.05 -8.55
CA LEU A 1185 10.72 -0.11 -8.53
C LEU A 1185 12.05 0.28 -9.16
N GLN A 1186 12.06 1.26 -10.05
CA GLN A 1186 13.30 1.69 -10.75
C GLN A 1186 14.08 2.65 -9.83
N ALA A 1187 13.40 3.36 -8.92
CA ALA A 1187 14.07 4.29 -8.01
C ALA A 1187 14.74 3.54 -6.85
N VAL A 1188 14.06 2.54 -6.37
CA VAL A 1188 14.51 1.75 -5.23
C VAL A 1188 15.75 0.95 -5.63
N HIS A 1189 15.91 0.61 -6.90
CA HIS A 1189 17.02 -0.14 -7.44
C HIS A 1189 18.01 0.72 -8.21
N GLY A 1190 17.73 2.02 -8.34
CA GLY A 1190 18.61 2.92 -9.07
C GLY A 1190 18.93 4.17 -8.27
N LEU A 1191 19.40 3.99 -7.03
CA LEU A 1191 19.76 5.09 -6.09
C LEU A 1191 20.78 6.04 -6.72
N ASP A 1192 21.80 5.51 -7.42
CA ASP A 1192 22.86 6.32 -8.00
C ASP A 1192 22.66 6.60 -9.49
N GLN A 1193 21.61 6.05 -10.09
CA GLN A 1193 21.35 6.28 -11.51
C GLN A 1193 20.73 7.66 -11.73
N GLN A 1194 21.05 8.25 -12.88
CA GLN A 1194 20.45 9.51 -13.26
C GLN A 1194 18.96 9.33 -13.47
N VAL A 1195 18.16 10.28 -12.96
CA VAL A 1195 16.71 10.17 -13.07
C VAL A 1195 16.28 10.07 -14.51
N LYS A 1196 17.01 10.72 -15.43
CA LYS A 1196 16.72 10.61 -16.85
C LYS A 1196 16.69 9.15 -17.32
N ARG A 1197 17.38 8.26 -16.60
CA ARG A 1197 17.45 6.86 -16.99
C ARG A 1197 16.25 6.03 -16.51
N PHE A 1198 15.37 6.60 -15.70
CA PHE A 1198 14.23 5.87 -15.19
C PHE A 1198 13.13 5.84 -16.24
N GLU A 1199 12.68 4.63 -16.61
CA GLU A 1199 11.61 4.48 -17.57
C GLU A 1199 10.26 4.69 -16.90
N LEU A 1200 9.34 5.31 -17.64
CA LEU A 1200 7.95 5.46 -17.21
C LEU A 1200 7.04 4.39 -17.80
N VAL A 1201 7.23 4.05 -19.06
CA VAL A 1201 6.41 3.04 -19.72
C VAL A 1201 6.86 1.66 -19.25
N THR A 1202 5.88 0.81 -18.96
CA THR A 1202 6.17 -0.56 -18.52
C THR A 1202 6.38 -1.47 -19.72
N GLU A 1203 7.07 -2.59 -19.48
CA GLU A 1203 7.31 -3.54 -20.56
C GLU A 1203 5.99 -4.05 -21.13
N ASP A 1204 4.99 -4.30 -20.29
CA ASP A 1204 3.69 -4.71 -20.78
C ASP A 1204 3.03 -3.62 -21.62
N GLU A 1205 3.26 -2.35 -21.27
CA GLU A 1205 2.73 -1.26 -22.08
C GLU A 1205 3.42 -1.20 -23.43
N LYS A 1206 4.74 -1.46 -23.47
CA LYS A 1206 5.45 -1.48 -24.74
C LYS A 1206 4.95 -2.63 -25.62
N ARG A 1207 4.77 -3.82 -25.04
CA ARG A 1207 4.27 -4.96 -25.80
C ARG A 1207 2.88 -4.66 -26.37
N ASP A 1208 1.97 -4.19 -25.52
CA ASP A 1208 0.63 -3.86 -26.00
C ASP A 1208 0.67 -2.70 -26.99
N LEU A 1209 1.56 -1.73 -26.76
CA LEU A 1209 1.69 -0.62 -27.70
C LEU A 1209 2.12 -1.13 -29.07
N PHE A 1210 3.11 -2.03 -29.11
CA PHE A 1210 3.47 -2.69 -30.36
C PHE A 1210 2.28 -3.46 -30.92
N LEU A 1211 1.66 -4.29 -30.08
CA LEU A 1211 0.55 -5.13 -30.54
C LEU A 1211 -0.58 -4.28 -31.11
N ARG A 1212 -0.87 -3.15 -30.48
CA ARG A 1212 -2.00 -2.31 -30.87
C ARG A 1212 -1.64 -1.26 -31.92
N VAL A 1213 -0.37 -0.93 -32.08
CA VAL A 1213 0.05 0.17 -32.96
C VAL A 1213 1.07 -0.29 -33.99
N ASN A 1214 2.05 -1.09 -33.60
CA ASN A 1214 3.20 -1.39 -34.46
C ASN A 1214 3.28 -2.85 -34.89
N ASP A 1215 2.22 -3.64 -34.70
CA ASP A 1215 2.19 -5.00 -35.25
C ASP A 1215 1.79 -4.91 -36.73
N THR A 1216 2.71 -4.33 -37.50
CA THR A 1216 2.44 -3.98 -38.88
C THR A 1216 3.20 -4.85 -39.89
N ALA A 1217 3.88 -5.89 -39.42
CA ALA A 1217 4.67 -6.74 -40.31
C ALA A 1217 3.77 -7.43 -41.34
N LYS A 1218 3.89 -7.02 -42.60
CA LYS A 1218 3.17 -7.64 -43.70
C LYS A 1218 4.12 -7.76 -44.88
N ALA A 1219 4.53 -8.99 -45.20
CA ALA A 1219 5.48 -9.20 -46.28
C ALA A 1219 4.91 -8.66 -47.59
N TYR A 1220 5.75 -7.94 -48.34
CA TYR A 1220 5.36 -7.34 -49.61
C TYR A 1220 6.34 -7.72 -50.69
N PRO A 1221 5.89 -7.84 -51.94
CA PRO A 1221 6.82 -8.13 -53.04
C PRO A 1221 7.87 -7.04 -53.18
N ASN A 1222 9.12 -7.46 -53.36
CA ASN A 1222 10.23 -6.53 -53.53
C ASN A 1222 10.43 -6.13 -55.00
N LYS A 1223 9.60 -6.62 -55.90
CA LYS A 1223 9.70 -6.22 -57.30
C LYS A 1223 9.50 -4.72 -57.42
N LEU A 1224 10.46 -4.01 -58.06
CA LEU A 1224 10.51 -2.54 -58.14
C LEU A 1224 9.29 -1.96 -58.86
N ILE A 1225 8.98 -0.71 -58.54
CA ILE A 1225 7.78 0.04 -59.04
C ILE A 1225 7.75 0.13 -60.57
N MET A 1226 8.90 0.24 -61.25
CA MET A 1226 8.90 0.24 -62.72
C MET A 1226 8.85 -1.17 -63.28
N SER A 1227 9.43 -2.14 -62.56
CA SER A 1227 9.22 -3.54 -62.93
C SER A 1227 7.73 -3.88 -62.93
N MET A 1228 7.01 -3.29 -61.96
CA MET A 1228 5.54 -3.44 -61.82
C MET A 1228 4.86 -2.70 -62.97
N LEU A 1229 5.50 -1.52 -63.43
CA LEU A 1229 4.92 -0.83 -64.61
C LEU A 1229 5.10 -1.73 -65.83
N GLU A 1230 6.25 -2.39 -65.96
CA GLU A 1230 6.61 -3.23 -67.13
C GLU A 1230 5.58 -4.34 -67.31
N ASP A 1231 5.36 -5.14 -66.25
CA ASP A 1231 4.45 -6.32 -66.29
C ASP A 1231 3.09 -5.90 -66.86
N TRP A 1232 2.52 -4.79 -66.39
CA TRP A 1232 1.17 -4.35 -66.80
C TRP A 1232 1.16 -3.95 -68.27
N ALA A 1233 2.18 -3.29 -68.82
CA ALA A 1233 2.13 -3.05 -70.26
C ALA A 1233 2.31 -4.32 -71.06
N ALA A 1234 2.88 -5.36 -70.47
CA ALA A 1234 3.08 -6.63 -71.17
C ALA A 1234 1.85 -7.53 -71.08
N ALA A 1235 1.15 -7.50 -69.95
CA ALA A 1235 -0.03 -8.36 -69.77
C ALA A 1235 -1.27 -7.73 -70.38
N THR A 1236 -1.49 -6.44 -70.13
CA THR A 1236 -2.63 -5.70 -70.67
C THR A 1236 -2.13 -4.43 -71.32
N PRO A 1237 -1.43 -4.54 -72.45
CA PRO A 1237 -0.82 -3.35 -73.07
C PRO A 1237 -1.80 -2.20 -73.31
N ASP A 1238 -2.98 -2.51 -73.84
CA ASP A 1238 -3.90 -1.48 -74.40
C ASP A 1238 -4.82 -0.82 -73.39
N LYS A 1239 -4.77 -1.18 -72.12
CA LYS A 1239 -5.69 -0.58 -71.13
C LYS A 1239 -5.30 0.89 -70.83
N THR A 1240 -6.25 1.69 -70.36
CA THR A 1240 -6.02 3.14 -70.10
C THR A 1240 -5.07 3.29 -68.90
N ALA A 1241 -3.89 3.92 -69.05
CA ALA A 1241 -2.99 4.10 -67.92
C ALA A 1241 -2.91 5.52 -67.42
N LEU A 1242 -2.86 6.52 -68.30
CA LEU A 1242 -2.80 7.92 -67.91
C LEU A 1242 -3.93 8.67 -68.57
N VAL A 1243 -4.36 9.77 -67.93
CA VAL A 1243 -5.45 10.58 -68.45
C VAL A 1243 -5.19 12.05 -68.14
N PHE A 1244 -4.69 12.79 -69.12
CA PHE A 1244 -4.45 14.22 -69.00
C PHE A 1244 -5.33 14.92 -70.03
N ARG A 1245 -6.48 15.42 -69.60
CA ARG A 1245 -7.40 16.10 -70.49
C ARG A 1245 -7.80 15.17 -71.64
N GLU A 1246 -7.42 15.48 -72.87
CA GLU A 1246 -7.77 14.60 -73.98
C GLU A 1246 -6.81 13.43 -74.14
N GLN A 1247 -5.63 13.47 -73.51
CA GLN A 1247 -4.69 12.37 -73.60
C GLN A 1247 -5.16 11.22 -72.71
N ARG A 1248 -5.22 10.02 -73.29
CA ARG A 1248 -5.57 8.80 -72.56
C ARG A 1248 -4.53 7.72 -72.86
N VAL A 1249 -3.29 7.99 -72.46
CA VAL A 1249 -2.20 7.07 -72.73
C VAL A 1249 -2.49 5.70 -72.14
N THR A 1250 -2.12 4.66 -72.87
CA THR A 1250 -2.27 3.29 -72.41
C THR A 1250 -0.98 2.82 -71.73
N TYR A 1251 -1.06 1.61 -71.16
CA TYR A 1251 0.12 1.05 -70.50
C TYR A 1251 1.25 0.80 -71.50
N ARG A 1252 0.91 0.36 -72.71
CA ARG A 1252 1.95 0.13 -73.70
C ARG A 1252 2.52 1.44 -74.23
N GLU A 1253 1.66 2.44 -74.43
CA GLU A 1253 2.14 3.74 -74.89
C GLU A 1253 3.03 4.41 -73.85
N LEU A 1254 2.65 4.33 -72.58
CA LEU A 1254 3.45 4.94 -71.53
C LEU A 1254 4.79 4.24 -71.36
N ASN A 1255 4.77 2.91 -71.25
CA ASN A 1255 5.99 2.17 -70.94
C ASN A 1255 7.08 2.41 -71.98
N GLU A 1256 6.70 2.47 -73.26
CA GLU A 1256 7.71 2.59 -74.31
C GLU A 1256 8.36 3.96 -74.29
N ARG A 1257 7.53 4.99 -74.14
CA ARG A 1257 7.96 6.41 -74.03
C ARG A 1257 9.01 6.48 -72.91
N VAL A 1258 8.73 5.77 -71.80
CA VAL A 1258 9.60 5.68 -70.60
C VAL A 1258 10.89 4.96 -71.00
N ASN A 1259 10.79 3.85 -71.75
CA ASN A 1259 11.96 3.09 -72.19
C ASN A 1259 12.87 3.95 -73.06
N GLN A 1260 12.29 4.79 -73.92
CA GLN A 1260 13.09 5.70 -74.74
C GLN A 1260 13.93 6.62 -73.86
N LEU A 1261 13.26 7.33 -72.96
CA LEU A 1261 13.92 8.32 -72.10
C LEU A 1261 14.93 7.65 -71.18
N ALA A 1262 14.70 6.40 -70.84
CA ALA A 1262 15.60 5.67 -69.96
C ALA A 1262 16.96 5.44 -70.61
N HIS A 1263 16.98 5.15 -71.92
CA HIS A 1263 18.23 4.80 -72.58
C HIS A 1263 19.17 6.01 -72.66
N THR A 1264 18.58 7.12 -73.06
CA THR A 1264 19.17 8.47 -73.14
C THR A 1264 20.03 8.64 -71.88
N LEU A 1265 19.41 8.48 -70.71
CA LEU A 1265 19.98 8.63 -69.34
C LEU A 1265 21.13 7.66 -69.17
N ARG A 1266 20.93 6.37 -69.44
CA ARG A 1266 22.01 5.41 -69.29
C ARG A 1266 23.18 5.74 -70.22
N GLU A 1267 22.90 6.32 -71.38
CA GLU A 1267 23.95 6.72 -72.31
C GLU A 1267 24.77 7.90 -71.78
N LYS A 1268 24.31 8.56 -70.72
CA LYS A 1268 25.00 9.70 -70.14
C LYS A 1268 25.46 9.41 -68.71
N GLY A 1269 25.86 8.16 -68.47
CA GLY A 1269 26.44 7.77 -67.20
C GLY A 1269 25.51 7.95 -66.01
N VAL A 1270 24.35 7.28 -65.98
CA VAL A 1270 23.39 7.33 -64.84
C VAL A 1270 23.42 5.99 -64.10
N GLN A 1271 24.35 5.80 -63.15
CA GLN A 1271 24.42 4.63 -62.29
C GLN A 1271 23.45 4.78 -61.13
N PRO A 1272 23.23 3.72 -60.35
CA PRO A 1272 22.37 3.87 -59.18
C PRO A 1272 22.91 4.94 -58.23
N ASP A 1273 22.04 5.55 -57.42
CA ASP A 1273 22.29 6.68 -56.46
C ASP A 1273 22.61 7.96 -57.22
N ASP A 1274 23.02 7.90 -58.49
CA ASP A 1274 23.18 9.12 -59.28
C ASP A 1274 21.90 9.94 -59.22
N LEU A 1275 22.06 11.23 -59.04
CA LEU A 1275 20.91 12.08 -58.81
C LEU A 1275 20.59 12.81 -60.07
N VAL A 1276 19.51 12.46 -60.76
CA VAL A 1276 19.00 13.18 -61.97
C VAL A 1276 18.11 14.32 -61.42
N MET A 1277 17.98 15.48 -62.08
CA MET A 1277 17.07 16.50 -61.53
C MET A 1277 15.90 16.77 -62.47
N LEU A 1278 14.73 17.05 -61.91
CA LEU A 1278 13.48 17.30 -62.63
C LEU A 1278 12.99 18.69 -62.26
N MET A 1279 12.45 19.41 -63.21
CA MET A 1279 11.69 20.64 -62.98
C MET A 1279 10.68 20.78 -64.11
N ALA A 1280 9.86 19.75 -64.29
CA ALA A 1280 8.83 19.71 -65.32
C ALA A 1280 7.47 19.70 -64.64
N GLU A 1281 6.64 20.74 -64.83
CA GLU A 1281 5.31 20.84 -64.18
C GLU A 1281 4.33 19.83 -64.75
N ARG A 1282 3.32 19.52 -63.95
CA ARG A 1282 2.29 18.48 -64.18
C ARG A 1282 2.18 18.44 -65.71
N SER A 1283 2.50 17.29 -66.30
CA SER A 1283 2.38 16.96 -67.74
C SER A 1283 2.78 15.48 -67.85
N VAL A 1284 2.38 14.82 -68.92
CA VAL A 1284 2.79 13.40 -69.11
C VAL A 1284 4.30 13.36 -69.10
N GLU A 1285 4.94 14.40 -69.62
CA GLU A 1285 6.42 14.48 -69.67
C GLU A 1285 6.95 14.16 -68.27
N MET A 1286 6.33 14.64 -67.19
CA MET A 1286 6.75 14.36 -65.82
C MET A 1286 6.76 12.87 -65.55
N MET A 1287 5.65 12.19 -65.83
CA MET A 1287 5.59 10.74 -65.63
C MET A 1287 6.67 10.04 -66.44
N VAL A 1288 6.89 10.53 -67.65
CA VAL A 1288 7.87 9.89 -68.52
C VAL A 1288 9.22 10.09 -67.85
N ALA A 1289 9.43 11.28 -67.37
CA ALA A 1289 10.71 11.61 -66.74
C ALA A 1289 10.94 10.77 -65.50
N ILE A 1290 9.92 10.62 -64.66
CA ILE A 1290 10.08 9.93 -63.39
C ILE A 1290 10.36 8.45 -63.61
N PHE A 1291 9.36 7.82 -64.27
CA PHE A 1291 9.26 6.36 -64.50
C PHE A 1291 10.51 5.91 -65.23
N ALA A 1292 11.08 6.79 -66.05
CA ALA A 1292 12.29 6.43 -66.79
C ALA A 1292 13.57 6.84 -66.06
N VAL A 1293 13.54 7.86 -65.19
CA VAL A 1293 14.71 8.19 -64.31
C VAL A 1293 14.92 6.94 -63.46
N LEU A 1294 13.80 6.42 -62.95
CA LEU A 1294 13.75 5.20 -62.15
C LEU A 1294 14.34 4.03 -62.93
N LYS A 1295 13.91 3.87 -64.19
CA LYS A 1295 14.43 2.78 -65.07
C LYS A 1295 15.93 3.00 -65.28
N ALA A 1296 16.37 4.24 -65.51
CA ALA A 1296 17.78 4.52 -65.76
C ALA A 1296 18.64 4.05 -64.60
N GLY A 1297 18.19 4.28 -63.38
CA GLY A 1297 18.93 3.85 -62.20
C GLY A 1297 19.07 4.96 -61.17
N GLY A 1298 19.09 6.20 -61.63
CA GLY A 1298 19.28 7.32 -60.73
C GLY A 1298 17.98 7.76 -60.07
N ALA A 1299 18.14 8.65 -59.09
CA ALA A 1299 17.01 9.21 -58.36
C ALA A 1299 16.55 10.50 -59.04
N TYR A 1300 15.26 10.80 -58.93
CA TYR A 1300 14.68 12.03 -59.49
C TYR A 1300 14.59 13.10 -58.38
N LEU A 1301 15.20 14.28 -58.54
CA LEU A 1301 15.19 15.39 -57.56
C LEU A 1301 14.27 16.48 -58.07
N PRO A 1302 12.96 16.54 -57.79
CA PRO A 1302 12.08 17.59 -58.27
C PRO A 1302 12.45 19.00 -57.90
N ILE A 1303 12.23 19.95 -58.81
CA ILE A 1303 12.43 21.37 -58.44
C ILE A 1303 11.21 22.10 -59.02
N ASP A 1304 10.85 23.21 -58.41
CA ASP A 1304 9.75 24.06 -58.85
C ASP A 1304 10.28 25.09 -59.85
N PRO A 1305 9.79 25.09 -61.09
CA PRO A 1305 10.26 26.11 -62.05
C PRO A 1305 10.02 27.54 -61.60
N HIS A 1306 9.10 27.76 -60.65
CA HIS A 1306 8.77 29.11 -60.19
C HIS A 1306 9.59 29.53 -58.98
N SER A 1307 10.65 28.76 -58.62
CA SER A 1307 11.47 29.12 -57.46
C SER A 1307 12.60 30.05 -57.87
N PRO A 1308 13.07 30.89 -56.96
CA PRO A 1308 14.19 31.79 -57.29
C PRO A 1308 15.40 31.02 -57.80
N ALA A 1309 16.23 31.71 -58.59
CA ALA A 1309 17.40 31.05 -59.18
C ALA A 1309 18.48 30.76 -58.15
N GLU A 1310 18.54 31.54 -57.06
CA GLU A 1310 19.54 31.29 -56.04
C GLU A 1310 19.36 29.92 -55.41
N ARG A 1311 18.12 29.42 -55.37
CA ARG A 1311 17.86 28.13 -54.75
C ARG A 1311 18.11 26.98 -55.71
N ILE A 1312 17.70 27.15 -56.98
CA ILE A 1312 17.96 26.12 -57.99
C ILE A 1312 19.47 25.92 -58.14
N ALA A 1313 20.24 27.01 -58.09
CA ALA A 1313 21.70 26.89 -58.09
C ALA A 1313 22.19 26.26 -56.79
N TYR A 1314 21.55 26.62 -55.67
CA TYR A 1314 21.90 26.00 -54.39
C TYR A 1314 21.57 24.51 -54.40
N ILE A 1315 20.34 24.16 -54.78
CA ILE A 1315 19.93 22.76 -54.77
C ILE A 1315 20.84 21.93 -55.67
N PHE A 1316 21.10 22.44 -56.88
CA PHE A 1316 21.96 21.75 -57.89
C PHE A 1316 23.38 21.62 -57.36
N ALA A 1317 23.94 22.69 -56.78
CA ALA A 1317 25.31 22.66 -56.26
C ALA A 1317 25.42 21.74 -55.05
N ASP A 1318 24.48 21.87 -54.11
CA ASP A 1318 24.50 21.02 -52.93
C ASP A 1318 24.12 19.57 -53.28
N SER A 1319 23.29 19.39 -54.30
CA SER A 1319 22.87 18.04 -54.68
C SER A 1319 23.98 17.30 -55.43
N GLY A 1320 24.81 18.01 -56.18
CA GLY A 1320 25.80 17.33 -57.00
C GLY A 1320 25.21 16.47 -58.08
N ALA A 1321 23.99 16.76 -58.52
CA ALA A 1321 23.35 15.96 -59.55
C ALA A 1321 24.20 15.93 -60.81
N LYS A 1322 24.06 14.85 -61.59
CA LYS A 1322 24.87 14.65 -62.76
C LYS A 1322 24.23 15.20 -64.04
N LEU A 1323 22.91 15.24 -64.09
CA LEU A 1323 22.22 15.75 -65.28
C LEU A 1323 20.82 16.18 -64.91
N VAL A 1324 20.18 16.93 -65.78
CA VAL A 1324 18.93 17.63 -65.50
C VAL A 1324 17.97 17.40 -66.66
N LEU A 1325 16.71 16.80 -66.33
CA LEU A 1325 15.65 16.69 -67.38
C LEU A 1325 14.61 17.76 -67.00
N ALA A 1326 14.33 18.74 -67.87
CA ALA A 1326 13.43 19.84 -67.59
C ALA A 1326 12.50 20.06 -68.77
N GLN A 1327 11.21 20.39 -68.52
CA GLN A 1327 10.22 20.65 -69.61
C GLN A 1327 10.78 21.83 -70.39
N SER A 1328 10.55 21.87 -71.68
CA SER A 1328 11.19 22.72 -72.67
C SER A 1328 11.42 24.15 -72.20
N PRO A 1329 10.45 24.85 -71.57
CA PRO A 1329 10.71 26.23 -71.15
C PRO A 1329 11.73 26.36 -70.03
N PHE A 1330 11.92 25.32 -69.22
CA PHE A 1330 12.66 25.43 -67.97
C PHE A 1330 14.11 24.96 -68.09
N VAL A 1331 14.67 24.94 -69.31
CA VAL A 1331 16.08 24.63 -69.47
C VAL A 1331 16.92 25.86 -69.19
N GLU A 1332 16.45 27.04 -69.63
CA GLU A 1332 17.15 28.28 -69.33
C GLU A 1332 17.08 28.60 -67.84
N LYS A 1333 15.94 28.29 -67.21
CA LYS A 1333 15.83 28.47 -65.77
C LYS A 1333 16.77 27.54 -65.00
N ALA A 1334 17.20 26.43 -65.62
CA ALA A 1334 18.22 25.57 -65.04
C ALA A 1334 19.59 26.06 -65.49
N SER A 1335 19.95 27.24 -64.99
CA SER A 1335 21.18 27.90 -65.42
C SER A 1335 22.40 27.07 -65.04
N MET A 1336 23.42 27.12 -65.91
CA MET A 1336 24.69 26.43 -65.66
C MET A 1336 24.47 24.98 -65.27
N ALA A 1337 23.60 24.30 -66.02
CA ALA A 1337 23.32 22.90 -65.76
C ALA A 1337 24.36 22.03 -66.45
N GLU A 1338 24.93 21.09 -65.69
CA GLU A 1338 26.04 20.27 -66.17
C GLU A 1338 25.69 19.61 -67.51
N VAL A 1339 24.70 18.73 -67.52
CA VAL A 1339 24.28 18.01 -68.72
C VAL A 1339 22.76 18.05 -68.72
N VAL A 1340 22.16 18.87 -69.57
CA VAL A 1340 20.71 19.23 -69.55
C VAL A 1340 19.92 18.60 -70.71
N LEU A 1341 19.36 17.42 -70.52
CA LEU A 1341 18.51 16.76 -71.54
C LEU A 1341 17.11 17.37 -71.52
N ASP A 1342 16.84 18.37 -72.37
CA ASP A 1342 15.51 19.05 -72.53
C ASP A 1342 14.41 17.99 -72.51
N LEU A 1343 13.58 17.92 -71.46
CA LEU A 1343 12.61 16.84 -71.29
C LEU A 1343 11.71 16.70 -72.52
N ASN A 1344 11.22 17.82 -73.04
CA ASN A 1344 10.20 17.76 -74.08
C ASN A 1344 10.79 17.43 -75.44
N SER A 1345 11.99 17.92 -75.74
CA SER A 1345 12.58 17.70 -77.05
C SER A 1345 12.76 16.21 -77.30
N ALA A 1346 12.53 15.81 -78.56
CA ALA A 1346 12.67 14.40 -78.93
C ALA A 1346 14.11 13.94 -78.90
N SER A 1347 15.07 14.87 -78.94
CA SER A 1347 16.48 14.47 -78.96
C SER A 1347 16.84 13.66 -77.71
N SER A 1348 16.17 13.99 -76.60
CA SER A 1348 16.35 13.36 -75.26
C SER A 1348 15.67 12.00 -75.19
N TYR A 1349 15.20 11.48 -76.33
CA TYR A 1349 14.44 10.20 -76.41
C TYR A 1349 15.13 9.25 -77.40
N ALA A 1350 15.77 8.18 -76.93
CA ALA A 1350 16.36 7.22 -77.85
C ALA A 1350 15.28 6.34 -78.45
N ALA A 1351 15.46 5.96 -79.71
CA ALA A 1351 14.44 5.18 -80.41
C ALA A 1351 14.21 3.82 -79.74
N ASP A 1352 15.21 3.31 -79.04
CA ASP A 1352 15.07 2.00 -78.39
C ASP A 1352 13.93 2.05 -77.37
N THR A 1353 13.00 1.11 -77.51
CA THR A 1353 11.86 1.00 -76.59
C THR A 1353 11.88 -0.32 -75.81
N SER A 1354 12.98 -1.06 -75.85
CA SER A 1354 13.08 -2.29 -75.05
C SER A 1354 13.24 -1.94 -73.58
N ASN A 1355 12.44 -2.58 -72.73
CA ASN A 1355 12.50 -2.37 -71.28
C ASN A 1355 13.95 -2.51 -70.82
N PRO A 1356 14.63 -1.43 -70.48
CA PRO A 1356 16.05 -1.52 -70.08
C PRO A 1356 16.22 -2.49 -68.93
N PRO A 1357 17.43 -3.00 -68.71
CA PRO A 1357 17.66 -3.90 -67.59
C PRO A 1357 17.58 -3.15 -66.26
N LEU A 1358 16.94 -3.77 -65.28
CA LEU A 1358 16.74 -3.14 -63.98
C LEU A 1358 17.92 -3.49 -63.08
N VAL A 1359 18.97 -2.68 -63.19
CA VAL A 1359 20.14 -2.84 -62.32
C VAL A 1359 19.88 -2.24 -60.95
N ASN A 1360 18.91 -1.34 -60.84
CA ASN A 1360 18.59 -0.74 -59.55
C ASN A 1360 18.16 -1.81 -58.55
N GLN A 1361 18.63 -1.65 -57.31
CA GLN A 1361 18.24 -2.51 -56.20
C GLN A 1361 17.26 -1.79 -55.29
N PRO A 1362 16.67 -2.50 -54.34
CA PRO A 1362 15.78 -1.82 -53.37
C PRO A 1362 16.52 -0.89 -52.42
N GLY A 1363 17.85 -0.88 -52.44
CA GLY A 1363 18.61 -0.05 -51.52
C GLY A 1363 19.07 1.26 -52.14
N ASP A 1364 19.04 1.35 -53.47
CA ASP A 1364 19.48 2.56 -54.14
C ASP A 1364 18.37 3.61 -54.10
N LEU A 1365 18.79 4.88 -54.20
CA LEU A 1365 17.84 5.98 -54.15
C LEU A 1365 16.85 5.90 -55.30
N VAL A 1366 15.58 6.16 -54.99
CA VAL A 1366 14.54 6.28 -55.99
C VAL A 1366 14.24 7.74 -56.31
N TYR A 1367 14.18 8.58 -55.28
CA TYR A 1367 14.02 10.02 -55.47
C TYR A 1367 14.64 10.74 -54.29
N VAL A 1368 15.00 12.01 -54.51
CA VAL A 1368 15.64 12.92 -53.52
C VAL A 1368 14.71 14.12 -53.34
N MET A 1369 13.97 14.21 -52.23
CA MET A 1369 13.00 15.26 -52.00
C MET A 1369 13.64 16.37 -51.18
N TYR A 1370 13.46 17.62 -51.60
CA TYR A 1370 14.10 18.75 -50.96
C TYR A 1370 13.12 19.49 -50.05
N THR A 1371 13.65 19.98 -48.93
CA THR A 1371 12.85 20.52 -47.84
C THR A 1371 13.14 22.01 -47.64
N LYS A 1377 18.33 27.53 -46.18
CA LYS A 1377 19.07 26.45 -46.81
C LYS A 1377 18.31 25.14 -46.72
N PRO A 1378 17.66 24.73 -47.81
CA PRO A 1378 16.87 23.50 -47.79
C PRO A 1378 17.76 22.26 -47.81
N LYS A 1379 17.13 21.12 -47.50
CA LYS A 1379 17.83 19.84 -47.40
C LYS A 1379 17.15 18.82 -48.30
N GLY A 1380 17.96 17.93 -48.87
CA GLY A 1380 17.46 16.91 -49.77
C GLY A 1380 17.33 15.55 -49.13
N VAL A 1381 16.15 15.05 -48.76
CA VAL A 1381 15.78 13.70 -48.25
C VAL A 1381 15.95 12.63 -49.33
N MET A 1382 17.05 11.84 -49.22
CA MET A 1382 17.45 10.59 -49.94
C MET A 1382 16.51 9.47 -49.56
N ILE A 1383 15.64 8.97 -50.46
CA ILE A 1383 14.87 7.79 -49.97
C ILE A 1383 15.10 6.67 -50.99
N GLU A 1384 15.31 5.44 -50.51
CA GLU A 1384 15.65 4.29 -51.32
C GLU A 1384 14.40 3.68 -51.96
N HIS A 1385 14.63 2.79 -52.92
CA HIS A 1385 13.53 2.20 -53.67
C HIS A 1385 12.61 1.38 -52.77
N GLY A 1386 13.16 0.34 -52.13
CA GLY A 1386 12.35 -0.53 -51.30
C GLY A 1386 11.51 0.23 -50.29
N ALA A 1387 12.06 1.34 -49.77
CA ALA A 1387 11.29 2.18 -48.87
C ALA A 1387 9.99 2.65 -49.51
N LEU A 1388 10.04 2.99 -50.81
CA LEU A 1388 8.85 3.44 -51.51
C LEU A 1388 7.89 2.29 -51.76
N LEU A 1389 8.38 1.13 -52.18
CA LEU A 1389 7.50 -0.04 -52.44
C LEU A 1389 6.65 -0.32 -51.22
N ASN A 1390 7.28 -0.23 -50.06
CA ASN A 1390 6.62 -0.54 -48.79
C ASN A 1390 5.38 0.31 -48.64
N VAL A 1391 5.48 1.55 -49.03
CA VAL A 1391 4.33 2.51 -48.92
C VAL A 1391 3.30 2.14 -49.95
N LEU A 1392 3.72 2.06 -51.21
CA LEU A 1392 2.75 1.86 -52.28
C LEU A 1392 1.95 0.59 -52.06
N HIS A 1393 2.61 -0.49 -51.63
CA HIS A 1393 1.88 -1.71 -51.27
C HIS A 1393 1.06 -1.51 -50.01
N GLY A 1394 1.51 -0.64 -49.10
CA GLY A 1394 0.75 -0.37 -47.90
C GLY A 1394 -0.56 0.34 -48.20
N MET A 1395 -0.51 1.44 -48.95
CA MET A 1395 -1.72 2.16 -49.31
C MET A 1395 -2.63 1.28 -50.16
N GLN A 1396 -2.06 0.47 -51.04
CA GLN A 1396 -2.86 -0.39 -51.91
C GLN A 1396 -3.69 -1.38 -51.10
N ASP A 1397 -3.10 -1.94 -50.04
CA ASP A 1397 -3.86 -2.87 -49.19
C ASP A 1397 -5.03 -2.16 -48.52
N GLU A 1398 -4.76 -1.04 -47.87
CA GLU A 1398 -5.83 -0.31 -47.18
C GLU A 1398 -6.78 0.36 -48.18
N TYR A 1399 -6.23 0.94 -49.24
CA TYR A 1399 -6.99 1.72 -50.21
C TYR A 1399 -6.68 1.20 -51.61
N PRO A 1400 -7.20 0.03 -51.97
CA PRO A 1400 -6.86 -0.58 -53.26
C PRO A 1400 -7.33 0.29 -54.42
N LEU A 1401 -6.40 0.58 -55.34
CA LEU A 1401 -6.69 1.32 -56.56
C LEU A 1401 -6.74 0.32 -57.72
N LEU A 1402 -7.86 -0.38 -57.82
CA LEU A 1402 -8.02 -1.44 -58.80
C LEU A 1402 -8.15 -0.86 -60.20
N GLN A 1403 -8.38 -1.75 -61.17
CA GLN A 1403 -8.49 -1.31 -62.57
C GLN A 1403 -9.59 -0.28 -62.75
N ASP A 1404 -10.76 -0.53 -62.15
CA ASP A 1404 -11.85 0.44 -62.25
C ASP A 1404 -11.48 1.78 -61.64
N ASP A 1405 -10.61 1.79 -60.64
CA ASP A 1405 -10.30 2.99 -59.89
C ASP A 1405 -9.42 3.93 -60.72
N ALA A 1406 -9.09 5.07 -60.11
CA ALA A 1406 -8.26 6.08 -60.75
C ALA A 1406 -7.75 7.04 -59.69
N PHE A 1407 -6.59 7.64 -59.98
CA PHE A 1407 -5.95 8.58 -59.08
C PHE A 1407 -5.83 9.94 -59.76
N LEU A 1408 -6.23 11.06 -59.08
CA LEU A 1408 -6.09 12.50 -59.46
C LEU A 1408 -4.72 13.03 -59.01
N LEU A 1409 -4.07 13.91 -59.77
CA LEU A 1409 -2.73 14.47 -59.39
C LEU A 1409 -2.91 15.95 -59.00
N LYS A 1410 -3.06 16.25 -57.70
CA LYS A 1410 -3.37 17.64 -57.24
C LYS A 1410 -2.16 18.27 -56.53
N THR A 1411 -1.37 17.49 -55.77
CA THR A 1411 -0.31 18.07 -54.97
C THR A 1411 0.94 18.26 -55.82
N THR A 1412 1.54 19.45 -55.72
CA THR A 1412 2.78 19.73 -56.45
C THR A 1412 3.82 18.67 -56.10
N TYR A 1413 4.63 18.29 -57.10
CA TYR A 1413 5.57 17.19 -56.94
C TYR A 1413 6.89 17.63 -56.34
N ILE A 1414 6.94 18.80 -55.71
CA ILE A 1414 8.08 19.13 -54.82
C ILE A 1414 7.62 18.82 -53.39
N PHE A 1415 6.59 17.97 -53.20
CA PHE A 1415 5.99 17.57 -51.91
C PHE A 1415 5.89 16.05 -51.91
N ASP A 1416 6.13 15.43 -50.75
CA ASP A 1416 6.14 13.96 -50.60
C ASP A 1416 4.72 13.45 -50.82
N ILE A 1417 3.68 14.28 -51.05
CA ILE A 1417 2.41 13.59 -51.23
C ILE A 1417 2.25 13.12 -52.67
N SER A 1418 2.75 13.89 -53.63
CA SER A 1418 2.61 13.52 -55.04
C SER A 1418 3.12 12.11 -55.30
N VAL A 1419 4.16 11.69 -54.59
CA VAL A 1419 4.74 10.36 -54.78
C VAL A 1419 3.67 9.29 -54.68
N ALA A 1420 2.65 9.50 -53.84
CA ALA A 1420 1.57 8.53 -53.73
C ALA A 1420 0.72 8.51 -55.00
N GLU A 1421 0.30 9.68 -55.45
CA GLU A 1421 -0.52 9.79 -56.67
C GLU A 1421 0.20 9.14 -57.81
N ILE A 1422 1.45 9.55 -58.01
CA ILE A 1422 2.34 9.22 -59.14
C ILE A 1422 2.62 7.73 -59.25
N PHE A 1423 2.55 6.98 -58.19
CA PHE A 1423 2.79 5.55 -58.24
C PHE A 1423 1.68 4.71 -57.61
N GLY A 1424 0.70 5.31 -56.94
CA GLY A 1424 -0.34 4.57 -56.26
C GLY A 1424 -1.39 3.99 -57.17
N TRP A 1425 -1.15 4.03 -58.49
CA TRP A 1425 -2.09 3.53 -59.52
C TRP A 1425 -1.58 2.24 -60.17
N VAL A 1426 -0.27 2.11 -60.43
CA VAL A 1426 0.33 0.94 -61.12
C VAL A 1426 0.11 -0.34 -60.30
N PRO A 1427 0.09 -0.35 -58.94
CA PRO A 1427 -0.13 -1.59 -58.21
C PRO A 1427 -1.37 -2.37 -58.69
N GLY A 1428 -2.61 -1.77 -58.77
CA GLY A 1428 -3.90 -2.30 -59.16
C GLY A 1428 -4.25 -2.14 -60.62
N ARG A 1429 -3.32 -1.71 -61.45
CA ARG A 1429 -3.57 -1.49 -62.88
C ARG A 1429 -4.70 -0.48 -63.07
N GLY A 1430 -4.64 0.58 -62.28
CA GLY A 1430 -5.60 1.69 -62.35
C GLY A 1430 -5.04 2.78 -63.23
N LYS A 1431 -5.67 3.95 -63.27
CA LYS A 1431 -5.19 5.05 -64.15
C LYS A 1431 -4.84 6.28 -63.31
N LEU A 1432 -4.02 7.15 -63.84
CA LEU A 1432 -3.56 8.37 -63.13
C LEU A 1432 -4.00 9.61 -63.89
N VAL A 1433 -5.05 10.30 -63.45
CA VAL A 1433 -5.52 11.58 -64.03
C VAL A 1433 -4.50 12.68 -63.72
N ILE A 1434 -3.82 13.26 -64.70
CA ILE A 1434 -2.83 14.33 -64.56
C ILE A 1434 -3.63 15.64 -64.56
N LEU A 1435 -4.14 16.00 -63.38
CA LEU A 1435 -4.85 17.26 -63.26
C LEU A 1435 -3.95 18.41 -63.70
N GLU A 1436 -4.53 19.36 -64.42
CA GLU A 1436 -3.74 20.40 -65.07
C GLU A 1436 -3.32 21.46 -64.05
N PRO A 1437 -2.11 22.02 -64.20
CA PRO A 1437 -1.70 23.10 -63.27
C PRO A 1437 -2.70 24.23 -63.17
N GLU A 1438 -3.50 24.47 -64.22
CA GLU A 1438 -4.52 25.50 -64.16
C GLU A 1438 -5.54 25.23 -63.06
N ALA A 1439 -5.85 23.96 -62.81
CA ALA A 1439 -6.87 23.57 -61.85
C ALA A 1439 -6.26 23.09 -60.53
N GLU A 1440 -5.13 23.66 -60.17
CA GLU A 1440 -4.37 23.24 -58.96
C GLU A 1440 -5.10 23.53 -57.65
N LYS A 1441 -5.40 24.79 -57.35
CA LYS A 1441 -6.08 25.23 -56.12
C LYS A 1441 -7.57 25.40 -56.40
N ASN A 1442 -8.02 25.17 -57.62
CA ASN A 1442 -9.41 25.46 -57.94
C ASN A 1442 -10.26 24.25 -57.59
N PRO A 1443 -11.04 24.28 -56.50
CA PRO A 1443 -11.78 23.07 -56.12
C PRO A 1443 -12.86 22.68 -57.11
N LYS A 1444 -13.54 23.66 -57.71
CA LYS A 1444 -14.55 23.34 -58.71
C LYS A 1444 -13.93 22.63 -59.92
N ALA A 1445 -12.75 23.08 -60.34
CA ALA A 1445 -12.08 22.40 -61.44
C ALA A 1445 -11.62 21.01 -61.03
N ILE A 1446 -11.10 20.88 -59.81
CA ILE A 1446 -10.73 19.56 -59.22
C ILE A 1446 -12.00 18.70 -59.09
N TRP A 1447 -13.15 19.31 -58.84
CA TRP A 1447 -14.47 18.64 -58.67
C TRP A 1447 -14.84 17.99 -60.00
N GLN A 1448 -14.53 18.65 -61.12
CA GLN A 1448 -14.86 18.08 -62.43
C GLN A 1448 -14.10 16.78 -62.66
N ALA A 1449 -12.80 16.76 -62.33
CA ALA A 1449 -12.01 15.55 -62.54
C ALA A 1449 -12.62 14.35 -61.84
N VAL A 1450 -13.04 14.57 -60.59
CA VAL A 1450 -13.65 13.56 -59.67
C VAL A 1450 -14.86 12.94 -60.36
N VAL A 1451 -15.68 13.75 -61.02
CA VAL A 1451 -16.90 13.24 -61.70
C VAL A 1451 -16.50 12.78 -63.10
N GLY A 1452 -15.66 13.55 -63.82
CA GLY A 1452 -15.22 13.35 -65.18
C GLY A 1452 -14.59 11.99 -65.42
N ALA A 1453 -13.43 11.76 -64.81
CA ALA A 1453 -12.72 10.51 -64.96
C ALA A 1453 -13.11 9.47 -63.93
N GLY A 1454 -14.08 9.78 -63.05
CA GLY A 1454 -14.47 8.85 -62.02
C GLY A 1454 -13.34 8.56 -61.05
N ILE A 1455 -12.72 9.62 -60.54
CA ILE A 1455 -11.60 9.44 -59.61
C ILE A 1455 -12.06 8.64 -58.41
N THR A 1456 -11.23 7.68 -58.00
CA THR A 1456 -11.48 6.87 -56.82
C THR A 1456 -10.58 7.22 -55.64
N HIS A 1457 -9.33 7.59 -55.91
CA HIS A 1457 -8.39 8.00 -54.87
C HIS A 1457 -8.05 9.47 -55.07
N ILE A 1458 -8.09 10.24 -53.98
CA ILE A 1458 -7.76 11.66 -54.05
C ILE A 1458 -7.04 12.06 -52.78
N ASN A 1459 -5.84 12.61 -52.91
CA ASN A 1459 -5.10 13.12 -51.77
C ASN A 1459 -5.43 14.59 -51.55
N PHE A 1460 -5.53 15.00 -50.30
CA PHE A 1460 -6.02 16.33 -49.97
C PHE A 1460 -5.26 16.87 -48.77
N VAL A 1461 -5.63 18.09 -48.36
CA VAL A 1461 -5.04 18.78 -47.22
C VAL A 1461 -6.15 19.59 -46.56
N PRO A 1462 -6.13 19.75 -45.23
CA PRO A 1462 -7.17 20.58 -44.59
C PRO A 1462 -7.43 21.90 -45.28
N SER A 1463 -6.41 22.51 -45.89
CA SER A 1463 -6.60 23.82 -46.51
C SER A 1463 -7.42 23.72 -47.78
N MET A 1464 -7.17 22.69 -48.60
CA MET A 1464 -7.91 22.52 -49.84
C MET A 1464 -9.24 21.79 -49.62
N LEU A 1465 -9.29 20.85 -48.68
CA LEU A 1465 -10.51 20.10 -48.43
C LEU A 1465 -11.60 20.93 -47.76
N ILE A 1466 -11.26 22.11 -47.24
CA ILE A 1466 -12.25 23.00 -46.65
C ILE A 1466 -13.11 23.58 -47.77
N PRO A 1467 -12.51 24.29 -48.75
CA PRO A 1467 -13.33 24.79 -49.86
C PRO A 1467 -13.96 23.69 -50.70
N PHE A 1468 -13.22 22.62 -50.99
CA PHE A 1468 -13.82 21.47 -51.66
C PHE A 1468 -15.10 21.05 -50.96
N VAL A 1469 -15.13 21.15 -49.63
CA VAL A 1469 -16.35 20.83 -48.88
C VAL A 1469 -17.39 21.91 -49.06
N GLU A 1470 -16.98 23.17 -49.21
CA GLU A 1470 -17.94 24.26 -49.34
C GLU A 1470 -18.90 24.05 -50.50
N TYR A 1471 -18.54 23.24 -51.48
CA TYR A 1471 -19.46 22.84 -52.54
C TYR A 1471 -20.21 21.62 -52.04
N LEU A 1472 -21.34 21.88 -51.37
CA LEU A 1472 -21.96 20.91 -50.48
C LEU A 1472 -22.78 19.87 -51.21
N GLU A 1473 -23.71 19.22 -50.51
CA GLU A 1473 -24.49 18.15 -51.09
C GLU A 1473 -25.24 18.61 -52.34
N GLY A 1474 -25.53 19.91 -52.45
CA GLY A 1474 -26.19 20.40 -53.64
C GLY A 1474 -25.52 19.96 -54.93
N ARG A 1475 -24.21 19.74 -54.89
CA ARG A 1475 -23.47 19.22 -56.02
C ARG A 1475 -23.33 17.71 -55.84
N THR A 1476 -23.79 16.90 -56.81
CA THR A 1476 -23.81 15.40 -56.73
C THR A 1476 -23.07 14.86 -57.97
N GLU A 1477 -23.32 13.61 -58.41
CA GLU A 1477 -22.73 12.95 -59.62
C GLU A 1477 -21.29 12.46 -59.45
N ALA A 1478 -20.97 11.79 -58.34
CA ALA A 1478 -19.62 11.23 -58.05
C ALA A 1478 -19.80 9.89 -57.33
N ASN A 1479 -20.31 8.91 -58.05
CA ASN A 1479 -20.56 7.56 -57.55
C ASN A 1479 -19.27 6.77 -57.37
N ARG A 1480 -18.27 7.02 -58.22
CA ARG A 1480 -17.06 6.19 -58.23
C ARG A 1480 -16.06 6.57 -57.15
N LEU A 1481 -16.20 7.76 -56.57
CA LEU A 1481 -15.23 8.28 -55.58
C LEU A 1481 -15.15 7.38 -54.36
N ARG A 1482 -14.01 6.79 -54.03
CA ARG A 1482 -13.85 5.87 -52.90
C ARG A 1482 -13.26 6.59 -51.70
N TYR A 1483 -12.12 7.23 -51.86
CA TYR A 1483 -11.34 7.69 -50.73
C TYR A 1483 -10.94 9.15 -50.88
N ILE A 1484 -10.87 9.84 -49.75
CA ILE A 1484 -10.23 11.16 -49.64
C ILE A 1484 -9.15 11.04 -48.58
N LEU A 1485 -7.90 11.25 -48.98
CA LEU A 1485 -6.74 11.04 -48.10
C LEU A 1485 -6.14 12.41 -47.78
N ALA A 1486 -6.48 12.94 -46.60
CA ALA A 1486 -5.94 14.22 -46.16
C ALA A 1486 -4.59 14.02 -45.49
N CYS A 1487 -3.66 14.93 -45.76
CA CYS A 1487 -2.31 14.83 -45.22
C CYS A 1487 -1.70 16.23 -45.17
N GLY A 1488 -0.52 16.30 -44.57
CA GLY A 1488 0.26 17.52 -44.52
C GLY A 1488 -0.02 18.42 -43.33
N GLU A 1489 -1.27 18.45 -42.86
CA GLU A 1489 -1.65 19.32 -41.76
C GLU A 1489 -2.64 18.61 -40.86
N ALA A 1490 -2.71 19.06 -39.61
CA ALA A 1490 -3.68 18.53 -38.67
C ALA A 1490 -5.09 18.81 -39.16
N MET A 1491 -5.97 17.82 -39.26
CA MET A 1491 -7.37 17.97 -39.71
C MET A 1491 -8.29 18.50 -38.64
N PRO A 1492 -8.97 19.65 -38.83
CA PRO A 1492 -9.99 20.09 -37.90
C PRO A 1492 -11.13 19.11 -37.66
N ASP A 1493 -11.75 19.19 -36.49
CA ASP A 1493 -12.84 18.27 -36.06
C ASP A 1493 -14.05 18.42 -36.99
N GLU A 1494 -14.46 19.65 -37.29
CA GLU A 1494 -15.66 19.93 -38.06
C GLU A 1494 -15.56 19.40 -39.49
N LEU A 1495 -14.34 19.38 -40.02
CA LEU A 1495 -14.04 18.95 -41.42
C LEU A 1495 -14.42 17.49 -41.67
N VAL A 1496 -14.74 16.70 -40.64
CA VAL A 1496 -15.04 15.29 -40.81
C VAL A 1496 -16.55 15.10 -41.03
N PRO A 1497 -17.42 15.46 -40.09
CA PRO A 1497 -18.86 15.26 -40.32
C PRO A 1497 -19.39 16.10 -41.46
N LYS A 1498 -18.88 17.33 -41.62
CA LYS A 1498 -19.33 18.18 -42.72
C LYS A 1498 -19.09 17.50 -44.07
N VAL A 1499 -17.97 16.79 -44.20
CA VAL A 1499 -17.68 16.09 -45.45
C VAL A 1499 -18.76 15.06 -45.75
N TYR A 1500 -19.07 14.25 -44.75
CA TYR A 1500 -19.98 13.08 -44.79
C TYR A 1500 -21.37 13.44 -45.29
N GLU A 1501 -21.96 14.49 -44.78
CA GLU A 1501 -23.21 15.05 -45.27
C GLU A 1501 -23.06 15.57 -46.69
N VAL A 1502 -21.85 15.98 -47.06
CA VAL A 1502 -21.58 16.44 -48.43
C VAL A 1502 -21.23 15.29 -49.37
N LEU A 1503 -20.85 14.13 -48.83
CA LEU A 1503 -20.48 13.00 -49.69
C LEU A 1503 -20.56 11.69 -48.93
N PRO A 1504 -21.76 11.13 -48.76
CA PRO A 1504 -21.88 9.80 -48.11
C PRO A 1504 -21.30 8.68 -48.96
N GLU A 1505 -21.33 7.46 -48.43
CA GLU A 1505 -20.86 6.26 -49.12
C GLU A 1505 -19.41 6.42 -49.59
N VAL A 1506 -18.63 7.24 -48.89
CA VAL A 1506 -17.24 7.49 -49.22
C VAL A 1506 -16.42 7.44 -47.94
N LYS A 1507 -15.21 6.89 -48.03
CA LYS A 1507 -14.35 6.68 -46.88
C LYS A 1507 -13.30 7.79 -46.81
N LEU A 1508 -13.37 8.58 -45.74
CA LEU A 1508 -12.40 9.64 -45.50
C LEU A 1508 -11.28 9.12 -44.61
N GLU A 1509 -10.05 9.54 -44.90
CA GLU A 1509 -8.87 9.06 -44.19
C GLU A 1509 -7.97 10.24 -43.86
N ASN A 1510 -7.50 10.30 -42.62
CA ASN A 1510 -6.49 11.26 -42.20
C ASN A 1510 -5.12 10.60 -42.27
N ILE A 1511 -4.18 11.23 -42.98
CA ILE A 1511 -2.87 10.64 -43.22
C ILE A 1511 -1.81 11.56 -42.62
N TYR A 1512 -0.73 11.01 -42.06
CA TYR A 1512 0.43 11.82 -41.61
C TYR A 1512 1.62 11.07 -42.17
N GLY A 1513 2.69 11.77 -42.60
CA GLY A 1513 3.93 11.22 -43.09
C GLY A 1513 4.96 12.29 -43.37
N PRO A 1514 6.09 12.27 -42.67
CA PRO A 1514 7.17 13.19 -42.99
C PRO A 1514 7.98 12.73 -44.18
N THR A 1515 8.48 13.67 -45.03
CA THR A 1515 9.32 13.42 -46.25
C THR A 1515 10.48 12.45 -45.97
N GLU A 1516 11.00 12.43 -44.76
CA GLU A 1516 12.06 11.55 -44.20
C GLU A 1516 11.53 10.14 -43.90
N ALA A 1517 10.21 9.89 -43.93
CA ALA A 1517 9.63 8.58 -43.71
C ALA A 1517 8.97 8.04 -44.98
N THR A 1518 9.44 8.49 -46.13
CA THR A 1518 8.94 8.06 -47.46
C THR A 1518 7.43 8.29 -47.60
N ILE A 1519 7.04 9.54 -47.89
CA ILE A 1519 5.67 9.89 -48.25
C ILE A 1519 4.63 9.79 -47.13
N TYR A 1520 4.41 8.63 -46.60
CA TYR A 1520 3.35 8.38 -45.64
C TYR A 1520 3.98 7.62 -44.47
N ALA A 1521 3.21 7.55 -43.37
CA ALA A 1521 3.64 6.85 -42.18
C ALA A 1521 2.45 6.35 -41.37
N SER A 1522 1.49 7.21 -41.00
CA SER A 1522 0.21 6.85 -40.34
C SER A 1522 -1.03 7.25 -41.10
N ARG A 1523 -2.12 6.53 -40.82
CA ARG A 1523 -3.43 6.74 -41.42
C ARG A 1523 -4.50 6.50 -40.36
N TYR A 1524 -5.59 7.25 -40.45
CA TYR A 1524 -6.74 7.07 -39.57
C TYR A 1524 -8.00 7.06 -40.41
N SER A 1525 -8.69 5.92 -40.43
CA SER A 1525 -9.98 5.82 -41.11
C SER A 1525 -11.06 6.44 -40.25
N LEU A 1526 -11.80 7.39 -40.82
CA LEU A 1526 -12.83 8.13 -40.11
C LEU A 1526 -14.19 7.54 -40.46
N ALA A 1527 -14.78 6.80 -39.52
CA ALA A 1527 -16.09 6.21 -39.74
C ALA A 1527 -17.14 7.31 -39.87
N LYS A 1528 -18.18 7.03 -40.65
CA LYS A 1528 -19.25 8.01 -40.85
C LYS A 1528 -20.01 8.24 -39.55
N GLY A 1529 -20.21 7.20 -38.75
CA GLY A 1529 -20.95 7.30 -37.51
C GLY A 1529 -20.12 7.66 -36.30
N SER A 1530 -18.89 8.14 -36.49
CA SER A 1530 -18.01 8.51 -35.40
C SER A 1530 -17.52 9.94 -35.59
N GLN A 1531 -17.41 10.67 -34.49
CA GLN A 1531 -16.91 12.05 -34.50
C GLN A 1531 -15.75 12.13 -33.51
N GLU A 1532 -14.58 12.53 -34.01
CA GLU A 1532 -13.37 12.60 -33.20
C GLU A 1532 -13.19 14.01 -32.65
N SER A 1533 -12.83 14.16 -31.37
CA SER A 1533 -12.53 15.51 -30.81
C SER A 1533 -11.17 15.92 -31.40
N PRO A 1534 -10.00 15.37 -31.00
CA PRO A 1534 -8.75 15.64 -31.74
C PRO A 1534 -8.59 14.60 -32.85
N VAL A 1535 -8.83 14.96 -34.13
CA VAL A 1535 -8.70 14.03 -35.24
C VAL A 1535 -7.29 13.44 -35.21
N PRO A 1536 -7.13 12.15 -34.87
CA PRO A 1536 -5.78 11.59 -34.74
C PRO A 1536 -5.17 11.28 -36.09
N ILE A 1537 -3.83 11.32 -36.13
CA ILE A 1537 -3.07 11.00 -37.33
C ILE A 1537 -3.04 9.50 -37.50
N GLY A 1538 -3.59 8.76 -36.55
CA GLY A 1538 -3.82 7.33 -36.72
C GLY A 1538 -2.64 6.45 -36.40
N LYS A 1539 -2.80 5.16 -36.74
CA LYS A 1539 -1.80 4.13 -36.54
C LYS A 1539 -0.90 4.01 -37.76
N PRO A 1540 0.30 3.45 -37.61
CA PRO A 1540 1.23 3.40 -38.73
C PRO A 1540 0.78 2.43 -39.81
N LEU A 1541 1.41 2.57 -40.98
CA LEU A 1541 1.12 1.74 -42.13
C LEU A 1541 1.86 0.41 -42.00
N PRO A 1542 1.66 -0.51 -42.95
CA PRO A 1542 2.39 -1.77 -42.89
C PRO A 1542 3.90 -1.56 -42.87
N ASN A 1543 4.63 -2.38 -42.11
CA ASN A 1543 6.08 -2.33 -41.81
C ASN A 1543 6.50 -0.95 -41.28
N TYR A 1544 5.57 -0.11 -40.81
CA TYR A 1544 5.91 1.16 -40.17
C TYR A 1544 5.83 1.01 -38.65
N ARG A 1545 6.71 1.73 -37.96
CA ARG A 1545 6.73 1.74 -36.51
C ARG A 1545 6.99 3.17 -36.06
N MET A 1546 6.16 3.61 -35.12
CA MET A 1546 6.12 5.00 -34.70
C MET A 1546 6.35 5.09 -33.20
N TYR A 1547 7.25 5.96 -32.75
CA TYR A 1547 7.59 6.07 -31.35
C TYR A 1547 7.51 7.53 -30.92
N ILE A 1548 6.91 7.75 -29.76
CA ILE A 1548 6.77 9.09 -29.11
C ILE A 1548 7.74 9.08 -27.93
N ILE A 1549 8.82 9.86 -28.03
CA ILE A 1549 9.86 9.85 -27.00
C ILE A 1549 9.97 11.24 -26.39
N ASN A 1550 10.47 11.28 -25.15
CA ASN A 1550 10.72 12.52 -24.46
C ASN A 1550 12.12 13.03 -24.79
N ARG A 1551 12.47 14.19 -24.22
CA ARG A 1551 13.74 14.82 -24.55
C ARG A 1551 14.96 14.02 -24.12
N HIS A 1552 14.76 12.90 -23.41
CA HIS A 1552 15.84 12.02 -23.01
C HIS A 1552 15.87 10.71 -23.80
N GLY A 1553 14.99 10.56 -24.79
CA GLY A 1553 15.07 9.43 -25.70
C GLY A 1553 14.45 8.15 -25.20
N GLN A 1554 13.36 8.23 -24.43
CA GLN A 1554 12.65 7.05 -23.97
C GLN A 1554 11.18 7.17 -24.33
N LEU A 1555 10.56 6.02 -24.66
CA LEU A 1555 9.18 5.91 -25.18
C LEU A 1555 8.19 6.54 -24.19
N GLN A 1556 7.28 7.40 -24.66
CA GLN A 1556 6.23 8.01 -23.86
C GLN A 1556 5.04 7.07 -23.73
N PRO A 1557 4.29 7.13 -22.64
CA PRO A 1557 3.07 6.33 -22.52
C PRO A 1557 1.90 7.06 -23.16
N ILE A 1558 0.72 6.43 -23.07
CA ILE A 1558 -0.48 7.00 -23.69
C ILE A 1558 -0.79 8.33 -23.07
N GLY A 1559 -1.05 9.33 -23.91
CA GLY A 1559 -1.46 10.65 -23.46
C GLY A 1559 -0.32 11.62 -23.23
N VAL A 1560 0.88 11.13 -22.95
CA VAL A 1560 2.00 12.01 -22.62
C VAL A 1560 2.62 12.55 -23.90
N PRO A 1561 2.72 13.88 -24.06
CA PRO A 1561 3.33 14.41 -25.28
C PRO A 1561 4.80 14.03 -25.40
N GLY A 1562 5.26 13.93 -26.64
CA GLY A 1562 6.65 13.63 -26.91
C GLY A 1562 6.94 13.78 -28.39
N GLU A 1563 8.23 13.70 -28.72
CA GLU A 1563 8.65 13.82 -30.11
C GLU A 1563 8.28 12.57 -30.88
N LEU A 1564 7.54 12.74 -31.97
CA LEU A 1564 7.13 11.62 -32.80
C LEU A 1564 8.31 11.15 -33.66
N CYS A 1565 8.53 9.84 -33.67
CA CYS A 1565 9.64 9.25 -34.41
C CYS A 1565 9.14 8.05 -35.21
N ILE A 1566 9.56 7.96 -36.46
CA ILE A 1566 9.18 6.87 -37.35
C ILE A 1566 10.38 5.96 -37.54
N ALA A 1567 10.10 4.67 -37.73
CA ALA A 1567 11.13 3.68 -38.02
C ALA A 1567 10.55 2.64 -38.96
N GLY A 1568 11.42 1.80 -39.48
CA GLY A 1568 11.03 0.73 -40.39
C GLY A 1568 11.75 0.83 -41.71
N ALA A 1569 11.32 -0.03 -42.65
CA ALA A 1569 11.95 -0.11 -43.96
C ALA A 1569 11.74 1.14 -44.81
N SER A 1570 10.86 2.06 -44.39
CA SER A 1570 10.49 3.20 -45.21
C SER A 1570 11.19 4.48 -44.77
N LEU A 1571 12.27 4.39 -44.01
CA LEU A 1571 13.00 5.58 -43.59
C LEU A 1571 13.94 6.05 -44.68
N ALA A 1572 13.97 7.36 -44.89
CA ALA A 1572 14.71 7.96 -45.99
C ALA A 1572 16.15 7.65 -45.71
N ARG A 1573 17.00 7.29 -46.68
CA ARG A 1573 18.47 7.15 -46.53
C ARG A 1573 19.11 8.30 -45.72
N GLY A 1574 18.62 9.55 -45.80
CA GLY A 1574 19.17 10.67 -45.05
C GLY A 1574 19.17 11.92 -45.88
N TYR A 1575 19.83 12.95 -45.37
CA TYR A 1575 19.97 14.21 -46.09
C TYR A 1575 21.23 14.17 -46.95
N LEU A 1576 21.10 14.66 -48.20
CA LEU A 1576 22.15 14.58 -49.21
C LEU A 1576 23.36 15.44 -48.81
N ASN A 1577 24.54 14.85 -48.66
CA ASN A 1577 25.77 15.54 -48.31
C ASN A 1577 25.53 16.56 -47.19
N ASN A 1578 24.77 16.14 -46.18
CA ASN A 1578 24.59 16.92 -44.95
C ASN A 1578 24.69 15.96 -43.76
N PRO A 1579 25.82 15.28 -43.62
CA PRO A 1579 25.89 14.18 -42.64
C PRO A 1579 25.69 14.64 -41.20
N ALA A 1580 26.25 15.78 -40.82
CA ALA A 1580 26.00 16.30 -39.48
C ALA A 1580 24.52 16.48 -39.23
N LEU A 1581 23.75 16.79 -40.27
CA LEU A 1581 22.31 16.91 -40.14
C LEU A 1581 21.63 15.55 -40.20
N THR A 1582 22.13 14.65 -41.06
CA THR A 1582 21.56 13.31 -41.17
C THR A 1582 21.71 12.55 -39.86
N GLU A 1583 22.92 12.53 -39.29
CA GLU A 1583 23.12 11.84 -38.03
C GLU A 1583 22.45 12.55 -36.87
N GLU A 1584 22.14 13.84 -37.02
CA GLU A 1584 21.37 14.54 -35.99
C GLU A 1584 19.93 14.04 -35.95
N LYS A 1585 19.34 13.80 -37.12
CA LYS A 1585 17.92 13.50 -37.21
C LYS A 1585 17.62 12.02 -37.39
N PHE A 1586 18.57 11.24 -37.91
CA PHE A 1586 18.42 9.79 -38.05
C PHE A 1586 19.39 9.14 -37.08
N THR A 1587 18.97 9.02 -35.82
CA THR A 1587 19.85 8.56 -34.76
C THR A 1587 19.63 7.08 -34.48
N PRO A 1588 20.69 6.26 -34.46
CA PRO A 1588 20.52 4.86 -34.01
C PRO A 1588 19.92 4.78 -32.62
N HIS A 1589 18.63 4.45 -32.55
CA HIS A 1589 17.90 4.40 -31.29
C HIS A 1589 17.81 2.98 -30.76
N PRO A 1590 17.96 2.75 -29.46
CA PRO A 1590 17.84 1.38 -28.94
C PRO A 1590 16.45 0.80 -29.06
N LEU A 1591 15.43 1.61 -29.32
CA LEU A 1591 14.06 1.13 -29.43
C LEU A 1591 13.81 0.39 -30.74
N GLU A 1592 14.65 0.61 -31.76
CA GLU A 1592 14.54 -0.08 -33.03
C GLU A 1592 15.66 -1.12 -33.20
N LYS A 1593 16.10 -1.71 -32.11
CA LYS A 1593 17.16 -2.72 -32.12
C LYS A 1593 18.42 -2.17 -32.80
N GLY A 1594 18.79 -0.94 -32.40
CA GLY A 1594 19.96 -0.28 -32.94
C GLY A 1594 19.71 0.49 -34.22
N GLU A 1595 18.75 0.06 -35.04
CA GLU A 1595 18.44 0.77 -36.26
C GLU A 1595 17.98 2.18 -35.95
N ARG A 1596 18.20 3.08 -36.91
CA ARG A 1596 17.95 4.50 -36.68
C ARG A 1596 16.47 4.81 -36.78
N ILE A 1597 16.07 5.91 -36.15
CA ILE A 1597 14.70 6.46 -36.18
C ILE A 1597 14.84 7.89 -36.70
N TYR A 1598 13.80 8.39 -37.34
CA TYR A 1598 13.81 9.76 -37.85
C TYR A 1598 13.13 10.61 -36.79
N ARG A 1599 13.80 11.56 -36.15
CA ARG A 1599 13.22 12.47 -35.17
C ARG A 1599 12.52 13.60 -35.91
N THR A 1600 11.17 13.64 -35.92
CA THR A 1600 10.40 14.59 -36.75
C THR A 1600 10.33 16.02 -36.26
N GLY A 1601 10.61 16.27 -35.00
CA GLY A 1601 10.38 17.63 -34.55
C GLY A 1601 8.90 17.82 -34.39
N ASP A 1602 8.10 16.74 -34.26
CA ASP A 1602 6.65 16.97 -34.20
C ASP A 1602 6.09 16.37 -32.92
N LEU A 1603 5.43 17.16 -32.07
CA LEU A 1603 4.90 16.71 -30.79
C LEU A 1603 3.63 15.91 -31.01
N ALA A 1604 3.52 14.77 -30.34
CA ALA A 1604 2.37 13.89 -30.52
C ALA A 1604 2.19 13.04 -29.26
N ARG A 1605 1.05 12.35 -29.18
CA ARG A 1605 0.71 11.51 -28.00
C ARG A 1605 -0.26 10.42 -28.46
N TYR A 1606 -0.08 9.17 -27.99
CA TYR A 1606 -0.95 8.04 -28.38
C TYR A 1606 -2.30 8.16 -27.67
N ARG A 1607 -3.33 7.54 -28.24
CA ARG A 1607 -4.66 7.41 -27.67
C ARG A 1607 -4.78 6.06 -26.97
N GLU A 1608 -5.89 5.89 -26.25
CA GLU A 1608 -6.16 4.62 -25.58
C GLU A 1608 -6.06 3.46 -26.56
N ASP A 1609 -6.61 3.63 -27.77
CA ASP A 1609 -6.64 2.57 -28.81
C ASP A 1609 -5.29 2.47 -29.53
N GLY A 1610 -4.44 3.51 -29.46
CA GLY A 1610 -3.13 3.50 -30.08
C GLY A 1610 -2.95 4.54 -31.16
N ASN A 1611 -4.05 5.02 -31.75
CA ASN A 1611 -4.01 6.05 -32.83
C ASN A 1611 -3.22 7.26 -32.27
N ILE A 1612 -2.20 7.71 -33.01
CA ILE A 1612 -1.35 8.86 -32.57
C ILE A 1612 -2.10 10.18 -32.84
N GLU A 1613 -1.96 11.14 -31.93
CA GLU A 1613 -2.58 12.45 -32.05
C GLU A 1613 -1.50 13.50 -32.28
N TYR A 1614 -1.60 14.23 -33.38
CA TYR A 1614 -0.65 15.28 -33.69
C TYR A 1614 -0.89 16.49 -32.81
N LEU A 1615 0.18 17.00 -32.18
CA LEU A 1615 0.09 18.12 -31.26
C LEU A 1615 0.78 19.37 -31.76
N GLY A 1616 1.65 19.27 -32.75
CA GLY A 1616 2.34 20.41 -33.31
C GLY A 1616 3.85 20.30 -33.15
N ARG A 1617 4.62 21.18 -33.84
CA ARG A 1617 6.09 21.21 -33.85
C ARG A 1617 6.47 21.53 -32.42
N MET A 1618 7.64 21.13 -31.94
CA MET A 1618 8.20 21.28 -30.59
C MET A 1618 8.69 22.72 -30.40
N ASP A 1619 7.75 23.64 -30.43
CA ASP A 1619 8.03 25.07 -30.23
C ASP A 1619 7.10 25.65 -29.18
O23 PNS B . 8.58 12.55 7.42
P24 PNS B . 8.28 14.01 6.81
O26 PNS B . 9.17 14.24 5.50
O27 PNS B . 6.71 14.12 6.45
C28 PNS B . 6.16 15.38 6.21
C29 PNS B . 4.64 15.32 6.38
C30 PNS B . 4.01 16.52 5.69
C31 PNS B . 4.10 14.04 5.77
C32 PNS B . 4.31 15.36 7.88
O33 PNS B . 4.91 16.48 8.47
C34 PNS B . 2.81 15.43 8.10
O35 PNS B . 2.31 16.47 8.39
N36 PNS B . 1.98 14.24 7.96
C37 PNS B . 0.54 14.34 8.18
C38 PNS B . -0.21 13.70 7.01
C39 PNS B . -1.71 13.91 7.25
O40 PNS B . -2.06 14.60 8.15
N41 PNS B . -2.70 13.30 6.40
C42 PNS B . -4.10 13.54 6.68
C43 PNS B . -4.98 13.20 5.49
S44 PNS B . -6.68 13.73 5.84
P PO4 C . -32.34 -31.02 10.53
O1 PO4 C . -31.43 -30.48 11.61
O2 PO4 C . -31.75 -30.73 9.18
O3 PO4 C . -33.69 -30.36 10.64
O4 PO4 C . -32.48 -32.51 10.72
P PO4 D . 6.63 -7.34 27.82
O1 PO4 D . 7.55 -6.36 28.51
O2 PO4 D . 6.03 -6.70 26.60
O3 PO4 D . 7.42 -8.58 27.41
O4 PO4 D . 5.53 -7.77 28.77
P PO4 E . -7.75 2.25 5.20
O1 PO4 E . -6.48 2.61 4.46
O2 PO4 E . -8.11 3.37 6.15
O3 PO4 E . -7.53 0.98 5.98
O4 PO4 E . -8.86 2.06 4.20
P PO4 F . 3.22 12.58 59.23
O1 PO4 F . 3.16 13.88 59.99
O2 PO4 F . 4.65 12.09 59.17
O3 PO4 F . 2.36 11.54 59.93
O4 PO4 F . 2.71 12.80 57.83
P PO4 G . 7.02 -3.30 24.28
O1 PO4 G . 7.48 -1.87 24.14
O2 PO4 G . 5.65 -3.32 24.92
O3 PO4 G . 7.98 -4.06 25.15
O4 PO4 G . 6.94 -3.94 22.92
P PO4 H . 9.10 17.47 -43.65
O1 PO4 H . 10.40 17.27 -42.90
O2 PO4 H . 9.38 18.11 -44.99
O3 PO4 H . 8.19 18.36 -42.84
O4 PO4 H . 8.43 16.13 -43.87
P PO4 I . 9.16 -11.82 32.65
O1 PO4 I . 10.18 -11.34 31.63
O2 PO4 I . 7.91 -10.98 32.55
O3 PO4 I . 9.76 -11.70 34.04
O4 PO4 I . 8.82 -13.26 32.38
P PO4 J . 18.58 19.57 -18.39
O1 PO4 J . 19.77 19.85 -19.27
O2 PO4 J . 17.51 20.62 -18.62
O3 PO4 J . 19.00 19.60 -16.94
O4 PO4 J . 18.01 18.20 -18.71
P PO4 K . -11.59 -7.54 7.22
O1 PO4 K . -12.01 -6.12 6.98
O2 PO4 K . -10.47 -7.89 6.26
O3 PO4 K . -11.09 -7.69 8.63
O4 PO4 K . -12.75 -8.46 6.99
P PO4 L . -20.49 15.12 -5.78
O1 PO4 L . -19.47 16.22 -5.53
O2 PO4 L . -19.82 13.95 -6.47
O3 PO4 L . -21.06 14.66 -4.46
O4 PO4 L . -21.60 15.65 -6.66
#